data_7MKT
# 
_entry.id   7MKT 
# 
_audit_conform.dict_name       mmcif_pdbx.dic 
_audit_conform.dict_version    5.392 
_audit_conform.dict_location   http://mmcif.pdb.org/dictionaries/ascii/mmcif_pdbx.dic 
# 
loop_
_database_2.database_id 
_database_2.database_code 
_database_2.pdbx_database_accession 
_database_2.pdbx_DOI 
PDB   7MKT         pdb_00007mkt 10.2210/pdb7mkt/pdb 
WWPDB D_1000256452 ?            ?                   
# 
loop_
_pdbx_audit_revision_history.ordinal 
_pdbx_audit_revision_history.data_content_type 
_pdbx_audit_revision_history.major_revision 
_pdbx_audit_revision_history.minor_revision 
_pdbx_audit_revision_history.revision_date 
1 'Structure model' 1 0 2022-11-02 
2 'Structure model' 1 1 2023-02-08 
3 'Structure model' 1 2 2024-05-22 
# 
_pdbx_audit_revision_details.ordinal             1 
_pdbx_audit_revision_details.revision_ordinal    1 
_pdbx_audit_revision_details.data_content_type   'Structure model' 
_pdbx_audit_revision_details.provider            repository 
_pdbx_audit_revision_details.type                'Initial release' 
_pdbx_audit_revision_details.description         ? 
_pdbx_audit_revision_details.details             ? 
# 
loop_
_pdbx_audit_revision_group.ordinal 
_pdbx_audit_revision_group.revision_ordinal 
_pdbx_audit_revision_group.data_content_type 
_pdbx_audit_revision_group.group 
1 2 'Structure model' 'Database references' 
2 3 'Structure model' 'Data collection'     
# 
loop_
_pdbx_audit_revision_category.ordinal 
_pdbx_audit_revision_category.revision_ordinal 
_pdbx_audit_revision_category.data_content_type 
_pdbx_audit_revision_category.category 
1 2 'Structure model' citation        
2 2 'Structure model' citation_author 
3 3 'Structure model' chem_comp_atom  
4 3 'Structure model' chem_comp_bond  
# 
loop_
_pdbx_audit_revision_item.ordinal 
_pdbx_audit_revision_item.revision_ordinal 
_pdbx_audit_revision_item.data_content_type 
_pdbx_audit_revision_item.item 
1  2 'Structure model' '_citation.country'                 
2  2 'Structure model' '_citation.journal_abbrev'          
3  2 'Structure model' '_citation.journal_id_CSD'          
4  2 'Structure model' '_citation.journal_id_ISSN'         
5  2 'Structure model' '_citation.journal_volume'          
6  2 'Structure model' '_citation.page_first'              
7  2 'Structure model' '_citation.page_last'               
8  2 'Structure model' '_citation.pdbx_database_id_DOI'    
9  2 'Structure model' '_citation.pdbx_database_id_PubMed' 
10 2 'Structure model' '_citation.title'                   
11 2 'Structure model' '_citation.year'                    
# 
_pdbx_database_status.status_code                     REL 
_pdbx_database_status.status_code_sf                  REL 
_pdbx_database_status.status_code_mr                  ? 
_pdbx_database_status.entry_id                        7MKT 
_pdbx_database_status.recvd_initial_deposition_date   2021-04-26 
_pdbx_database_status.SG_entry                        N 
_pdbx_database_status.deposit_site                    RCSB 
_pdbx_database_status.process_site                    RCSB 
_pdbx_database_status.status_code_cs                  ? 
_pdbx_database_status.status_code_nmr_data            ? 
_pdbx_database_status.methods_development_category    ? 
_pdbx_database_status.pdb_format_compatible           Y 
# 
loop_
_audit_author.name 
_audit_author.pdbx_ordinal 
_audit_author.identifier_ORCID 
'Bingman, C.A.' 1 0000-0002-3073-5089 
'Roschdi, S.'   2 0000-0001-6360-6868 
'Nomura, Y.'    3 0000-0002-8275-4468 
'Butcher, S.E.' 4 0000-0002-3373-6220 
# 
_citation.abstract                  ? 
_citation.abstract_id_CAS           ? 
_citation.book_id_ISBN              ? 
_citation.book_publisher            ? 
_citation.book_publisher_city       ? 
_citation.book_title                ? 
_citation.coordinate_linkage        ? 
_citation.country                   US 
_citation.database_id_Medline       ? 
_citation.details                   ? 
_citation.id                        primary 
_citation.journal_abbrev            Nat.Struct.Mol.Biol. 
_citation.journal_id_ASTM           ? 
_citation.journal_id_CSD            ? 
_citation.journal_id_ISSN           1545-9985 
_citation.journal_full              ? 
_citation.journal_issue             ? 
_citation.journal_volume            29 
_citation.language                  ? 
_citation.page_first                1113 
_citation.page_last                 1121 
_citation.title                     'An atypical RNA quadruplex marks RNAs as vectors for gene silencing.' 
_citation.year                      2022 
_citation.database_id_CSD           ? 
_citation.pdbx_database_id_DOI      10.1038/s41594-022-00854-z 
_citation.pdbx_database_id_PubMed   36352138 
_citation.pdbx_database_id_patent   ? 
_citation.unpublished_flag          ? 
# 
loop_
_citation_author.citation_id 
_citation_author.name 
_citation_author.ordinal 
_citation_author.identifier_ORCID 
primary 'Roschdi, S.'      1  0000-0001-6360-6868 
primary 'Yan, J.'          2  ?                   
primary 'Nomura, Y.'       3  0000-0002-8275-4468 
primary 'Escobar, C.A.'    4  ?                   
primary 'Petersen, R.J.'   5  0000-0003-3598-0507 
primary 'Bingman, C.A.'    6  0000-0002-3073-5089 
primary 'Tonelli, M.'      7  ?                   
primary 'Vivek, R.'        8  0000-0002-4233-6317 
primary 'Montemayor, E.J.' 9  ?                   
primary 'Wickens, M.'      10 0000-0002-0593-5740 
primary 'Kennedy, S.G.'    11 0000-0002-7974-8155 
primary 'Butcher, S.E.'    12 0000-0001-6343-6643 
# 
loop_
_entity.id 
_entity.type 
_entity.src_method 
_entity.pdbx_description 
_entity.formula_weight 
_entity.pdbx_number_of_molecules 
_entity.pdbx_ec 
_entity.pdbx_mutation 
_entity.pdbx_fragment 
_entity.details 
1 polymer     man 
;RNA (5'-R(*GP*UP*GP*UP*GP*UP*GP*UP*GP*UP*GP*UP*GP*UP*GP*UP*GP*UP*GP*UP*GP*UP*G)-3')
;
7465.337 1 ? ? ? ? 
2 non-polymer syn N-METHYLMESOPORPHYRIN                                                                 580.716  1 ? ? ? ? 
3 non-polymer syn 'POTASSIUM ION'                                                                       39.098   6 ? ? ? ? 
# 
_entity_poly.entity_id                      1 
_entity_poly.type                           polyribonucleotide 
_entity_poly.nstd_linkage                   no 
_entity_poly.nstd_monomer                   no 
_entity_poly.pdbx_seq_one_letter_code       GUGUGUGUGUGUGUGUGUGUGUG 
_entity_poly.pdbx_seq_one_letter_code_can   GUGUGUGUGUGUGUGUGUGUGUG 
_entity_poly.pdbx_strand_id                 A 
_entity_poly.pdbx_target_identifier         ? 
# 
loop_
_pdbx_entity_nonpoly.entity_id 
_pdbx_entity_nonpoly.name 
_pdbx_entity_nonpoly.comp_id 
2 N-METHYLMESOPORPHYRIN MMP 
3 'POTASSIUM ION'       K   
# 
loop_
_entity_poly_seq.entity_id 
_entity_poly_seq.num 
_entity_poly_seq.mon_id 
_entity_poly_seq.hetero 
1 1  G n 
1 2  U n 
1 3  G n 
1 4  U n 
1 5  G n 
1 6  U n 
1 7  G n 
1 8  U n 
1 9  G n 
1 10 U n 
1 11 G n 
1 12 U n 
1 13 G n 
1 14 U n 
1 15 G n 
1 16 U n 
1 17 G n 
1 18 U n 
1 19 G n 
1 20 U n 
1 21 G n 
1 22 U n 
1 23 G n 
# 
_entity_src_gen.entity_id                          1 
_entity_src_gen.pdbx_src_id                        1 
_entity_src_gen.pdbx_alt_source_flag               sample 
_entity_src_gen.pdbx_seq_type                      'Biological sequence' 
_entity_src_gen.pdbx_beg_seq_num                   1 
_entity_src_gen.pdbx_end_seq_num                   23 
_entity_src_gen.gene_src_common_name               ? 
_entity_src_gen.gene_src_genus                     ? 
_entity_src_gen.pdbx_gene_src_gene                 ? 
_entity_src_gen.gene_src_species                   ? 
_entity_src_gen.gene_src_strain                    ? 
_entity_src_gen.gene_src_tissue                    ? 
_entity_src_gen.gene_src_tissue_fraction           ? 
_entity_src_gen.gene_src_details                   ? 
_entity_src_gen.pdbx_gene_src_fragment             ? 
_entity_src_gen.pdbx_gene_src_scientific_name      'synthetic construct' 
_entity_src_gen.pdbx_gene_src_ncbi_taxonomy_id     32630 
_entity_src_gen.pdbx_gene_src_variant              ? 
_entity_src_gen.pdbx_gene_src_cell_line            ? 
_entity_src_gen.pdbx_gene_src_atcc                 ? 
_entity_src_gen.pdbx_gene_src_organ                ? 
_entity_src_gen.pdbx_gene_src_organelle            ? 
_entity_src_gen.pdbx_gene_src_cell                 ? 
_entity_src_gen.pdbx_gene_src_cellular_location    ? 
_entity_src_gen.host_org_common_name               ? 
_entity_src_gen.pdbx_host_org_scientific_name      'synthetic construct' 
_entity_src_gen.pdbx_host_org_ncbi_taxonomy_id     32630 
_entity_src_gen.host_org_genus                     ? 
_entity_src_gen.pdbx_host_org_gene                 ? 
_entity_src_gen.pdbx_host_org_organ                ? 
_entity_src_gen.host_org_species                   ? 
_entity_src_gen.pdbx_host_org_tissue               ? 
_entity_src_gen.pdbx_host_org_tissue_fraction      ? 
_entity_src_gen.pdbx_host_org_strain               ? 
_entity_src_gen.pdbx_host_org_variant              ? 
_entity_src_gen.pdbx_host_org_cell_line            ? 
_entity_src_gen.pdbx_host_org_atcc                 ? 
_entity_src_gen.pdbx_host_org_culture_collection   ? 
_entity_src_gen.pdbx_host_org_cell                 ? 
_entity_src_gen.pdbx_host_org_organelle            ? 
_entity_src_gen.pdbx_host_org_cellular_location    ? 
_entity_src_gen.pdbx_host_org_vector_type          ? 
_entity_src_gen.pdbx_host_org_vector               ? 
_entity_src_gen.host_org_details                   ? 
_entity_src_gen.expression_system_id               ? 
_entity_src_gen.plasmid_name                       ? 
_entity_src_gen.plasmid_details                    ? 
_entity_src_gen.pdbx_description                   ? 
# 
loop_
_chem_comp.id 
_chem_comp.type 
_chem_comp.mon_nstd_flag 
_chem_comp.name 
_chem_comp.pdbx_synonyms 
_chem_comp.formula 
_chem_comp.formula_weight 
G   'RNA linking' y "GUANOSINE-5'-MONOPHOSPHATE" ? 'C10 H14 N5 O8 P' 363.221 
K   non-polymer   . 'POTASSIUM ION'              ? 'K 1'             39.098  
MMP non-polymer   . N-METHYLMESOPORPHYRIN        ? 'C35 H40 N4 O4'   580.716 
U   'RNA linking' y "URIDINE-5'-MONOPHOSPHATE"   ? 'C9 H13 N2 O9 P'  324.181 
# 
loop_
_pdbx_poly_seq_scheme.asym_id 
_pdbx_poly_seq_scheme.entity_id 
_pdbx_poly_seq_scheme.seq_id 
_pdbx_poly_seq_scheme.mon_id 
_pdbx_poly_seq_scheme.ndb_seq_num 
_pdbx_poly_seq_scheme.pdb_seq_num 
_pdbx_poly_seq_scheme.auth_seq_num 
_pdbx_poly_seq_scheme.pdb_mon_id 
_pdbx_poly_seq_scheme.auth_mon_id 
_pdbx_poly_seq_scheme.pdb_strand_id 
_pdbx_poly_seq_scheme.pdb_ins_code 
_pdbx_poly_seq_scheme.hetero 
A 1 1  G 1  1  1  G G A . n 
A 1 2  U 2  2  2  U U A . n 
A 1 3  G 3  3  3  G G A . n 
A 1 4  U 4  4  4  U U A . n 
A 1 5  G 5  5  5  G G A . n 
A 1 6  U 6  6  6  U U A . n 
A 1 7  G 7  7  7  G G A . n 
A 1 8  U 8  8  8  U U A . n 
A 1 9  G 9  9  9  G G A . n 
A 1 10 U 10 10 10 U U A . n 
A 1 11 G 11 11 11 G G A . n 
A 1 12 U 12 12 12 U U A . n 
A 1 13 G 13 13 13 G G A . n 
A 1 14 U 14 14 14 U U A . n 
A 1 15 G 15 15 15 G G A . n 
A 1 16 U 16 16 16 U U A . n 
A 1 17 G 17 17 17 G G A . n 
A 1 18 U 18 18 18 U U A . n 
A 1 19 G 19 19 19 G G A . n 
A 1 20 U 20 20 20 U U A . n 
A 1 21 G 21 21 21 G G A . n 
A 1 22 U 22 22 22 U U A . n 
A 1 23 G 23 23 23 G G A . n 
# 
loop_
_pdbx_nonpoly_scheme.asym_id 
_pdbx_nonpoly_scheme.entity_id 
_pdbx_nonpoly_scheme.mon_id 
_pdbx_nonpoly_scheme.ndb_seq_num 
_pdbx_nonpoly_scheme.pdb_seq_num 
_pdbx_nonpoly_scheme.auth_seq_num 
_pdbx_nonpoly_scheme.pdb_mon_id 
_pdbx_nonpoly_scheme.auth_mon_id 
_pdbx_nonpoly_scheme.pdb_strand_id 
_pdbx_nonpoly_scheme.pdb_ins_code 
B 2 MMP 1 101 101 MMP MMP A . 
C 3 K   1 102 200 K   K   A . 
D 3 K   1 103 201 K   K   A . 
E 3 K   1 104 202 K   K   A . 
F 3 K   1 105 302 K   K   A . 
G 3 K   1 106 303 K   K   A . 
H 3 K   1 107 304 K   K   A . 
# 
loop_
_software.citation_id 
_software.classification 
_software.compiler_name 
_software.compiler_version 
_software.contact_author 
_software.contact_author_email 
_software.date 
_software.description 
_software.dependencies 
_software.hardware 
_software.language 
_software.location 
_software.mods 
_software.name 
_software.os 
_software.os_version 
_software.type 
_software.version 
_software.pdbx_ordinal 
? refinement       ? ? ? ? ? ? ? ? ? ? ? REFMAC  ? ? ? 5.8.0267 1 
? 'data reduction' ? ? ? ? ? ? ? ? ? ? ? XDS     ? ? ? .        2 
? 'data scaling'   ? ? ? ? ? ? ? ? ? ? ? XSCALE  ? ? ? .        3 
? phasing          ? ? ? ? ? ? ? ? ? ? ? AutoSol ? ? ? .        4 
# 
_cell.angle_alpha                  90.00 
_cell.angle_alpha_esd              ? 
_cell.angle_beta                   90.09 
_cell.angle_beta_esd               ? 
_cell.angle_gamma                  90.00 
_cell.angle_gamma_esd              ? 
_cell.entry_id                     7MKT 
_cell.details                      ? 
_cell.formula_units_Z              ? 
_cell.length_a                     42.475 
_cell.length_a_esd                 ? 
_cell.length_b                     42.483 
_cell.length_b_esd                 ? 
_cell.length_c                     21.607 
_cell.length_c_esd                 ? 
_cell.volume                       ? 
_cell.volume_esd                   ? 
_cell.Z_PDB                        2 
_cell.reciprocal_angle_alpha       ? 
_cell.reciprocal_angle_beta        ? 
_cell.reciprocal_angle_gamma       ? 
_cell.reciprocal_angle_alpha_esd   ? 
_cell.reciprocal_angle_beta_esd    ? 
_cell.reciprocal_angle_gamma_esd   ? 
_cell.reciprocal_length_a          ? 
_cell.reciprocal_length_b          ? 
_cell.reciprocal_length_c          ? 
_cell.reciprocal_length_a_esd      ? 
_cell.reciprocal_length_b_esd      ? 
_cell.reciprocal_length_c_esd      ? 
_cell.pdbx_unique_axis             ? 
# 
_symmetry.entry_id                         7MKT 
_symmetry.cell_setting                     ? 
_symmetry.Int_Tables_number                4 
_symmetry.space_group_name_Hall            ? 
_symmetry.space_group_name_H-M             'P 1 21 1' 
_symmetry.pdbx_full_space_group_name_H-M   ? 
# 
_exptl.absorpt_coefficient_mu     ? 
_exptl.absorpt_correction_T_max   ? 
_exptl.absorpt_correction_T_min   ? 
_exptl.absorpt_correction_type    ? 
_exptl.absorpt_process_details    ? 
_exptl.entry_id                   7MKT 
_exptl.crystals_number            1 
_exptl.details                    ? 
_exptl.method                     'X-RAY DIFFRACTION' 
_exptl.method_details             ? 
# 
_exptl_crystal.colour                      ? 
_exptl_crystal.density_diffrn              ? 
_exptl_crystal.density_Matthews            2.61 
_exptl_crystal.density_method              ? 
_exptl_crystal.density_percent_sol         52.90 
_exptl_crystal.description                 ? 
_exptl_crystal.F_000                       ? 
_exptl_crystal.id                          1 
_exptl_crystal.preparation                 ? 
_exptl_crystal.size_max                    ? 
_exptl_crystal.size_mid                    ? 
_exptl_crystal.size_min                    ? 
_exptl_crystal.size_rad                    ? 
_exptl_crystal.colour_lustre               ? 
_exptl_crystal.colour_modifier             ? 
_exptl_crystal.colour_primary              ? 
_exptl_crystal.density_meas                ? 
_exptl_crystal.density_meas_esd            ? 
_exptl_crystal.density_meas_gt             ? 
_exptl_crystal.density_meas_lt             ? 
_exptl_crystal.density_meas_temp           ? 
_exptl_crystal.density_meas_temp_esd       ? 
_exptl_crystal.density_meas_temp_gt        ? 
_exptl_crystal.density_meas_temp_lt        ? 
_exptl_crystal.pdbx_crystal_image_url      ? 
_exptl_crystal.pdbx_crystal_image_format   ? 
_exptl_crystal.pdbx_mosaicity              ? 
_exptl_crystal.pdbx_mosaicity_esd          ? 
# 
_exptl_crystal_grow.apparatus       ? 
_exptl_crystal_grow.atmosphere      ? 
_exptl_crystal_grow.crystal_id      1 
_exptl_crystal_grow.details         ? 
_exptl_crystal_grow.method          'VAPOR DIFFUSION, HANGING DROP' 
_exptl_crystal_grow.method_ref      ? 
_exptl_crystal_grow.pH              ? 
_exptl_crystal_grow.pressure        ? 
_exptl_crystal_grow.pressure_esd    ? 
_exptl_crystal_grow.seeding         ? 
_exptl_crystal_grow.seeding_ref     ? 
_exptl_crystal_grow.temp            293 
_exptl_crystal_grow.temp_details    ? 
_exptl_crystal_grow.temp_esd        ? 
_exptl_crystal_grow.time            ? 
_exptl_crystal_grow.pdbx_details    
;The RNA smaple was prepared by mixing 1.44mM (GU)11G RNA and 1.44 mM NMM in 10 mM Tris, pH 7.03, and 100 mM KCl. An equal volume of RNA sample solution and reservoir solution were mixed and suspended over the reservoir solution consisting of 0.5 M Na/K tartarate, 0.1 M TrisHCl, pH 8.5, 5 mM NaOH. Cryoprotection: reservoir solution supplemented with 30% ethylene glycol.
;
_exptl_crystal_grow.pdbx_pH_range   ? 
# 
_diffrn.ambient_environment              ? 
_diffrn.ambient_temp                     100 
_diffrn.ambient_temp_details             ? 
_diffrn.ambient_temp_esd                 ? 
_diffrn.crystal_id                       1 
_diffrn.crystal_support                  ? 
_diffrn.crystal_treatment                ? 
_diffrn.details                          ? 
_diffrn.id                               1 
_diffrn.ambient_pressure                 ? 
_diffrn.ambient_pressure_esd             ? 
_diffrn.ambient_pressure_gt              ? 
_diffrn.ambient_pressure_lt              ? 
_diffrn.ambient_temp_gt                  ? 
_diffrn.ambient_temp_lt                  ? 
_diffrn.pdbx_serial_crystal_experiment   N 
# 
_diffrn_detector.details                      ? 
_diffrn_detector.detector                     PIXEL 
_diffrn_detector.diffrn_id                    1 
_diffrn_detector.type                         'DECTRIS EIGER X 9M' 
_diffrn_detector.area_resol_mean              ? 
_diffrn_detector.dtime                        ? 
_diffrn_detector.pdbx_frames_total            ? 
_diffrn_detector.pdbx_collection_time_total   ? 
_diffrn_detector.pdbx_collection_date         2020-09-27 
_diffrn_detector.pdbx_frequency               ? 
# 
_diffrn_radiation.collimation                      ? 
_diffrn_radiation.diffrn_id                        1 
_diffrn_radiation.filter_edge                      ? 
_diffrn_radiation.inhomogeneity                    ? 
_diffrn_radiation.monochromator                    'Si <111>' 
_diffrn_radiation.polarisn_norm                    ? 
_diffrn_radiation.polarisn_ratio                   ? 
_diffrn_radiation.probe                            ? 
_diffrn_radiation.type                             ? 
_diffrn_radiation.xray_symbol                      ? 
_diffrn_radiation.wavelength_id                    1 
_diffrn_radiation.pdbx_monochromatic_or_laue_m_l   M 
_diffrn_radiation.pdbx_wavelength_list             ? 
_diffrn_radiation.pdbx_wavelength                  ? 
_diffrn_radiation.pdbx_diffrn_protocol             'SINGLE WAVELENGTH' 
_diffrn_radiation.pdbx_analyzer                    ? 
_diffrn_radiation.pdbx_scattering_type             x-ray 
# 
_diffrn_radiation_wavelength.id           1 
_diffrn_radiation_wavelength.wavelength   1.1271 
_diffrn_radiation_wavelength.wt           1.0 
# 
_diffrn_source.current                     ? 
_diffrn_source.details                     ? 
_diffrn_source.diffrn_id                   1 
_diffrn_source.power                       ? 
_diffrn_source.size                        ? 
_diffrn_source.source                      SYNCHROTRON 
_diffrn_source.target                      ? 
_diffrn_source.type                        'APS BEAMLINE 21-ID-D' 
_diffrn_source.voltage                     ? 
_diffrn_source.take-off_angle              ? 
_diffrn_source.pdbx_wavelength_list        1.1271 
_diffrn_source.pdbx_wavelength             ? 
_diffrn_source.pdbx_synchrotron_beamline   21-ID-D 
_diffrn_source.pdbx_synchrotron_site       APS 
# 
_reflns.B_iso_Wilson_estimate                          63.54 
_reflns.entry_id                                       7MKT 
_reflns.data_reduction_details                         ? 
_reflns.data_reduction_method                          ? 
_reflns.d_resolution_high                              1.97 
_reflns.d_resolution_low                               21.61 
_reflns.details                                        ? 
_reflns.limit_h_max                                    ? 
_reflns.limit_h_min                                    ? 
_reflns.limit_k_max                                    ? 
_reflns.limit_k_min                                    ? 
_reflns.limit_l_max                                    ? 
_reflns.limit_l_min                                    ? 
_reflns.number_all                                     ? 
_reflns.number_obs                                     5407 
_reflns.observed_criterion                             ? 
_reflns.observed_criterion_F_max                       ? 
_reflns.observed_criterion_F_min                       ? 
_reflns.observed_criterion_I_max                       ? 
_reflns.observed_criterion_I_min                       ? 
_reflns.observed_criterion_sigma_F                     ? 
_reflns.observed_criterion_sigma_I                     ? 
_reflns.percent_possible_obs                           99.02 
_reflns.R_free_details                                 ? 
_reflns.Rmerge_F_all                                   ? 
_reflns.Rmerge_F_obs                                   ? 
_reflns.Friedel_coverage                               ? 
_reflns.number_gt                                      ? 
_reflns.threshold_expression                           ? 
_reflns.pdbx_redundancy                                6.7 
_reflns.pdbx_Rmerge_I_obs                              0.05163 
_reflns.pdbx_Rmerge_I_all                              ? 
_reflns.pdbx_Rsym_value                                ? 
_reflns.pdbx_netI_over_av_sigmaI                       ? 
_reflns.pdbx_netI_over_sigmaI                          16.09 
_reflns.pdbx_res_netI_over_av_sigmaI_2                 ? 
_reflns.pdbx_res_netI_over_sigmaI_2                    ? 
_reflns.pdbx_chi_squared                               ? 
_reflns.pdbx_scaling_rejects                           ? 
_reflns.pdbx_d_res_high_opt                            ? 
_reflns.pdbx_d_res_low_opt                             ? 
_reflns.pdbx_d_res_opt_method                          ? 
_reflns.phase_calculation_details                      ? 
_reflns.pdbx_Rrim_I_all                                0.05684 
_reflns.pdbx_Rpim_I_all                                0.0231 
_reflns.pdbx_d_opt                                     ? 
_reflns.pdbx_number_measured_all                       ? 
_reflns.pdbx_diffrn_id                                 1 
_reflns.pdbx_ordinal                                   1 
_reflns.pdbx_CC_half                                   0.998 
_reflns.pdbx_CC_star                                   1 
_reflns.pdbx_R_split                                   ? 
_reflns.pdbx_aniso_diffraction_limit_axis_1_ortho[1]   ? 
_reflns.pdbx_aniso_diffraction_limit_axis_1_ortho[2]   ? 
_reflns.pdbx_aniso_diffraction_limit_axis_1_ortho[3]   ? 
_reflns.pdbx_aniso_diffraction_limit_axis_2_ortho[1]   ? 
_reflns.pdbx_aniso_diffraction_limit_axis_2_ortho[2]   ? 
_reflns.pdbx_aniso_diffraction_limit_axis_2_ortho[3]   ? 
_reflns.pdbx_aniso_diffraction_limit_axis_3_ortho[1]   ? 
_reflns.pdbx_aniso_diffraction_limit_axis_3_ortho[2]   ? 
_reflns.pdbx_aniso_diffraction_limit_axis_3_ortho[3]   ? 
_reflns.pdbx_aniso_diffraction_limit_1                 ? 
_reflns.pdbx_aniso_diffraction_limit_2                 ? 
_reflns.pdbx_aniso_diffraction_limit_3                 ? 
_reflns.pdbx_aniso_B_tensor_eigenvector_1_ortho[1]     ? 
_reflns.pdbx_aniso_B_tensor_eigenvector_1_ortho[2]     ? 
_reflns.pdbx_aniso_B_tensor_eigenvector_1_ortho[3]     ? 
_reflns.pdbx_aniso_B_tensor_eigenvector_2_ortho[1]     ? 
_reflns.pdbx_aniso_B_tensor_eigenvector_2_ortho[2]     ? 
_reflns.pdbx_aniso_B_tensor_eigenvector_2_ortho[3]     ? 
_reflns.pdbx_aniso_B_tensor_eigenvector_3_ortho[1]     ? 
_reflns.pdbx_aniso_B_tensor_eigenvector_3_ortho[2]     ? 
_reflns.pdbx_aniso_B_tensor_eigenvector_3_ortho[3]     ? 
_reflns.pdbx_aniso_B_tensor_eigenvalue_1               ? 
_reflns.pdbx_aniso_B_tensor_eigenvalue_2               ? 
_reflns.pdbx_aniso_B_tensor_eigenvalue_3               ? 
_reflns.pdbx_orthogonalization_convention              ? 
_reflns.pdbx_percent_possible_ellipsoidal              ? 
_reflns.pdbx_percent_possible_spherical                ? 
_reflns.pdbx_percent_possible_ellipsoidal_anomalous    ? 
_reflns.pdbx_percent_possible_spherical_anomalous      ? 
_reflns.pdbx_redundancy_anomalous                      ? 
_reflns.pdbx_CC_half_anomalous                         ? 
_reflns.pdbx_absDiff_over_sigma_anomalous              ? 
_reflns.pdbx_percent_possible_anomalous                ? 
_reflns.pdbx_observed_signal_threshold                 ? 
_reflns.pdbx_signal_type                               ? 
_reflns.pdbx_signal_details                            ? 
_reflns.pdbx_signal_software_id                        ? 
# 
_reflns_shell.d_res_high                                    1.97 
_reflns_shell.d_res_low                                     2.04 
_reflns_shell.meanI_over_sigI_all                           ? 
_reflns_shell.meanI_over_sigI_obs                           1.57 
_reflns_shell.number_measured_all                           ? 
_reflns_shell.number_measured_obs                           ? 
_reflns_shell.number_possible                               ? 
_reflns_shell.number_unique_all                             ? 
_reflns_shell.number_unique_obs                             529 
_reflns_shell.percent_possible_all                          99.25 
_reflns_shell.percent_possible_obs                          ? 
_reflns_shell.Rmerge_F_all                                  ? 
_reflns_shell.Rmerge_F_obs                                  ? 
_reflns_shell.Rmerge_I_all                                  ? 
_reflns_shell.Rmerge_I_obs                                  0.7553 
_reflns_shell.meanI_over_sigI_gt                            ? 
_reflns_shell.meanI_over_uI_all                             ? 
_reflns_shell.meanI_over_uI_gt                              ? 
_reflns_shell.number_measured_gt                            ? 
_reflns_shell.number_unique_gt                              ? 
_reflns_shell.percent_possible_gt                           ? 
_reflns_shell.Rmerge_F_gt                                   ? 
_reflns_shell.Rmerge_I_gt                                   ? 
_reflns_shell.pdbx_redundancy                               6.9 
_reflns_shell.pdbx_Rsym_value                               ? 
_reflns_shell.pdbx_chi_squared                              ? 
_reflns_shell.pdbx_netI_over_sigmaI_all                     ? 
_reflns_shell.pdbx_netI_over_sigmaI_obs                     ? 
_reflns_shell.pdbx_Rrim_I_all                               0.8172 
_reflns_shell.pdbx_Rpim_I_all                               0.3083 
_reflns_shell.pdbx_rejects                                  ? 
_reflns_shell.pdbx_ordinal                                  1 
_reflns_shell.pdbx_diffrn_id                                1 
_reflns_shell.pdbx_CC_half                                  0.966 
_reflns_shell.pdbx_CC_star                                  0.991 
_reflns_shell.pdbx_R_split                                  ? 
_reflns_shell.pdbx_percent_possible_ellipsoidal             ? 
_reflns_shell.pdbx_percent_possible_spherical               ? 
_reflns_shell.pdbx_percent_possible_ellipsoidal_anomalous   ? 
_reflns_shell.pdbx_percent_possible_spherical_anomalous     ? 
_reflns_shell.pdbx_redundancy_anomalous                     ? 
_reflns_shell.pdbx_CC_half_anomalous                        ? 
_reflns_shell.pdbx_absDiff_over_sigma_anomalous             ? 
_reflns_shell.pdbx_percent_possible_anomalous               ? 
# 
_refine.aniso_B[1][1]                            20.86 
_refine.aniso_B[1][2]                            0.00 
_refine.aniso_B[1][3]                            9.54 
_refine.aniso_B[2][2]                            9.07 
_refine.aniso_B[2][3]                            0.00 
_refine.aniso_B[3][3]                            -29.93 
_refine.B_iso_max                                ? 
_refine.B_iso_mean                               63.361 
_refine.B_iso_min                                ? 
_refine.correlation_coeff_Fo_to_Fc               0.945 
_refine.correlation_coeff_Fo_to_Fc_free          0.944 
_refine.details                                  
;Authors state that 4-way twin law was applied during refinement, while the validation program recalculated with different twin law. This causes the discrepancies between calculated and reported Rwork/Rfree values.
;
_refine.diff_density_max                         ? 
_refine.diff_density_max_esd                     ? 
_refine.diff_density_min                         ? 
_refine.diff_density_min_esd                     ? 
_refine.diff_density_rms                         ? 
_refine.diff_density_rms_esd                     ? 
_refine.entry_id                                 7MKT 
_refine.pdbx_refine_id                           'X-RAY DIFFRACTION' 
_refine.ls_abs_structure_details                 ? 
_refine.ls_abs_structure_Flack                   ? 
_refine.ls_abs_structure_Flack_esd               ? 
_refine.ls_abs_structure_Rogers                  ? 
_refine.ls_abs_structure_Rogers_esd              ? 
_refine.ls_d_res_high                            1.97 
_refine.ls_d_res_low                             21.61 
_refine.ls_extinction_coef                       ? 
_refine.ls_extinction_coef_esd                   ? 
_refine.ls_extinction_expression                 ? 
_refine.ls_extinction_method                     ? 
_refine.ls_goodness_of_fit_all                   ? 
_refine.ls_goodness_of_fit_all_esd               ? 
_refine.ls_goodness_of_fit_obs                   ? 
_refine.ls_goodness_of_fit_obs_esd               ? 
_refine.ls_hydrogen_treatment                    ? 
_refine.ls_matrix_type                           ? 
_refine.ls_number_constraints                    ? 
_refine.ls_number_parameters                     ? 
_refine.ls_number_reflns_all                     ? 
_refine.ls_number_reflns_obs                     4922 
_refine.ls_number_reflns_R_free                  476 
_refine.ls_number_reflns_R_work                  ? 
_refine.ls_number_restraints                     ? 
_refine.ls_percent_reflns_obs                    97.35 
_refine.ls_percent_reflns_R_free                 8.8 
_refine.ls_R_factor_all                          ? 
_refine.ls_R_factor_obs                          0.27053 
_refine.ls_R_factor_R_free                       0.29145 
_refine.ls_R_factor_R_free_error                 ? 
_refine.ls_R_factor_R_free_error_details         ? 
_refine.ls_R_factor_R_work                       0.26869 
_refine.ls_R_Fsqd_factor_obs                     ? 
_refine.ls_R_I_factor_obs                        ? 
_refine.ls_redundancy_reflns_all                 ? 
_refine.ls_redundancy_reflns_obs                 ? 
_refine.ls_restrained_S_all                      ? 
_refine.ls_restrained_S_obs                      ? 
_refine.ls_shift_over_esd_max                    ? 
_refine.ls_shift_over_esd_mean                   ? 
_refine.ls_structure_factor_coef                 ? 
_refine.ls_weighting_details                     ? 
_refine.ls_weighting_scheme                      ? 
_refine.ls_wR_factor_all                         ? 
_refine.ls_wR_factor_obs                         ? 
_refine.ls_wR_factor_R_free                      ? 
_refine.ls_wR_factor_R_work                      ? 
_refine.occupancy_max                            ? 
_refine.occupancy_min                            ? 
_refine.solvent_model_details                    'BABINET MODEL WITH MASK' 
_refine.solvent_model_param_bsol                 ? 
_refine.solvent_model_param_ksol                 ? 
_refine.pdbx_R_complete                          ? 
_refine.ls_R_factor_gt                           ? 
_refine.ls_goodness_of_fit_gt                    ? 
_refine.ls_goodness_of_fit_ref                   ? 
_refine.ls_shift_over_su_max                     ? 
_refine.ls_shift_over_su_max_lt                  ? 
_refine.ls_shift_over_su_mean                    ? 
_refine.ls_shift_over_su_mean_lt                 ? 
_refine.pdbx_ls_sigma_I                          ? 
_refine.pdbx_ls_sigma_F                          ? 
_refine.pdbx_ls_sigma_Fsqd                       ? 
_refine.pdbx_data_cutoff_high_absF               ? 
_refine.pdbx_data_cutoff_high_rms_absF           ? 
_refine.pdbx_data_cutoff_low_absF                ? 
_refine.pdbx_isotropic_thermal_model             ? 
_refine.pdbx_ls_cross_valid_method               THROUGHOUT 
_refine.pdbx_method_to_determine_struct          SAD 
_refine.pdbx_starting_model                      ? 
_refine.pdbx_stereochemistry_target_values       'MAXIMUM LIKELIHOOD' 
_refine.pdbx_R_Free_selection_details            RANDOM 
_refine.pdbx_stereochem_target_val_spec_case     ? 
_refine.pdbx_overall_ESU_R                       0.051 
_refine.pdbx_overall_ESU_R_Free                  0.041 
_refine.pdbx_solvent_vdw_probe_radii             1.20 
_refine.pdbx_solvent_ion_probe_radii             0.80 
_refine.pdbx_solvent_shrinkage_radii             0.80 
_refine.pdbx_real_space_R                        ? 
_refine.pdbx_density_correlation                 ? 
_refine.pdbx_pd_number_of_powder_patterns        ? 
_refine.pdbx_pd_number_of_points                 ? 
_refine.pdbx_pd_meas_number_of_points            ? 
_refine.pdbx_pd_proc_ls_prof_R_factor            ? 
_refine.pdbx_pd_proc_ls_prof_wR_factor           ? 
_refine.pdbx_pd_Marquardt_correlation_coeff      ? 
_refine.pdbx_pd_Fsqrd_R_factor                   ? 
_refine.pdbx_pd_ls_matrix_band_width             ? 
_refine.pdbx_overall_phase_error                 ? 
_refine.pdbx_overall_SU_R_free_Cruickshank_DPI   ? 
_refine.pdbx_overall_SU_R_free_Blow_DPI          ? 
_refine.pdbx_overall_SU_R_Blow_DPI               ? 
_refine.pdbx_TLS_residual_ADP_flag               ? 
_refine.pdbx_diffrn_id                           1 
_refine.overall_SU_B                             3.968 
_refine.overall_SU_ML                            0.120 
_refine.overall_SU_R_Cruickshank_DPI             ? 
_refine.overall_SU_R_free                        ? 
_refine.overall_FOM_free_R_set                   ? 
_refine.overall_FOM_work_R_set                   ? 
_refine.pdbx_average_fsc_overall                 ? 
_refine.pdbx_average_fsc_work                    ? 
_refine.pdbx_average_fsc_free                    ? 
# 
_refine_hist.pdbx_refine_id                   'X-RAY DIFFRACTION' 
_refine_hist.cycle_id                         1 
_refine_hist.details                          ? 
_refine_hist.d_res_high                       1.97 
_refine_hist.d_res_low                        21.61 
_refine_hist.number_atoms_solvent             0 
_refine_hist.number_atoms_total               542 
_refine_hist.number_reflns_all                ? 
_refine_hist.number_reflns_obs                ? 
_refine_hist.number_reflns_R_free             ? 
_refine_hist.number_reflns_R_work             ? 
_refine_hist.R_factor_all                     ? 
_refine_hist.R_factor_obs                     ? 
_refine_hist.R_factor_R_free                  ? 
_refine_hist.R_factor_R_work                  ? 
_refine_hist.pdbx_number_residues_total       ? 
_refine_hist.pdbx_B_iso_mean_ligand           ? 
_refine_hist.pdbx_B_iso_mean_solvent          ? 
_refine_hist.pdbx_number_atoms_protein        0 
_refine_hist.pdbx_number_atoms_nucleic_acid   493 
_refine_hist.pdbx_number_atoms_ligand         49 
_refine_hist.pdbx_number_atoms_lipid          ? 
_refine_hist.pdbx_number_atoms_carb           ? 
_refine_hist.pdbx_pseudo_atom_details         ? 
# 
loop_
_refine_ls_restr.pdbx_refine_id 
_refine_ls_restr.criterion 
_refine_ls_restr.dev_ideal 
_refine_ls_restr.dev_ideal_target 
_refine_ls_restr.number 
_refine_ls_restr.rejects 
_refine_ls_restr.type 
_refine_ls_restr.weight 
_refine_ls_restr.pdbx_restraint_function 
'X-RAY DIFFRACTION' ? 0.004  0.012  597 ? r_bond_refined_d             ? ? 
'X-RAY DIFFRACTION' ? 0.003  0.019  258 ? r_bond_other_d               ? ? 
'X-RAY DIFFRACTION' ? 1.072  1.523  928 ? r_angle_refined_deg          ? ? 
'X-RAY DIFFRACTION' ? 1.096  2.214  624 ? r_angle_other_deg            ? ? 
'X-RAY DIFFRACTION' ? ?      ?      ?   ? r_dihedral_angle_1_deg       ? ? 
'X-RAY DIFFRACTION' ? 10.721 10.000 6   ? r_dihedral_angle_2_deg       ? ? 
'X-RAY DIFFRACTION' ? ?      ?      ?   ? r_dihedral_angle_3_deg       ? ? 
'X-RAY DIFFRACTION' ? ?      ?      ?   ? r_dihedral_angle_4_deg       ? ? 
'X-RAY DIFFRACTION' ? 0.056  0.200  92  ? r_chiral_restr               ? ? 
'X-RAY DIFFRACTION' ? 0.005  0.020  338 ? r_gen_planes_refined         ? ? 
'X-RAY DIFFRACTION' ? 0.002  0.020  86  ? r_gen_planes_other           ? ? 
'X-RAY DIFFRACTION' ? ?      ?      ?   ? r_nbd_refined                ? ? 
'X-RAY DIFFRACTION' ? ?      ?      ?   ? r_nbd_other                  ? ? 
'X-RAY DIFFRACTION' ? ?      ?      ?   ? r_nbtor_refined              ? ? 
'X-RAY DIFFRACTION' ? ?      ?      ?   ? r_nbtor_other                ? ? 
'X-RAY DIFFRACTION' ? ?      ?      ?   ? r_xyhbond_nbd_refined        ? ? 
'X-RAY DIFFRACTION' ? ?      ?      ?   ? r_xyhbond_nbd_other          ? ? 
'X-RAY DIFFRACTION' ? ?      ?      ?   ? r_metal_ion_refined          ? ? 
'X-RAY DIFFRACTION' ? ?      ?      ?   ? r_metal_ion_other            ? ? 
'X-RAY DIFFRACTION' ? ?      ?      ?   ? r_symmetry_vdw_refined       ? ? 
'X-RAY DIFFRACTION' ? ?      ?      ?   ? r_symmetry_vdw_other         ? ? 
'X-RAY DIFFRACTION' ? ?      ?      ?   ? r_symmetry_hbond_refined     ? ? 
'X-RAY DIFFRACTION' ? ?      ?      ?   ? r_symmetry_hbond_other       ? ? 
'X-RAY DIFFRACTION' ? ?      ?      ?   ? r_symmetry_metal_ion_refined ? ? 
'X-RAY DIFFRACTION' ? ?      ?      ?   ? r_symmetry_metal_ion_other   ? ? 
'X-RAY DIFFRACTION' ? ?      ?      ?   ? r_mcbond_it                  ? ? 
'X-RAY DIFFRACTION' ? ?      ?      ?   ? r_mcbond_other               ? ? 
'X-RAY DIFFRACTION' ? ?      ?      ?   ? r_mcangle_it                 ? ? 
'X-RAY DIFFRACTION' ? ?      ?      ?   ? r_mcangle_other              ? ? 
'X-RAY DIFFRACTION' ? 2.952  6.716  597 ? r_scbond_it                  ? ? 
'X-RAY DIFFRACTION' ? 2.949  6.716  596 ? r_scbond_other               ? ? 
'X-RAY DIFFRACTION' ? ?      ?      ?   ? r_scangle_it                 ? ? 
'X-RAY DIFFRACTION' ? 4.182  10.068 929 ? r_scangle_other              ? ? 
'X-RAY DIFFRACTION' ? 6.788  68.126 901 ? r_long_range_B_refined       ? ? 
'X-RAY DIFFRACTION' ? 6.784  68.125 902 ? r_long_range_B_other         ? ? 
'X-RAY DIFFRACTION' ? ?      ?      ?   ? r_rigid_bond_restr           ? ? 
'X-RAY DIFFRACTION' ? ?      ?      ?   ? r_sphericity_free            ? ? 
'X-RAY DIFFRACTION' ? ?      ?      ?   ? r_sphericity_bonded          ? ? 
# 
_refine_ls_shell.pdbx_refine_id                   'X-RAY DIFFRACTION' 
_refine_ls_shell.d_res_high                       1.97 
_refine_ls_shell.d_res_low                        2.018 
_refine_ls_shell.number_reflns_all                ? 
_refine_ls_shell.number_reflns_obs                ? 
_refine_ls_shell.number_reflns_R_free             21 
_refine_ls_shell.number_reflns_R_work             356 
_refine_ls_shell.percent_reflns_obs               93.09 
_refine_ls_shell.percent_reflns_R_free            ? 
_refine_ls_shell.R_factor_all                     ? 
_refine_ls_shell.R_factor_obs                     ? 
_refine_ls_shell.R_factor_R_free                  0.885 
_refine_ls_shell.R_factor_R_free_error            ? 
_refine_ls_shell.R_factor_R_work                  0.748 
_refine_ls_shell.redundancy_reflns_all            ? 
_refine_ls_shell.redundancy_reflns_obs            ? 
_refine_ls_shell.wR_factor_all                    ? 
_refine_ls_shell.wR_factor_obs                    ? 
_refine_ls_shell.wR_factor_R_free                 ? 
_refine_ls_shell.wR_factor_R_work                 ? 
_refine_ls_shell.pdbx_R_complete                  ? 
_refine_ls_shell.pdbx_total_number_of_bins_used   ? 
_refine_ls_shell.pdbx_phase_error                 ? 
_refine_ls_shell.pdbx_fsc_work                    ? 
_refine_ls_shell.pdbx_fsc_free                    ? 
# 
_struct.entry_id                     7MKT 
_struct.title                        'Crystal structure of r(GU)11G-NMM complex' 
_struct.pdbx_model_details           ? 
_struct.pdbx_formula_weight          ? 
_struct.pdbx_formula_weight_method   ? 
_struct.pdbx_model_type_details      ? 
_struct.pdbx_CASP_flag               N 
# 
_struct_keywords.entry_id        7MKT 
_struct_keywords.text            'RNA-porpyrin complex, RNA' 
_struct_keywords.pdbx_keywords   RNA 
# 
loop_
_struct_asym.id 
_struct_asym.pdbx_blank_PDB_chainid_flag 
_struct_asym.pdbx_modified 
_struct_asym.entity_id 
_struct_asym.details 
A N N 1 ? 
B N N 2 ? 
C N N 3 ? 
D N N 3 ? 
E N N 3 ? 
F N N 3 ? 
G N N 3 ? 
H N N 3 ? 
# 
_struct_ref.id                         1 
_struct_ref.db_name                    PDB 
_struct_ref.db_code                    7MKT 
_struct_ref.pdbx_db_accession          7MKT 
_struct_ref.pdbx_db_isoform            ? 
_struct_ref.entity_id                  1 
_struct_ref.pdbx_seq_one_letter_code   ? 
_struct_ref.pdbx_align_begin           1 
# 
_struct_ref_seq.align_id                      1 
_struct_ref_seq.ref_id                        1 
_struct_ref_seq.pdbx_PDB_id_code              7MKT 
_struct_ref_seq.pdbx_strand_id                A 
_struct_ref_seq.seq_align_beg                 1 
_struct_ref_seq.pdbx_seq_align_beg_ins_code   ? 
_struct_ref_seq.seq_align_end                 23 
_struct_ref_seq.pdbx_seq_align_end_ins_code   ? 
_struct_ref_seq.pdbx_db_accession             7MKT 
_struct_ref_seq.db_align_beg                  1 
_struct_ref_seq.pdbx_db_align_beg_ins_code    ? 
_struct_ref_seq.db_align_end                  23 
_struct_ref_seq.pdbx_db_align_end_ins_code    ? 
_struct_ref_seq.pdbx_auth_seq_align_beg       1 
_struct_ref_seq.pdbx_auth_seq_align_end       23 
# 
_pdbx_struct_assembly.id                   1 
_pdbx_struct_assembly.details              author_and_software_defined_assembly 
_pdbx_struct_assembly.method_details       PISA 
_pdbx_struct_assembly.oligomeric_details   monomeric 
_pdbx_struct_assembly.oligomeric_count     1 
# 
_pdbx_struct_assembly_gen.assembly_id       1 
_pdbx_struct_assembly_gen.oper_expression   1 
_pdbx_struct_assembly_gen.asym_id_list      A,B,C,D,E,F,G,H 
# 
_pdbx_struct_assembly_auth_evidence.id                     1 
_pdbx_struct_assembly_auth_evidence.assembly_id            1 
_pdbx_struct_assembly_auth_evidence.experimental_support   none 
_pdbx_struct_assembly_auth_evidence.details                ? 
# 
_pdbx_struct_oper_list.id                   1 
_pdbx_struct_oper_list.type                 'identity operation' 
_pdbx_struct_oper_list.name                 1_555 
_pdbx_struct_oper_list.symmetry_operation   x,y,z 
_pdbx_struct_oper_list.matrix[1][1]         1.0000000000 
_pdbx_struct_oper_list.matrix[1][2]         0.0000000000 
_pdbx_struct_oper_list.matrix[1][3]         0.0000000000 
_pdbx_struct_oper_list.vector[1]            0.0000000000 
_pdbx_struct_oper_list.matrix[2][1]         0.0000000000 
_pdbx_struct_oper_list.matrix[2][2]         1.0000000000 
_pdbx_struct_oper_list.matrix[2][3]         0.0000000000 
_pdbx_struct_oper_list.vector[2]            0.0000000000 
_pdbx_struct_oper_list.matrix[3][1]         0.0000000000 
_pdbx_struct_oper_list.matrix[3][2]         0.0000000000 
_pdbx_struct_oper_list.matrix[3][3]         1.0000000000 
_pdbx_struct_oper_list.vector[3]            0.0000000000 
# 
loop_
_struct_conn.id 
_struct_conn.conn_type_id 
_struct_conn.pdbx_leaving_atom_flag 
_struct_conn.pdbx_PDB_id 
_struct_conn.ptnr1_label_asym_id 
_struct_conn.ptnr1_label_comp_id 
_struct_conn.ptnr1_label_seq_id 
_struct_conn.ptnr1_label_atom_id 
_struct_conn.pdbx_ptnr1_label_alt_id 
_struct_conn.pdbx_ptnr1_PDB_ins_code 
_struct_conn.pdbx_ptnr1_standard_comp_id 
_struct_conn.ptnr1_symmetry 
_struct_conn.ptnr2_label_asym_id 
_struct_conn.ptnr2_label_comp_id 
_struct_conn.ptnr2_label_seq_id 
_struct_conn.ptnr2_label_atom_id 
_struct_conn.pdbx_ptnr2_label_alt_id 
_struct_conn.pdbx_ptnr2_PDB_ins_code 
_struct_conn.ptnr1_auth_asym_id 
_struct_conn.ptnr1_auth_comp_id 
_struct_conn.ptnr1_auth_seq_id 
_struct_conn.ptnr2_auth_asym_id 
_struct_conn.ptnr2_auth_comp_id 
_struct_conn.ptnr2_auth_seq_id 
_struct_conn.ptnr2_symmetry 
_struct_conn.pdbx_ptnr3_label_atom_id 
_struct_conn.pdbx_ptnr3_label_seq_id 
_struct_conn.pdbx_ptnr3_label_comp_id 
_struct_conn.pdbx_ptnr3_label_asym_id 
_struct_conn.pdbx_ptnr3_label_alt_id 
_struct_conn.pdbx_ptnr3_PDB_ins_code 
_struct_conn.details 
_struct_conn.pdbx_dist_value 
_struct_conn.pdbx_value_order 
_struct_conn.pdbx_role 
metalc1  metalc ? ? A G 1  O6    ? ? ? 1_555 C K .  K  ? ? A G 1  A K 102 1_555 ? ? ? ? ? ? ?             2.717 ? ? 
metalc2  metalc ? ? A U 2  "O2'" ? ? ? 1_555 F K .  K  ? ? A U 2  A K 105 1_555 ? ? ? ? ? ? ?             3.264 ? ? 
metalc3  metalc ? ? A G 3  O6    ? ? ? 1_555 C K .  K  ? ? A G 3  A K 102 1_555 ? ? ? ? ? ? ?             3.040 ? ? 
metalc4  metalc ? ? A G 3  O6    ? ? ? 1_555 D K .  K  ? ? A G 3  A K 103 1_555 ? ? ? ? ? ? ?             2.561 ? ? 
metalc5  metalc ? ? A G 3  "O3'" ? ? ? 1_555 F K .  K  ? ? A G 3  A K 105 1_555 ? ? ? ? ? ? ?             3.022 ? ? 
metalc6  metalc ? ? A G 3  "O2'" ? ? ? 1_555 F K .  K  ? ? A G 3  A K 105 1_555 ? ? ? ? ? ? ?             3.417 ? ? 
metalc7  metalc ? ? A U 4  O4    ? ? ? 1_555 E K .  K  ? ? A U 4  A K 104 1_555 ? ? ? ? ? ? ?             2.805 ? ? 
metalc8  metalc ? ? A G 5  O6    ? ? ? 1_555 D K .  K  ? ? A G 5  A K 103 1_555 ? ? ? ? ? ? ?             2.664 ? ? 
metalc9  metalc ? ? A G 5  O6    ? ? ? 1_555 E K .  K  ? ? A G 5  A K 104 1_555 ? ? ? ? ? ? ?             2.732 ? ? 
metalc10 metalc ? ? A G 7  O6    ? ? ? 1_555 C K .  K  ? ? A G 7  A K 102 1_555 ? ? ? ? ? ? ?             2.799 ? ? 
metalc11 metalc ? ? A G 9  O6    ? ? ? 1_555 C K .  K  ? ? A G 9  A K 102 1_555 ? ? ? ? ? ? ?             2.692 ? ? 
metalc12 metalc ? ? A G 9  O6    ? ? ? 1_555 D K .  K  ? ? A G 9  A K 103 1_555 ? ? ? ? ? ? ?             2.710 ? ? 
metalc13 metalc ? ? A U 10 O4    ? ? ? 1_555 E K .  K  ? ? A U 10 A K 104 1_555 ? ? ? ? ? ? ?             2.756 ? ? 
metalc14 metalc ? ? A G 11 O6    ? ? ? 1_555 D K .  K  ? ? A G 11 A K 103 1_555 ? ? ? ? ? ? ?             2.619 ? ? 
metalc15 metalc ? ? A G 11 O6    ? ? ? 1_555 E K .  K  ? ? A G 11 A K 104 1_555 ? ? ? ? ? ? ?             3.100 ? ? 
metalc16 metalc ? ? A G 13 O6    ? ? ? 1_555 C K .  K  ? ? A G 13 A K 102 1_555 ? ? ? ? ? ? ?             2.732 ? ? 
metalc17 metalc ? ? A U 14 "O2'" ? ? ? 1_555 H K .  K  ? ? A U 14 A K 107 1_555 ? ? ? ? ? ? ?             2.892 ? ? 
metalc18 metalc ? ? A G 15 O6    ? ? ? 1_555 C K .  K  ? ? A G 15 A K 102 1_555 ? ? ? ? ? ? ?             2.862 ? ? 
metalc19 metalc ? ? A G 15 O6    ? ? ? 1_555 D K .  K  ? ? A G 15 A K 103 1_555 ? ? ? ? ? ? ?             2.774 ? ? 
metalc20 metalc ? ? A G 15 "O2'" ? ? ? 1_555 H K .  K  ? ? A G 15 A K 107 1_555 ? ? ? ? ? ? ?             2.783 ? ? 
metalc21 metalc ? ? A U 16 O4    ? ? ? 1_555 E K .  K  ? ? A U 16 A K 104 1_555 ? ? ? ? ? ? ?             2.961 ? ? 
metalc22 metalc ? ? A G 17 O6    ? ? ? 1_555 D K .  K  ? ? A G 17 A K 103 1_555 ? ? ? ? ? ? ?             2.926 ? ? 
metalc23 metalc ? ? A G 17 O6    ? ? ? 1_555 E K .  K  ? ? A G 17 A K 104 1_555 ? ? ? ? ? ? ?             2.913 ? ? 
metalc24 metalc ? ? A G 19 O6    ? ? ? 1_555 C K .  K  ? ? A G 19 A K 102 1_555 ? ? ? ? ? ? ?             2.892 ? ? 
metalc25 metalc ? ? A U 20 "O2'" ? ? ? 1_555 G K .  K  ? ? A U 20 A K 106 1_555 ? ? ? ? ? ? ?             2.837 ? ? 
metalc26 metalc ? ? A G 21 O6    ? ? ? 1_555 C K .  K  ? ? A G 21 A K 102 1_555 ? ? ? ? ? ? ?             2.822 ? ? 
metalc27 metalc ? ? A G 21 O6    ? ? ? 1_555 D K .  K  ? ? A G 21 A K 103 1_555 ? ? ? ? ? ? ?             2.617 ? ? 
metalc28 metalc ? ? A G 21 "O3'" ? ? ? 1_555 G K .  K  ? ? A G 21 A K 106 1_555 ? ? ? ? ? ? ?             2.990 ? ? 
metalc29 metalc ? ? A G 21 "O2'" ? ? ? 1_555 G K .  K  ? ? A G 21 A K 106 1_555 ? ? ? ? ? ? ?             3.480 ? ? 
metalc30 metalc ? ? A U 22 O4    ? ? ? 1_555 E K .  K  ? ? A U 22 A K 104 1_555 ? ? ? ? ? ? ?             2.809 ? ? 
metalc31 metalc ? ? A U 22 OP1   ? ? ? 1_555 G K .  K  ? ? A U 22 A K 106 1_555 ? ? ? ? ? ? ?             3.316 ? ? 
metalc32 metalc ? ? A G 23 O6    ? ? ? 1_555 D K .  K  ? ? A G 23 A K 103 1_555 ? ? ? ? ? ? ?             2.890 ? ? 
metalc33 metalc ? ? A G 23 O6    ? ? ? 1_555 E K .  K  ? ? A G 23 A K 104 1_555 ? ? ? ? ? ? ?             2.878 ? ? 
hydrog1  hydrog ? ? A G 1  N7    ? ? ? 1_555 A G 7  N2 ? ? A G 1  A G 7   1_555 ? ? ? ? ? ? TYPE_6_PAIR   ?     ? ? 
hydrog2  hydrog ? ? A G 1  O6    ? ? ? 1_555 A G 7  N1 ? ? A G 1  A G 7   1_555 ? ? ? ? ? ? TYPE_6_PAIR   ?     ? ? 
hydrog3  hydrog ? ? A G 1  N1    ? ? ? 1_555 A G 19 O6 ? ? A G 1  A G 19  1_555 ? ? ? ? ? ? TYPE_6_PAIR   ?     ? ? 
hydrog4  hydrog ? ? A G 1  N2    ? ? ? 1_555 A G 19 N7 ? ? A G 1  A G 19  1_555 ? ? ? ? ? ? TYPE_6_PAIR   ?     ? ? 
hydrog5  hydrog ? ? A G 3  N1    ? ? ? 1_555 A G 9  O6 ? ? A G 3  A G 9   1_555 ? ? ? ? ? ? TYPE_6_PAIR   ?     ? ? 
hydrog6  hydrog ? ? A G 3  N2    ? ? ? 1_555 A G 9  N7 ? ? A G 3  A G 9   1_555 ? ? ? ? ? ? TYPE_6_PAIR   ?     ? ? 
hydrog7  hydrog ? ? A G 3  N7    ? ? ? 1_555 A G 21 N2 ? ? A G 3  A G 21  1_555 ? ? ? ? ? ? TYPE_6_PAIR   ?     ? ? 
hydrog8  hydrog ? ? A G 3  O6    ? ? ? 1_555 A G 21 N1 ? ? A G 3  A G 21  1_555 ? ? ? ? ? ? TYPE_6_PAIR   ?     ? ? 
hydrog9  hydrog ? ? A U 4  O4    ? ? ? 1_555 A U 10 N3 ? ? A U 4  A U 10  1_555 ? ? ? ? ? ? 'U-U MISPAIR' ?     ? ? 
hydrog10 hydrog ? ? A U 4  N3    ? ? ? 1_555 A U 22 O4 ? ? A U 4  A U 22  1_555 ? ? ? ? ? ? 'U-U MISPAIR' ?     ? ? 
hydrog11 hydrog ? ? A G 5  N1    ? ? ? 1_555 A G 11 O6 ? ? A G 5  A G 11  1_555 ? ? ? ? ? ? TYPE_6_PAIR   ?     ? ? 
hydrog12 hydrog ? ? A G 5  N2    ? ? ? 1_555 A G 11 N7 ? ? A G 5  A G 11  1_555 ? ? ? ? ? ? TYPE_6_PAIR   ?     ? ? 
hydrog13 hydrog ? ? A G 5  N7    ? ? ? 1_555 A G 23 N2 ? ? A G 5  A G 23  1_555 ? ? ? ? ? ? TYPE_6_PAIR   ?     ? ? 
hydrog14 hydrog ? ? A G 5  O6    ? ? ? 1_555 A G 23 N1 ? ? A G 5  A G 23  1_555 ? ? ? ? ? ? TYPE_6_PAIR   ?     ? ? 
hydrog15 hydrog ? ? A G 7  N7    ? ? ? 1_555 A G 13 N2 ? ? A G 7  A G 13  1_555 ? ? ? ? ? ? TYPE_6_PAIR   ?     ? ? 
hydrog16 hydrog ? ? A G 7  O6    ? ? ? 1_555 A G 13 N1 ? ? A G 7  A G 13  1_555 ? ? ? ? ? ? TYPE_6_PAIR   ?     ? ? 
hydrog17 hydrog ? ? A G 9  N1    ? ? ? 1_555 A G 15 O6 ? ? A G 9  A G 15  1_555 ? ? ? ? ? ? TYPE_6_PAIR   ?     ? ? 
hydrog18 hydrog ? ? A G 9  N2    ? ? ? 1_555 A G 15 N7 ? ? A G 9  A G 15  1_555 ? ? ? ? ? ? TYPE_6_PAIR   ?     ? ? 
hydrog19 hydrog ? ? A U 10 O4    ? ? ? 1_555 A U 16 N3 ? ? A U 10 A U 16  1_555 ? ? ? ? ? ? 'U-U MISPAIR' ?     ? ? 
hydrog20 hydrog ? ? A G 11 N1    ? ? ? 1_555 A G 17 O6 ? ? A G 11 A G 17  1_555 ? ? ? ? ? ? TYPE_6_PAIR   ?     ? ? 
hydrog21 hydrog ? ? A G 11 N2    ? ? ? 1_555 A G 17 N7 ? ? A G 11 A G 17  1_555 ? ? ? ? ? ? TYPE_6_PAIR   ?     ? ? 
hydrog22 hydrog ? ? A G 13 N7    ? ? ? 1_555 A G 19 N2 ? ? A G 13 A G 19  1_555 ? ? ? ? ? ? TYPE_6_PAIR   ?     ? ? 
hydrog23 hydrog ? ? A G 13 O6    ? ? ? 1_555 A G 19 N1 ? ? A G 13 A G 19  1_555 ? ? ? ? ? ? TYPE_6_PAIR   ?     ? ? 
hydrog24 hydrog ? ? A G 15 N1    ? ? ? 1_555 A G 21 O6 ? ? A G 15 A G 21  1_555 ? ? ? ? ? ? TYPE_6_PAIR   ?     ? ? 
hydrog25 hydrog ? ? A G 15 N2    ? ? ? 1_555 A G 21 N7 ? ? A G 15 A G 21  1_555 ? ? ? ? ? ? TYPE_6_PAIR   ?     ? ? 
hydrog26 hydrog ? ? A U 16 O4    ? ? ? 1_555 A U 22 N3 ? ? A U 16 A U 22  1_555 ? ? ? ? ? ? 'U-U MISPAIR' ?     ? ? 
hydrog27 hydrog ? ? A G 17 N1    ? ? ? 1_555 A G 23 O6 ? ? A G 17 A G 23  1_555 ? ? ? ? ? ? TYPE_6_PAIR   ?     ? ? 
hydrog28 hydrog ? ? A G 17 N2    ? ? ? 1_555 A G 23 N7 ? ? A G 17 A G 23  1_555 ? ? ? ? ? ? TYPE_6_PAIR   ?     ? ? 
# 
loop_
_struct_conn_type.id 
_struct_conn_type.criteria 
_struct_conn_type.reference 
metalc ? ? 
hydrog ? ? 
# 
loop_
_pdbx_struct_conn_angle.id 
_pdbx_struct_conn_angle.ptnr1_label_atom_id 
_pdbx_struct_conn_angle.ptnr1_label_alt_id 
_pdbx_struct_conn_angle.ptnr1_label_asym_id 
_pdbx_struct_conn_angle.ptnr1_label_comp_id 
_pdbx_struct_conn_angle.ptnr1_label_seq_id 
_pdbx_struct_conn_angle.ptnr1_auth_atom_id 
_pdbx_struct_conn_angle.ptnr1_auth_asym_id 
_pdbx_struct_conn_angle.ptnr1_auth_comp_id 
_pdbx_struct_conn_angle.ptnr1_auth_seq_id 
_pdbx_struct_conn_angle.ptnr1_PDB_ins_code 
_pdbx_struct_conn_angle.ptnr1_symmetry 
_pdbx_struct_conn_angle.ptnr2_label_atom_id 
_pdbx_struct_conn_angle.ptnr2_label_alt_id 
_pdbx_struct_conn_angle.ptnr2_label_asym_id 
_pdbx_struct_conn_angle.ptnr2_label_comp_id 
_pdbx_struct_conn_angle.ptnr2_label_seq_id 
_pdbx_struct_conn_angle.ptnr2_auth_atom_id 
_pdbx_struct_conn_angle.ptnr2_auth_asym_id 
_pdbx_struct_conn_angle.ptnr2_auth_comp_id 
_pdbx_struct_conn_angle.ptnr2_auth_seq_id 
_pdbx_struct_conn_angle.ptnr2_PDB_ins_code 
_pdbx_struct_conn_angle.ptnr2_symmetry 
_pdbx_struct_conn_angle.ptnr3_label_atom_id 
_pdbx_struct_conn_angle.ptnr3_label_alt_id 
_pdbx_struct_conn_angle.ptnr3_label_asym_id 
_pdbx_struct_conn_angle.ptnr3_label_comp_id 
_pdbx_struct_conn_angle.ptnr3_label_seq_id 
_pdbx_struct_conn_angle.ptnr3_auth_atom_id 
_pdbx_struct_conn_angle.ptnr3_auth_asym_id 
_pdbx_struct_conn_angle.ptnr3_auth_comp_id 
_pdbx_struct_conn_angle.ptnr3_auth_seq_id 
_pdbx_struct_conn_angle.ptnr3_PDB_ins_code 
_pdbx_struct_conn_angle.ptnr3_symmetry 
_pdbx_struct_conn_angle.value 
_pdbx_struct_conn_angle.value_esd 
1  O6    ? A G 1  ? A G 1  ? 1_555 K ? C K . ? A K 102 ? 1_555 O6    ? A G 3  ? A G 3  ? 1_555 75.6  ? 
2  O6    ? A G 1  ? A G 1  ? 1_555 K ? C K . ? A K 102 ? 1_555 O6    ? A G 7  ? A G 7  ? 1_555 68.1  ? 
3  O6    ? A G 3  ? A G 3  ? 1_555 K ? C K . ? A K 102 ? 1_555 O6    ? A G 7  ? A G 7  ? 1_555 116.5 ? 
4  O6    ? A G 1  ? A G 1  ? 1_555 K ? C K . ? A K 102 ? 1_555 O6    ? A G 9  ? A G 9  ? 1_555 102.3 ? 
5  O6    ? A G 3  ? A G 3  ? 1_555 K ? C K . ? A K 102 ? 1_555 O6    ? A G 9  ? A G 9  ? 1_555 67.3  ? 
6  O6    ? A G 7  ? A G 7  ? 1_555 K ? C K . ? A K 102 ? 1_555 O6    ? A G 9  ? A G 9  ? 1_555 71.8  ? 
7  O6    ? A G 1  ? A G 1  ? 1_555 K ? C K . ? A K 102 ? 1_555 O6    ? A G 13 ? A G 13 ? 1_555 108.7 ? 
8  O6    ? A G 3  ? A G 3  ? 1_555 K ? C K . ? A K 102 ? 1_555 O6    ? A G 13 ? A G 13 ? 1_555 173.8 ? 
9  O6    ? A G 7  ? A G 7  ? 1_555 K ? C K . ? A K 102 ? 1_555 O6    ? A G 13 ? A G 13 ? 1_555 69.6  ? 
10 O6    ? A G 9  ? A G 9  ? 1_555 K ? C K . ? A K 102 ? 1_555 O6    ? A G 13 ? A G 13 ? 1_555 115.0 ? 
11 O6    ? A G 1  ? A G 1  ? 1_555 K ? C K . ? A K 102 ? 1_555 O6    ? A G 15 ? A G 15 ? 1_555 169.9 ? 
12 O6    ? A G 3  ? A G 3  ? 1_555 K ? C K . ? A K 102 ? 1_555 O6    ? A G 15 ? A G 15 ? 1_555 101.9 ? 
13 O6    ? A G 7  ? A G 7  ? 1_555 K ? C K . ? A K 102 ? 1_555 O6    ? A G 15 ? A G 15 ? 1_555 105.2 ? 
14 O6    ? A G 9  ? A G 9  ? 1_555 K ? C K . ? A K 102 ? 1_555 O6    ? A G 15 ? A G 15 ? 1_555 67.9  ? 
15 O6    ? A G 13 ? A G 13 ? 1_555 K ? C K . ? A K 102 ? 1_555 O6    ? A G 15 ? A G 15 ? 1_555 74.6  ? 
16 O6    ? A G 1  ? A G 1  ? 1_555 K ? C K . ? A K 102 ? 1_555 O6    ? A G 19 ? A G 19 ? 1_555 73.1  ? 
17 O6    ? A G 3  ? A G 3  ? 1_555 K ? C K . ? A K 102 ? 1_555 O6    ? A G 19 ? A G 19 ? 1_555 110.0 ? 
18 O6    ? A G 7  ? A G 7  ? 1_555 K ? C K . ? A K 102 ? 1_555 O6    ? A G 19 ? A G 19 ? 1_555 106.8 ? 
19 O6    ? A G 9  ? A G 9  ? 1_555 K ? C K . ? A K 102 ? 1_555 O6    ? A G 19 ? A G 19 ? 1_555 175.3 ? 
20 O6    ? A G 13 ? A G 13 ? 1_555 K ? C K . ? A K 102 ? 1_555 O6    ? A G 19 ? A G 19 ? 1_555 68.1  ? 
21 O6    ? A G 15 ? A G 15 ? 1_555 K ? C K . ? A K 102 ? 1_555 O6    ? A G 19 ? A G 19 ? 1_555 116.8 ? 
22 O6    ? A G 1  ? A G 1  ? 1_555 K ? C K . ? A K 102 ? 1_555 O6    ? A G 21 ? A G 21 ? 1_555 125.2 ? 
23 O6    ? A G 3  ? A G 3  ? 1_555 K ? C K . ? A K 102 ? 1_555 O6    ? A G 21 ? A G 21 ? 1_555 71.2  ? 
24 O6    ? A G 7  ? A G 7  ? 1_555 K ? C K . ? A K 102 ? 1_555 O6    ? A G 21 ? A G 21 ? 1_555 166.8 ? 
25 O6    ? A G 9  ? A G 9  ? 1_555 K ? C K . ? A K 102 ? 1_555 O6    ? A G 21 ? A G 21 ? 1_555 103.5 ? 
26 O6    ? A G 13 ? A G 13 ? 1_555 K ? C K . ? A K 102 ? 1_555 O6    ? A G 21 ? A G 21 ? 1_555 102.6 ? 
27 O6    ? A G 15 ? A G 15 ? 1_555 K ? C K . ? A K 102 ? 1_555 O6    ? A G 21 ? A G 21 ? 1_555 61.8  ? 
28 O6    ? A G 19 ? A G 19 ? 1_555 K ? C K . ? A K 102 ? 1_555 O6    ? A G 21 ? A G 21 ? 1_555 78.8  ? 
29 "O2'" ? A U 2  ? A U 2  ? 1_555 K ? F K . ? A K 105 ? 1_555 "O3'" ? A G 3  ? A G 3  ? 1_555 87.3  ? 
30 "O2'" ? A U 2  ? A U 2  ? 1_555 K ? F K . ? A K 105 ? 1_555 "O2'" ? A G 3  ? A G 3  ? 1_555 65.2  ? 
31 "O3'" ? A G 3  ? A G 3  ? 1_555 K ? F K . ? A K 105 ? 1_555 "O2'" ? A G 3  ? A G 3  ? 1_555 48.4  ? 
32 O6    ? A G 3  ? A G 3  ? 1_555 K ? D K . ? A K 103 ? 1_555 O6    ? A G 5  ? A G 5  ? 1_555 82.5  ? 
33 O6    ? A G 3  ? A G 3  ? 1_555 K ? D K . ? A K 103 ? 1_555 O6    ? A G 9  ? A G 9  ? 1_555 74.4  ? 
34 O6    ? A G 5  ? A G 5  ? 1_555 K ? D K . ? A K 103 ? 1_555 O6    ? A G 9  ? A G 9  ? 1_555 84.2  ? 
35 O6    ? A G 3  ? A G 3  ? 1_555 K ? D K . ? A K 103 ? 1_555 O6    ? A G 11 ? A G 11 ? 1_555 144.7 ? 
36 O6    ? A G 5  ? A G 5  ? 1_555 K ? D K . ? A K 103 ? 1_555 O6    ? A G 11 ? A G 11 ? 1_555 70.0  ? 
37 O6    ? A G 9  ? A G 9  ? 1_555 K ? D K . ? A K 103 ? 1_555 O6    ? A G 11 ? A G 11 ? 1_555 81.0  ? 
38 O6    ? A G 3  ? A G 3  ? 1_555 K ? D K . ? A K 103 ? 1_555 O6    ? A G 15 ? A G 15 ? 1_555 118.4 ? 
39 O6    ? A G 5  ? A G 5  ? 1_555 K ? D K . ? A K 103 ? 1_555 O6    ? A G 15 ? A G 15 ? 1_555 137.7 ? 
40 O6    ? A G 9  ? A G 9  ? 1_555 K ? D K . ? A K 103 ? 1_555 O6    ? A G 15 ? A G 15 ? 1_555 69.0  ? 
41 O6    ? A G 11 ? A G 11 ? 1_555 K ? D K . ? A K 103 ? 1_555 O6    ? A G 15 ? A G 15 ? 1_555 73.9  ? 
42 O6    ? A G 3  ? A G 3  ? 1_555 K ? D K . ? A K 103 ? 1_555 O6    ? A G 17 ? A G 17 ? 1_555 146.5 ? 
43 O6    ? A G 5  ? A G 5  ? 1_555 K ? D K . ? A K 103 ? 1_555 O6    ? A G 17 ? A G 17 ? 1_555 103.3 ? 
44 O6    ? A G 9  ? A G 9  ? 1_555 K ? D K . ? A K 103 ? 1_555 O6    ? A G 17 ? A G 17 ? 1_555 138.5 ? 
45 O6    ? A G 11 ? A G 11 ? 1_555 K ? D K . ? A K 103 ? 1_555 O6    ? A G 17 ? A G 17 ? 1_555 64.4  ? 
46 O6    ? A G 15 ? A G 15 ? 1_555 K ? D K . ? A K 103 ? 1_555 O6    ? A G 17 ? A G 17 ? 1_555 79.6  ? 
47 O6    ? A G 3  ? A G 3  ? 1_555 K ? D K . ? A K 103 ? 1_555 O6    ? A G 21 ? A G 21 ? 1_555 82.6  ? 
48 O6    ? A G 5  ? A G 5  ? 1_555 K ? D K . ? A K 103 ? 1_555 O6    ? A G 21 ? A G 21 ? 1_555 156.7 ? 
49 O6    ? A G 9  ? A G 9  ? 1_555 K ? D K . ? A K 103 ? 1_555 O6    ? A G 21 ? A G 21 ? 1_555 108.8 ? 
50 O6    ? A G 11 ? A G 11 ? 1_555 K ? D K . ? A K 103 ? 1_555 O6    ? A G 21 ? A G 21 ? 1_555 129.9 ? 
51 O6    ? A G 15 ? A G 15 ? 1_555 K ? D K . ? A K 103 ? 1_555 O6    ? A G 21 ? A G 21 ? 1_555 65.5  ? 
52 O6    ? A G 17 ? A G 17 ? 1_555 K ? D K . ? A K 103 ? 1_555 O6    ? A G 21 ? A G 21 ? 1_555 80.1  ? 
53 O6    ? A G 3  ? A G 3  ? 1_555 K ? D K . ? A K 103 ? 1_555 O6    ? A G 23 ? A G 23 ? 1_555 76.3  ? 
54 O6    ? A G 5  ? A G 5  ? 1_555 K ? D K . ? A K 103 ? 1_555 O6    ? A G 23 ? A G 23 ? 1_555 69.1  ? 
55 O6    ? A G 9  ? A G 9  ? 1_555 K ? D K . ? A K 103 ? 1_555 O6    ? A G 23 ? A G 23 ? 1_555 142.5 ? 
56 O6    ? A G 11 ? A G 11 ? 1_555 K ? D K . ? A K 103 ? 1_555 O6    ? A G 23 ? A G 23 ? 1_555 112.0 ? 
57 O6    ? A G 15 ? A G 15 ? 1_555 K ? D K . ? A K 103 ? 1_555 O6    ? A G 23 ? A G 23 ? 1_555 147.5 ? 
58 O6    ? A G 17 ? A G 17 ? 1_555 K ? D K . ? A K 103 ? 1_555 O6    ? A G 23 ? A G 23 ? 1_555 75.3  ? 
59 O6    ? A G 21 ? A G 21 ? 1_555 K ? D K . ? A K 103 ? 1_555 O6    ? A G 23 ? A G 23 ? 1_555 90.0  ? 
60 O4    ? A U 4  ? A U 4  ? 1_555 K ? E K . ? A K 104 ? 1_555 O6    ? A G 5  ? A G 5  ? 1_555 75.0  ? 
61 O4    ? A U 4  ? A U 4  ? 1_555 K ? E K . ? A K 104 ? 1_555 O4    ? A U 10 ? A U 10 ? 1_555 76.6  ? 
62 O6    ? A G 5  ? A G 5  ? 1_555 K ? E K . ? A K 104 ? 1_555 O4    ? A U 10 ? A U 10 ? 1_555 115.7 ? 
63 O4    ? A U 4  ? A U 4  ? 1_555 K ? E K . ? A K 104 ? 1_555 O6    ? A G 11 ? A G 11 ? 1_555 104.8 ? 
64 O6    ? A G 5  ? A G 5  ? 1_555 K ? E K . ? A K 104 ? 1_555 O6    ? A G 11 ? A G 11 ? 1_555 62.2  ? 
65 O4    ? A U 10 ? A U 10 ? 1_555 K ? E K . ? A K 104 ? 1_555 O6    ? A G 11 ? A G 11 ? 1_555 71.5  ? 
66 O4    ? A U 4  ? A U 4  ? 1_555 K ? E K . ? A K 104 ? 1_555 O4    ? A U 16 ? A U 16 ? 1_555 120.5 ? 
67 O6    ? A G 5  ? A G 5  ? 1_555 K ? E K . ? A K 104 ? 1_555 O4    ? A U 16 ? A U 16 ? 1_555 163.2 ? 
68 O4    ? A U 10 ? A U 10 ? 1_555 K ? E K . ? A K 104 ? 1_555 O4    ? A U 16 ? A U 16 ? 1_555 76.6  ? 
69 O6    ? A G 11 ? A G 11 ? 1_555 K ? E K . ? A K 104 ? 1_555 O4    ? A U 16 ? A U 16 ? 1_555 115.2 ? 
70 O4    ? A U 4  ? A U 4  ? 1_555 K ? E K . ? A K 104 ? 1_555 O6    ? A G 17 ? A G 17 ? 1_555 161.5 ? 
71 O6    ? A G 5  ? A G 5  ? 1_555 K ? E K . ? A K 104 ? 1_555 O6    ? A G 17 ? A G 17 ? 1_555 101.9 ? 
72 O4    ? A U 10 ? A U 10 ? 1_555 K ? E K . ? A K 104 ? 1_555 O6    ? A G 17 ? A G 17 ? 1_555 88.9  ? 
73 O6    ? A G 11 ? A G 11 ? 1_555 K ? E K . ? A K 104 ? 1_555 O6    ? A G 17 ? A G 17 ? 1_555 59.1  ? 
74 O4    ? A U 16 ? A U 16 ? 1_555 K ? E K . ? A K 104 ? 1_555 O6    ? A G 17 ? A G 17 ? 1_555 65.6  ? 
75 O4    ? A U 4  ? A U 4  ? 1_555 K ? E K . ? A K 104 ? 1_555 O4    ? A U 22 ? A U 22 ? 1_555 77.9  ? 
76 O6    ? A G 5  ? A G 5  ? 1_555 K ? E K . ? A K 104 ? 1_555 O4    ? A U 22 ? A U 22 ? 1_555 104.6 ? 
77 O4    ? A U 10 ? A U 10 ? 1_555 K ? E K . ? A K 104 ? 1_555 O4    ? A U 22 ? A U 22 ? 1_555 123.7 ? 
78 O6    ? A G 11 ? A G 11 ? 1_555 K ? E K . ? A K 104 ? 1_555 O4    ? A U 22 ? A U 22 ? 1_555 164.4 ? 
79 O4    ? A U 16 ? A U 16 ? 1_555 K ? E K . ? A K 104 ? 1_555 O4    ? A U 22 ? A U 22 ? 1_555 74.8  ? 
80 O6    ? A G 17 ? A G 17 ? 1_555 K ? E K . ? A K 104 ? 1_555 O4    ? A U 22 ? A U 22 ? 1_555 120.2 ? 
81 O4    ? A U 4  ? A U 4  ? 1_555 K ? E K . ? A K 104 ? 1_555 O6    ? A G 23 ? A G 23 ? 1_555 118.5 ? 
82 O6    ? A G 5  ? A G 5  ? 1_555 K ? E K . ? A K 104 ? 1_555 O6    ? A G 23 ? A G 23 ? 1_555 68.4  ? 
83 O4    ? A U 10 ? A U 10 ? 1_555 K ? E K . ? A K 104 ? 1_555 O6    ? A G 23 ? A G 23 ? 1_555 164.5 ? 
84 O6    ? A G 11 ? A G 11 ? 1_555 K ? E K . ? A K 104 ? 1_555 O6    ? A G 23 ? A G 23 ? 1_555 99.6  ? 
85 O4    ? A U 16 ? A U 16 ? 1_555 K ? E K . ? A K 104 ? 1_555 O6    ? A G 23 ? A G 23 ? 1_555 96.8  ? 
86 O6    ? A G 17 ? A G 17 ? 1_555 K ? E K . ? A K 104 ? 1_555 O6    ? A G 23 ? A G 23 ? 1_555 75.6  ? 
87 O4    ? A U 22 ? A U 22 ? 1_555 K ? E K . ? A K 104 ? 1_555 O6    ? A G 23 ? A G 23 ? 1_555 66.4  ? 
88 "O2'" ? A U 14 ? A U 14 ? 1_555 K ? H K . ? A K 107 ? 1_555 "O2'" ? A G 15 ? A G 15 ? 1_555 73.4  ? 
89 "O2'" ? A U 20 ? A U 20 ? 1_555 K ? G K . ? A K 106 ? 1_555 "O3'" ? A G 21 ? A G 21 ? 1_555 92.9  ? 
90 "O2'" ? A U 20 ? A U 20 ? 1_555 K ? G K . ? A K 106 ? 1_555 "O2'" ? A G 21 ? A G 21 ? 1_555 73.0  ? 
91 "O3'" ? A G 21 ? A G 21 ? 1_555 K ? G K . ? A K 106 ? 1_555 "O2'" ? A G 21 ? A G 21 ? 1_555 48.1  ? 
92 "O2'" ? A U 20 ? A U 20 ? 1_555 K ? G K . ? A K 106 ? 1_555 OP1   ? A U 22 ? A U 22 ? 1_555 138.7 ? 
93 "O3'" ? A G 21 ? A G 21 ? 1_555 K ? G K . ? A K 106 ? 1_555 OP1   ? A U 22 ? A U 22 ? 1_555 46.4  ? 
94 "O2'" ? A G 21 ? A G 21 ? 1_555 K ? G K . ? A K 106 ? 1_555 OP1   ? A U 22 ? A U 22 ? 1_555 80.5  ? 
# 
_pdbx_entry_details.entry_id                 7MKT 
_pdbx_entry_details.nonpolymer_details       ? 
_pdbx_entry_details.sequence_details         ? 
_pdbx_entry_details.compound_details         ? 
_pdbx_entry_details.source_details           ? 
_pdbx_entry_details.has_ligand_of_interest   Y 
# 
loop_
_chem_comp_atom.comp_id 
_chem_comp_atom.atom_id 
_chem_comp_atom.type_symbol 
_chem_comp_atom.pdbx_aromatic_flag 
_chem_comp_atom.pdbx_stereo_config 
_chem_comp_atom.pdbx_ordinal 
G   OP3    O N N 1   
G   P      P N N 2   
G   OP1    O N N 3   
G   OP2    O N N 4   
G   "O5'"  O N N 5   
G   "C5'"  C N N 6   
G   "C4'"  C N R 7   
G   "O4'"  O N N 8   
G   "C3'"  C N S 9   
G   "O3'"  O N N 10  
G   "C2'"  C N R 11  
G   "O2'"  O N N 12  
G   "C1'"  C N R 13  
G   N9     N Y N 14  
G   C8     C Y N 15  
G   N7     N Y N 16  
G   C5     C Y N 17  
G   C6     C N N 18  
G   O6     O N N 19  
G   N1     N N N 20  
G   C2     C N N 21  
G   N2     N N N 22  
G   N3     N N N 23  
G   C4     C Y N 24  
G   HOP3   H N N 25  
G   HOP2   H N N 26  
G   "H5'"  H N N 27  
G   "H5''" H N N 28  
G   "H4'"  H N N 29  
G   "H3'"  H N N 30  
G   "HO3'" H N N 31  
G   "H2'"  H N N 32  
G   "HO2'" H N N 33  
G   "H1'"  H N N 34  
G   H8     H N N 35  
G   H1     H N N 36  
G   H21    H N N 37  
G   H22    H N N 38  
K   K      K N N 39  
MMP C1     C N N 40  
MMP N1     N Y N 41  
MMP C11    C Y N 42  
MMP C12    C Y N 43  
MMP C13    C Y N 44  
MMP C14    C Y N 45  
MMP C15    C Y N 46  
MMP C16    C N N 47  
MMP C17    C N N 48  
MMP C18    C N N 49  
MMP N2     N Y N 50  
MMP C21    C Y N 51  
MMP C22    C N N 52  
MMP C23    C N N 53  
MMP C24    C Y N 54  
MMP C25    C Y N 55  
MMP C26    C N N 56  
MMP C27    C N N 57  
MMP C28    C N N 58  
MMP N3     N Y N 59  
MMP C31    C Y N 60  
MMP C32    C Y N 61  
MMP C33    C Y N 62  
MMP C34    C Y N 63  
MMP C35    C Y N 64  
MMP C36    C N N 65  
MMP C37    C N N 66  
MMP C38    C N N 67  
MMP C39    C N N 68  
MMP O31    O N N 69  
MMP O32    O N N 70  
MMP N4     N Y N 71  
MMP C41    C Y N 72  
MMP C42    C N N 73  
MMP C43    C N N 74  
MMP C44    C Y N 75  
MMP C45    C Y N 76  
MMP C46    C N N 77  
MMP C47    C N N 78  
MMP C48    C N N 79  
MMP C49    C N N 80  
MMP O41    O N N 81  
MMP O42    O N N 82  
MMP H11    H N N 83  
MMP H12    H N N 84  
MMP H13    H N N 85  
MMP H15    H N N 86  
MMP H161   H N N 87  
MMP H162   H N N 88  
MMP H163   H N N 89  
MMP H171   H N N 90  
MMP H172   H N N 91  
MMP H181   H N N 92  
MMP H182   H N N 93  
MMP H183   H N N 94  
MMP H25    H N N 95  
MMP H261   H N N 96  
MMP H262   H N N 97  
MMP H263   H N N 98  
MMP H271   H N N 99  
MMP H272   H N N 100 
MMP H281   H N N 101 
MMP H282   H N N 102 
MMP H283   H N N 103 
MMP HN3    H N N 104 
MMP H35    H N N 105 
MMP H361   H N N 106 
MMP H362   H N N 107 
MMP H363   H N N 108 
MMP H371   H N N 109 
MMP H372   H N N 110 
MMP H381   H N N 111 
MMP H382   H N N 112 
MMP HO31   H N N 113 
MMP H45    H N N 114 
MMP H461   H N N 115 
MMP H462   H N N 116 
MMP H463   H N N 117 
MMP H471   H N N 118 
MMP H472   H N N 119 
MMP H481   H N N 120 
MMP H482   H N N 121 
MMP HO41   H N N 122 
U   OP3    O N N 123 
U   P      P N N 124 
U   OP1    O N N 125 
U   OP2    O N N 126 
U   "O5'"  O N N 127 
U   "C5'"  C N N 128 
U   "C4'"  C N R 129 
U   "O4'"  O N N 130 
U   "C3'"  C N S 131 
U   "O3'"  O N N 132 
U   "C2'"  C N R 133 
U   "O2'"  O N N 134 
U   "C1'"  C N R 135 
U   N1     N N N 136 
U   C2     C N N 137 
U   O2     O N N 138 
U   N3     N N N 139 
U   C4     C N N 140 
U   O4     O N N 141 
U   C5     C N N 142 
U   C6     C N N 143 
U   HOP3   H N N 144 
U   HOP2   H N N 145 
U   "H5'"  H N N 146 
U   "H5''" H N N 147 
U   "H4'"  H N N 148 
U   "H3'"  H N N 149 
U   "HO3'" H N N 150 
U   "H2'"  H N N 151 
U   "HO2'" H N N 152 
U   "H1'"  H N N 153 
U   H3     H N N 154 
U   H5     H N N 155 
U   H6     H N N 156 
# 
loop_
_chem_comp_bond.comp_id 
_chem_comp_bond.atom_id_1 
_chem_comp_bond.atom_id_2 
_chem_comp_bond.value_order 
_chem_comp_bond.pdbx_aromatic_flag 
_chem_comp_bond.pdbx_stereo_config 
_chem_comp_bond.pdbx_ordinal 
G   OP3   P      sing N N 1   
G   OP3   HOP3   sing N N 2   
G   P     OP1    doub N N 3   
G   P     OP2    sing N N 4   
G   P     "O5'"  sing N N 5   
G   OP2   HOP2   sing N N 6   
G   "O5'" "C5'"  sing N N 7   
G   "C5'" "C4'"  sing N N 8   
G   "C5'" "H5'"  sing N N 9   
G   "C5'" "H5''" sing N N 10  
G   "C4'" "O4'"  sing N N 11  
G   "C4'" "C3'"  sing N N 12  
G   "C4'" "H4'"  sing N N 13  
G   "O4'" "C1'"  sing N N 14  
G   "C3'" "O3'"  sing N N 15  
G   "C3'" "C2'"  sing N N 16  
G   "C3'" "H3'"  sing N N 17  
G   "O3'" "HO3'" sing N N 18  
G   "C2'" "O2'"  sing N N 19  
G   "C2'" "C1'"  sing N N 20  
G   "C2'" "H2'"  sing N N 21  
G   "O2'" "HO2'" sing N N 22  
G   "C1'" N9     sing N N 23  
G   "C1'" "H1'"  sing N N 24  
G   N9    C8     sing Y N 25  
G   N9    C4     sing Y N 26  
G   C8    N7     doub Y N 27  
G   C8    H8     sing N N 28  
G   N7    C5     sing Y N 29  
G   C5    C6     sing N N 30  
G   C5    C4     doub Y N 31  
G   C6    O6     doub N N 32  
G   C6    N1     sing N N 33  
G   N1    C2     sing N N 34  
G   N1    H1     sing N N 35  
G   C2    N2     sing N N 36  
G   C2    N3     doub N N 37  
G   N2    H21    sing N N 38  
G   N2    H22    sing N N 39  
G   N3    C4     sing N N 40  
MMP C1    N1     sing N N 41  
MMP C1    H11    sing N N 42  
MMP C1    H12    sing N N 43  
MMP C1    H13    sing N N 44  
MMP N1    C11    sing Y N 45  
MMP N1    C14    sing Y N 46  
MMP C11   C12    doub Y N 47  
MMP C11   C45    sing Y N 48  
MMP C12   C13    sing Y N 49  
MMP C12   C16    sing N N 50  
MMP C13   C14    doub Y N 51  
MMP C13   C17    sing N N 52  
MMP C14   C15    sing Y N 53  
MMP C15   C21    doub Y Z 54  
MMP C15   H15    sing N N 55  
MMP C16   H161   sing N N 56  
MMP C16   H162   sing N N 57  
MMP C16   H163   sing N N 58  
MMP C17   C18    sing N N 59  
MMP C17   H171   sing N N 60  
MMP C17   H172   sing N N 61  
MMP C18   H181   sing N N 62  
MMP C18   H182   sing N N 63  
MMP C18   H183   sing N N 64  
MMP N2    C21    sing Y N 65  
MMP N2    C24    doub Y N 66  
MMP C21   C22    sing N N 67  
MMP C22   C23    doub N N 68  
MMP C22   C26    sing N N 69  
MMP C23   C24    sing N N 70  
MMP C23   C27    sing N N 71  
MMP C24   C25    sing Y N 72  
MMP C25   C31    doub Y Z 73  
MMP C25   H25    sing N N 74  
MMP C26   H261   sing N N 75  
MMP C26   H262   sing N N 76  
MMP C26   H263   sing N N 77  
MMP C27   C28    sing N N 78  
MMP C27   H271   sing N N 79  
MMP C27   H272   sing N N 80  
MMP C28   H281   sing N N 81  
MMP C28   H282   sing N N 82  
MMP C28   H283   sing N N 83  
MMP N3    C31    sing Y N 84  
MMP N3    C34    sing Y N 85  
MMP N3    HN3    sing N N 86  
MMP C31   C32    sing Y N 87  
MMP C32   C33    doub Y N 88  
MMP C32   C36    sing N N 89  
MMP C33   C34    sing Y N 90  
MMP C33   C37    sing N N 91  
MMP C34   C35    doub Y Z 92  
MMP C35   C41    sing Y N 93  
MMP C35   H35    sing N N 94  
MMP C36   H361   sing N N 95  
MMP C36   H362   sing N N 96  
MMP C36   H363   sing N N 97  
MMP C37   C38    sing N N 98  
MMP C37   H371   sing N N 99  
MMP C37   H372   sing N N 100 
MMP C38   C39    sing N N 101 
MMP C38   H381   sing N N 102 
MMP C38   H382   sing N N 103 
MMP C39   O31    sing N N 104 
MMP C39   O32    doub N N 105 
MMP O31   HO31   sing N N 106 
MMP N4    C41    doub Y N 107 
MMP N4    C44    sing Y N 108 
MMP C41   C42    sing N N 109 
MMP C42   C43    doub N N 110 
MMP C42   C47    sing N N 111 
MMP C43   C44    sing N N 112 
MMP C43   C46    sing N N 113 
MMP C44   C45    doub Y Z 114 
MMP C45   H45    sing N N 115 
MMP C46   H461   sing N N 116 
MMP C46   H462   sing N N 117 
MMP C46   H463   sing N N 118 
MMP C47   C48    sing N N 119 
MMP C47   H471   sing N N 120 
MMP C47   H472   sing N N 121 
MMP C48   C49    sing N N 122 
MMP C48   H481   sing N N 123 
MMP C48   H482   sing N N 124 
MMP C49   O41    sing N N 125 
MMP C49   O42    doub N N 126 
MMP O41   HO41   sing N N 127 
U   OP3   P      sing N N 128 
U   OP3   HOP3   sing N N 129 
U   P     OP1    doub N N 130 
U   P     OP2    sing N N 131 
U   P     "O5'"  sing N N 132 
U   OP2   HOP2   sing N N 133 
U   "O5'" "C5'"  sing N N 134 
U   "C5'" "C4'"  sing N N 135 
U   "C5'" "H5'"  sing N N 136 
U   "C5'" "H5''" sing N N 137 
U   "C4'" "O4'"  sing N N 138 
U   "C4'" "C3'"  sing N N 139 
U   "C4'" "H4'"  sing N N 140 
U   "O4'" "C1'"  sing N N 141 
U   "C3'" "O3'"  sing N N 142 
U   "C3'" "C2'"  sing N N 143 
U   "C3'" "H3'"  sing N N 144 
U   "O3'" "HO3'" sing N N 145 
U   "C2'" "O2'"  sing N N 146 
U   "C2'" "C1'"  sing N N 147 
U   "C2'" "H2'"  sing N N 148 
U   "O2'" "HO2'" sing N N 149 
U   "C1'" N1     sing N N 150 
U   "C1'" "H1'"  sing N N 151 
U   N1    C2     sing N N 152 
U   N1    C6     sing N N 153 
U   C2    O2     doub N N 154 
U   C2    N3     sing N N 155 
U   N3    C4     sing N N 156 
U   N3    H3     sing N N 157 
U   C4    O4     doub N N 158 
U   C4    C5     sing N N 159 
U   C5    C6     doub N N 160 
U   C5    H5     sing N N 161 
U   C6    H6     sing N N 162 
# 
loop_
_ndb_struct_conf_na.entry_id 
_ndb_struct_conf_na.feature 
7MKT 'double helix'    
7MKT 'quadruple helix' 
# 
loop_
_ndb_struct_na_base_pair.model_number 
_ndb_struct_na_base_pair.i_label_asym_id 
_ndb_struct_na_base_pair.i_label_comp_id 
_ndb_struct_na_base_pair.i_label_seq_id 
_ndb_struct_na_base_pair.i_symmetry 
_ndb_struct_na_base_pair.j_label_asym_id 
_ndb_struct_na_base_pair.j_label_comp_id 
_ndb_struct_na_base_pair.j_label_seq_id 
_ndb_struct_na_base_pair.j_symmetry 
_ndb_struct_na_base_pair.shear 
_ndb_struct_na_base_pair.stretch 
_ndb_struct_na_base_pair.stagger 
_ndb_struct_na_base_pair.buckle 
_ndb_struct_na_base_pair.propeller 
_ndb_struct_na_base_pair.opening 
_ndb_struct_na_base_pair.pair_number 
_ndb_struct_na_base_pair.pair_name 
_ndb_struct_na_base_pair.i_auth_asym_id 
_ndb_struct_na_base_pair.i_auth_seq_id 
_ndb_struct_na_base_pair.i_PDB_ins_code 
_ndb_struct_na_base_pair.j_auth_asym_id 
_ndb_struct_na_base_pair.j_auth_seq_id 
_ndb_struct_na_base_pair.j_PDB_ins_code 
_ndb_struct_na_base_pair.hbond_type_28 
_ndb_struct_na_base_pair.hbond_type_12 
1 A U 16 1_555 A U 22 1_555 -0.449 -2.850 -0.106 -6.716 1.228 93.278  1 A_U16:U22_A A 16 ? A 22 ? ? ? 
1 A G 17 1_555 A G 23 1_555 2.042  3.310  0.078  -5.143 4.433 -85.513 2 A_G17:G23_A A 17 ? A 23 ? 6 3 
1 A G 21 1_555 A G 3  1_555 1.720  3.634  0.369  3.106  1.614 -87.602 3 A_G21:G3_A  A 21 ? A 3  ? 6 3 
1 A G 15 1_555 A G 9  1_555 -1.229 -3.883 -0.081 0.276  1.655 90.459  4 A_G15:G9_A  A 15 ? A 9  ? 6 3 
1 A G 19 1_555 A G 1  1_555 -1.691 -3.542 -0.204 -1.285 1.827 88.276  5 A_G19:G1_A  A 19 ? A 1  ? 6 3 
1 A G 13 1_555 A G 7  1_555 1.416  3.686  -0.013 -1.216 1.289 -91.560 6 A_G13:G7_A  A 13 ? A 7  ? 6 3 
# 
loop_
_ndb_struct_na_base_pair_step.model_number 
_ndb_struct_na_base_pair_step.i_label_asym_id_1 
_ndb_struct_na_base_pair_step.i_label_comp_id_1 
_ndb_struct_na_base_pair_step.i_label_seq_id_1 
_ndb_struct_na_base_pair_step.i_symmetry_1 
_ndb_struct_na_base_pair_step.j_label_asym_id_1 
_ndb_struct_na_base_pair_step.j_label_comp_id_1 
_ndb_struct_na_base_pair_step.j_label_seq_id_1 
_ndb_struct_na_base_pair_step.j_symmetry_1 
_ndb_struct_na_base_pair_step.i_label_asym_id_2 
_ndb_struct_na_base_pair_step.i_label_comp_id_2 
_ndb_struct_na_base_pair_step.i_label_seq_id_2 
_ndb_struct_na_base_pair_step.i_symmetry_2 
_ndb_struct_na_base_pair_step.j_label_asym_id_2 
_ndb_struct_na_base_pair_step.j_label_comp_id_2 
_ndb_struct_na_base_pair_step.j_label_seq_id_2 
_ndb_struct_na_base_pair_step.j_symmetry_2 
_ndb_struct_na_base_pair_step.shift 
_ndb_struct_na_base_pair_step.slide 
_ndb_struct_na_base_pair_step.rise 
_ndb_struct_na_base_pair_step.tilt 
_ndb_struct_na_base_pair_step.roll 
_ndb_struct_na_base_pair_step.twist 
_ndb_struct_na_base_pair_step.x_displacement 
_ndb_struct_na_base_pair_step.y_displacement 
_ndb_struct_na_base_pair_step.helical_rise 
_ndb_struct_na_base_pair_step.inclination 
_ndb_struct_na_base_pair_step.tip 
_ndb_struct_na_base_pair_step.helical_twist 
_ndb_struct_na_base_pair_step.step_number 
_ndb_struct_na_base_pair_step.step_name 
_ndb_struct_na_base_pair_step.i_auth_asym_id_1 
_ndb_struct_na_base_pair_step.i_auth_seq_id_1 
_ndb_struct_na_base_pair_step.i_PDB_ins_code_1 
_ndb_struct_na_base_pair_step.j_auth_asym_id_1 
_ndb_struct_na_base_pair_step.j_auth_seq_id_1 
_ndb_struct_na_base_pair_step.j_PDB_ins_code_1 
_ndb_struct_na_base_pair_step.i_auth_asym_id_2 
_ndb_struct_na_base_pair_step.i_auth_seq_id_2 
_ndb_struct_na_base_pair_step.i_PDB_ins_code_2 
_ndb_struct_na_base_pair_step.j_auth_asym_id_2 
_ndb_struct_na_base_pair_step.j_auth_seq_id_2 
_ndb_struct_na_base_pair_step.j_PDB_ins_code_2 
1 A U 16 1_555 A U 22 1_555 A G 17 1_555 A G 23 1_555 2.434  2.454  2.128  -55.404  165.364 -63.126 -1.737 1.047 -0.209 -83.947 
-28.126 -175.228 1 AA_U16G17:G23U22_AA A 16 ? A 22 ? A 17 ? A 23 ? 
1 A G 17 1_555 A G 23 1_555 A G 21 1_555 A G 3  1_555 -0.529 -1.208 3.209  -0.941   3.036   33.440  -2.571 0.766 3.104  5.262   
1.631   33.587   2 AA_G17G21:G3G23_AA  A 17 ? A 23 ? A 21 ? A 3  ? 
1 A G 21 1_555 A G 3  1_555 A G 15 1_555 A G 9  1_555 -1.178 -3.848 0.243  -0.425   -3.870  177.301 -1.924 0.589 0.246  -1.935  
0.213   177.303  3 AA_G21G15:G9G3_AA   A 21 ? A 3  ? A 15 ? A 9  ? 
1 A G 15 1_555 A G 9  1_555 A G 19 1_555 A G 1  1_555 0.987  -3.222 -3.176 -148.256 -98.826 43.494  -2.261 0.481 -0.280 -49.732 
74.606  178.305  4 AA_G15G19:G1G9_AA   A 15 ? A 9  ? A 19 ? A 1  ? 
1 A G 19 1_555 A G 1  1_555 A G 13 1_555 A G 7  1_555 -1.385 -3.648 -0.070 0.457    -0.221  177.555 -1.824 0.693 -0.070 -0.111  
-0.229  177.555  5 AA_G19G13:G7G1_AA   A 19 ? A 1  ? A 13 ? A 7  ? 
# 
_pdbx_audit_support.funding_organization   
'National Institutes of Health/National Institute of General Medical Sciences (NIH/NIGMS)' 
_pdbx_audit_support.country                'United States' 
_pdbx_audit_support.grant_number           ? 
_pdbx_audit_support.ordinal                1 
# 
loop_
_pdbx_entity_instance_feature.ordinal 
_pdbx_entity_instance_feature.comp_id 
_pdbx_entity_instance_feature.asym_id 
_pdbx_entity_instance_feature.seq_num 
_pdbx_entity_instance_feature.auth_comp_id 
_pdbx_entity_instance_feature.auth_asym_id 
_pdbx_entity_instance_feature.auth_seq_num 
_pdbx_entity_instance_feature.feature_type 
_pdbx_entity_instance_feature.details 
1 MMP ? ? MMP ? ? 'SUBJECT OF INVESTIGATION' ? 
2 K   ? ? K   ? ? 'SUBJECT OF INVESTIGATION' ? 
# 
loop_
_pdbx_reflns_twin.domain_id 
_pdbx_reflns_twin.crystal_id 
_pdbx_reflns_twin.diffrn_id 
_pdbx_reflns_twin.type 
_pdbx_reflns_twin.operator 
_pdbx_reflns_twin.fraction 
1 1 1 ? 'H, K, L'    0.239 
2 1 1 ? 'K, H, -L'   0.250 
3 1 1 ? '-K, -H, -L' 0.242 
4 1 1 ? -h,-k,l      0.269 
# 
_atom_sites.entry_id                    7MKT 
_atom_sites.Cartn_transf_matrix[1][1]   ? 
_atom_sites.Cartn_transf_matrix[1][2]   ? 
_atom_sites.Cartn_transf_matrix[1][3]   ? 
_atom_sites.Cartn_transf_matrix[2][1]   ? 
_atom_sites.Cartn_transf_matrix[2][2]   ? 
_atom_sites.Cartn_transf_matrix[2][3]   ? 
_atom_sites.Cartn_transf_matrix[3][1]   ? 
_atom_sites.Cartn_transf_matrix[3][2]   ? 
_atom_sites.Cartn_transf_matrix[3][3]   ? 
_atom_sites.Cartn_transf_vector[1]      ? 
_atom_sites.Cartn_transf_vector[2]      ? 
_atom_sites.Cartn_transf_vector[3]      ? 
_atom_sites.fract_transf_matrix[1][1]   -0.00015252 
_atom_sites.fract_transf_matrix[1][2]   -0.01196537 
_atom_sites.fract_transf_matrix[1][3]   0.02027513 
_atom_sites.fract_transf_matrix[2][1]   0.00597472 
_atom_sites.fract_transf_matrix[2][2]   0.01958849 
_atom_sites.fract_transf_matrix[2][3]   0.01160510 
_atom_sites.fract_transf_matrix[3][1]   -0.04476477 
_atom_sites.fract_transf_matrix[3][2]   0.01022542 
_atom_sites.fract_transf_matrix[3][3]   0.00578681 
_atom_sites.fract_transf_vector[1]      0.265828 
_atom_sites.fract_transf_vector[2]      -0.007189 
_atom_sites.fract_transf_vector[3]      0.134602 
_atom_sites.solution_primary            ? 
_atom_sites.solution_secondary          ? 
_atom_sites.solution_hydrogens          ? 
_atom_sites.special_details             ? 
# 
loop_
_atom_type.symbol 
C 
H 
K 
N 
O 
P 
# 
loop_
_atom_site.group_PDB 
_atom_site.id 
_atom_site.type_symbol 
_atom_site.label_atom_id 
_atom_site.label_alt_id 
_atom_site.label_comp_id 
_atom_site.label_asym_id 
_atom_site.label_entity_id 
_atom_site.label_seq_id 
_atom_site.pdbx_PDB_ins_code 
_atom_site.Cartn_x 
_atom_site.Cartn_y 
_atom_site.Cartn_z 
_atom_site.occupancy 
_atom_site.B_iso_or_equiv 
_atom_site.pdbx_formal_charge 
_atom_site.auth_seq_id 
_atom_site.auth_comp_id 
_atom_site.auth_asym_id 
_atom_site.auth_atom_id 
_atom_site.pdbx_PDB_model_num 
ATOM   1   O "O5'"  . G   A 1 1  ? 1.213   2.518   -8.914  1.00 69.16  ?  1   G   A "O5'"  1 
ATOM   2   C "C5'"  . G   A 1 1  ? 2.333   3.070   -9.650  1.00 66.26  ?  1   G   A "C5'"  1 
ATOM   3   C "C4'"  . G   A 1 1  ? 2.653   4.452   -9.133  1.00 66.69  ?  1   G   A "C4'"  1 
ATOM   4   O "O4'"  . G   A 1 1  ? 2.375   4.517   -7.709  1.00 66.71  ?  1   G   A "O4'"  1 
ATOM   5   C "C3'"  . G   A 1 1  ? 4.117   4.888   -9.291  1.00 68.89  ?  1   G   A "C3'"  1 
ATOM   6   O "O3'"  . G   A 1 1  ? 4.223   6.259   -9.658  1.00 75.54  ?  1   G   A "O3'"  1 
ATOM   7   C "C2'"  . G   A 1 1  ? 4.703   4.624   -7.902  1.00 64.26  ?  1   G   A "C2'"  1 
ATOM   8   O "O2'"  . G   A 1 1  ? 5.801   5.460   -7.611  1.00 62.92  ?  1   G   A "O2'"  1 
ATOM   9   C "C1'"  . G   A 1 1  ? 3.516   4.966   -7.013  1.00 63.53  ?  1   G   A "C1'"  1 
ATOM   10  N N9     . G   A 1 1  ? 3.553   4.330   -5.699  1.00 59.52  ?  1   G   A N9     1 
ATOM   11  C C8     . G   A 1 1  ? 3.818   4.951   -4.504  1.00 59.10  ?  1   G   A C8     1 
ATOM   12  N N7     . G   A 1 1  ? 3.759   4.146   -3.472  1.00 57.69  ?  1   G   A N7     1 
ATOM   13  C C5     . G   A 1 1  ? 3.443   2.913   -4.026  1.00 57.20  ?  1   G   A C5     1 
ATOM   14  C C6     . G   A 1 1  ? 3.248   1.660   -3.395  1.00 54.58  ?  1   G   A C6     1 
ATOM   15  O O6     . G   A 1 1  ? 3.331   1.386   -2.191  1.00 56.86  ?  1   G   A O6     1 
ATOM   16  N N1     . G   A 1 1  ? 2.933   0.663   -4.322  1.00 55.63  ?  1   G   A N1     1 
ATOM   17  C C2     . G   A 1 1  ? 2.820   0.847   -5.678  1.00 56.99  ?  1   G   A C2     1 
ATOM   18  N N2     . G   A 1 1  ? 2.522   -0.238  -6.407  1.00 55.40  ?  1   G   A N2     1 
ATOM   19  N N3     . G   A 1 1  ? 3.003   2.024   -6.277  1.00 58.56  ?  1   G   A N3     1 
ATOM   20  C C4     . G   A 1 1  ? 3.316   3.008   -5.395  1.00 57.21  ?  1   G   A C4     1 
ATOM   21  H "H5'"  . G   A 1 1  ? 2.109   3.120   -10.613 1.00 67.05  ?  1   G   A "H5'"  1 
ATOM   22  H "H5''" . G   A 1 1  ? 3.124   2.485   -9.543  1.00 67.06  ?  1   G   A "H5''" 1 
ATOM   23  H "H4'"  . G   A 1 1  ? 2.074   5.094   -9.598  1.00 67.06  ?  1   G   A "H4'"  1 
ATOM   24  H "H3'"  . G   A 1 1  ? 4.565   4.315   -9.966  1.00 68.79  ?  1   G   A "H3'"  1 
ATOM   25  H "H2'"  . G   A 1 1  ? 4.955   3.669   -7.802  1.00 64.72  ?  1   G   A "H2'"  1 
ATOM   26  H "HO2'" . G   A 1 1  ? 6.047   5.319   -6.700  0.00 30.00  ?  1   G   A "HO2'" 1 
ATOM   27  H "H1'"  . G   A 1 1  ? 3.473   5.941   -6.903  1.00 63.48  ?  1   G   A "H1'"  1 
ATOM   28  H H8     . G   A 1 1  ? 4.013   5.868   -4.431  1.00 58.75  ?  1   G   A H8     1 
ATOM   29  H H1     . G   A 1 1  ? 2.806   -0.161  -4.011  1.00 55.95  ?  1   G   A H1     1 
ATOM   30  H H21    . G   A 1 1  ? 1.981   -0.847  -6.082  1.00 55.88  ?  1   G   A H21    1 
ATOM   31  H H22    . G   A 1 1  ? 2.871   -0.338  -7.205  1.00 55.89  ?  1   G   A H22    1 
ATOM   32  H "HO5'" . G   A 1 1  ? 0.357   3.004   -8.894  1.00 68.26  ?  1   G   A "HO5'" 1 
ATOM   33  P P      . U   A 1 2  ? 5.074   6.688   -10.950 1.00 79.19  ?  2   U   A P      1 
ATOM   34  O OP1    . U   A 1 2  ? 4.183   6.598   -12.132 1.00 78.34  -1 2   U   A OP1    1 
ATOM   35  O OP2    . U   A 1 2  ? 6.362   5.944   -10.933 1.00 77.39  ?  2   U   A OP2    1 
ATOM   36  O "O5'"  . U   A 1 2  ? 5.389   8.228   -10.691 1.00 76.90  ?  2   U   A "O5'"  1 
ATOM   37  C "C5'"  . U   A 1 2  ? 6.227   8.661   -9.604  1.00 77.64  ?  2   U   A "C5'"  1 
ATOM   38  C "C4'"  . U   A 1 2  ? 5.509   9.704   -8.778  1.00 76.58  ?  2   U   A "C4'"  1 
ATOM   39  O "O4'"  . U   A 1 2  ? 4.974   10.738  -9.654  1.00 76.96  ?  2   U   A "O4'"  1 
ATOM   40  C "C3'"  . U   A 1 2  ? 4.320   9.193   -7.965  1.00 74.61  ?  2   U   A "C3'"  1 
ATOM   41  O "O3'"  . U   A 1 2  ? 4.165   9.874   -6.721  1.00 67.87  ?  2   U   A "O3'"  1 
ATOM   42  C "C2'"  . U   A 1 2  ? 3.138   9.547   -8.860  1.00 76.52  ?  2   U   A "C2'"  1 
ATOM   43  O "O2'"  . U   A 1 2  ? 1.907   9.636   -8.172  1.00 76.76  ?  2   U   A "O2'"  1 
ATOM   44  C "C1'"  . U   A 1 2  ? 3.595   10.903  -9.389  1.00 79.81  ?  2   U   A "C1'"  1 
ATOM   45  N N1     . U   A 1 2  ? 2.929   11.389  -10.608 1.00 81.09  ?  2   U   A N1     1 
ATOM   46  C C2     . U   A 1 2  ? 3.160   10.726  -11.800 1.00 84.62  ?  2   U   A C2     1 
ATOM   47  O O2     . U   A 1 2  ? 3.876   9.744   -11.886 1.00 92.17  ?  2   U   A O2     1 
ATOM   48  N N3     . U   A 1 2  ? 2.517   11.259  -12.890 1.00 84.29  ?  2   U   A N3     1 
ATOM   49  C C4     . U   A 1 2  ? 1.686   12.359  -12.912 1.00 85.39  ?  2   U   A C4     1 
ATOM   50  O O4     . U   A 1 2  ? 1.177   12.714  -13.978 1.00 88.96  ?  2   U   A O4     1 
ATOM   51  C C5     . U   A 1 2  ? 1.503   12.992  -11.643 1.00 82.23  ?  2   U   A C5     1 
ATOM   52  C C6     . U   A 1 2  ? 2.114   12.498  -10.561 1.00 81.46  ?  2   U   A C6     1 
ATOM   53  H "H5'"  . U   A 1 2  ? 7.153   9.083   -10.001 1.00 77.22  ?  2   U   A "H5'"  1 
ATOM   54  H "H5''" . U   A 1 2  ? 6.488   7.811   -8.971  1.00 77.22  ?  2   U   A "H5''" 1 
ATOM   55  H "H4'"  . U   A 1 2  ? 6.242   10.171  -8.110  1.00 76.42  ?  2   U   A "H4'"  1 
ATOM   56  H "H3'"  . U   A 1 2  ? 4.385   8.105   -7.827  1.00 73.98  ?  2   U   A "H3'"  1 
ATOM   57  H "H2'"  . U   A 1 2  ? 3.066   8.818   -9.679  1.00 76.83  ?  2   U   A "H2'"  1 
ATOM   58  H "HO2'" . U   A 1 2  ? 1.242   9.488   -8.910  0.00 30.00  ?  2   U   A "HO2'" 1 
ATOM   59  H "H1'"  . U   A 1 2  ? 3.477   11.641  -8.585  1.00 78.85  ?  2   U   A "H1'"  1 
ATOM   60  H H3     . U   A 1 2  ? 2.668   10.774  -13.798 1.00 84.53  ?  2   U   A H3     1 
ATOM   61  H H5     . U   A 1 2  ? 0.868   13.866  -11.557 1.00 82.91  ?  2   U   A H5     1 
ATOM   62  H H6     . U   A 1 2  ? 1.965   13.000  -9.615  1.00 81.83  ?  2   U   A H6     1 
ATOM   63  P P      . G   A 1 3  ? 5.197   9.628   -5.509  1.00 68.69  ?  3   G   A P      1 
ATOM   64  O OP1    . G   A 1 3  ? 5.213   10.858  -4.624  1.00 66.71  -1 3   G   A OP1    1 
ATOM   65  O OP2    . G   A 1 3  ? 6.545   9.214   -6.069  1.00 63.89  ?  3   G   A OP2    1 
ATOM   66  O "O5'"  . G   A 1 3  ? 4.556   8.392   -4.690  1.00 64.52  ?  3   G   A "O5'"  1 
ATOM   67  C "C5'"  . G   A 1 3  ? 3.367   8.608   -3.887  1.00 68.70  ?  3   G   A "C5'"  1 
ATOM   68  C "C4'"  . G   A 1 3  ? 2.143   8.496   -4.762  1.00 66.61  ?  3   G   A "C4'"  1 
ATOM   69  O "O4'"  . G   A 1 3  ? 2.036   7.144   -5.267  1.00 65.82  ?  3   G   A "O4'"  1 
ATOM   70  C "C3'"  . G   A 1 3  ? 0.797   8.752   -4.079  1.00 68.60  ?  3   G   A "C3'"  1 
ATOM   71  O "O3'"  . G   A 1 3  ? 0.489   10.142  -4.098  1.00 67.70  ?  3   G   A "O3'"  1 
ATOM   72  C "C2'"  . G   A 1 3  ? -0.183  7.941   -4.933  1.00 65.49  ?  3   G   A "C2'"  1 
ATOM   73  O "O2'"  . G   A 1 3  ? -0.780  8.712   -5.955  1.00 64.79  ?  3   G   A "O2'"  1 
ATOM   74  C "C1'"  . G   A 1 3  ? 0.686   6.828   -5.519  1.00 63.56  ?  3   G   A "C1'"  1 
ATOM   75  N N9     . G   A 1 3  ? 0.405   5.521   -4.938  1.00 60.80  ?  3   G   A N9     1 
ATOM   76  C C8     . G   A 1 3  ? -0.044  4.412   -5.608  1.00 57.59  ?  3   G   A C8     1 
ATOM   77  N N7     . G   A 1 3  ? -0.215  3.372   -4.831  1.00 54.31  ?  3   G   A N7     1 
ATOM   78  C C5     . G   A 1 3  ? 0.145   3.826   -3.567  1.00 57.52  ?  3   G   A C5     1 
ATOM   79  C C6     . G   A 1 3  ? 0.153   3.147   -2.324  1.00 55.10  ?  3   G   A C6     1 
ATOM   80  O O6     . G   A 1 3  ? -0.159  1.970   -2.090  1.00 52.52  ?  3   G   A O6     1 
ATOM   81  N N1     . G   A 1 3  ? 0.564   3.984   -1.287  1.00 55.31  ?  3   G   A N1     1 
ATOM   82  C C2     . G   A 1 3  ? 0.930   5.300   -1.427  1.00 60.03  ?  3   G   A C2     1 
ATOM   83  N N2     . G   A 1 3  ? 1.303   5.940   -0.310  1.00 61.57  ?  3   G   A N2     1 
ATOM   84  N N3     . G   A 1 3  ? 0.921   5.944   -2.592  1.00 56.62  ?  3   G   A N3     1 
ATOM   85  C C4     . G   A 1 3  ? 0.513   5.153   -3.614  1.00 56.95  ?  3   G   A C4     1 
ATOM   86  H "H5'"  . G   A 1 3  ? 3.397   9.503   -3.471  1.00 67.19  ?  3   G   A "H5'"  1 
ATOM   87  H "H5''" . G   A 1 3  ? 3.323   7.930   -3.167  1.00 67.19  ?  3   G   A "H5''" 1 
ATOM   88  H "H4'"  . G   A 1 3  ? 2.246   9.107   -5.515  1.00 67.22  ?  3   G   A "H4'"  1 
ATOM   89  H "H3'"  . G   A 1 3  ? 0.813   8.411   -3.151  1.00 67.44  ?  3   G   A "H3'"  1 
ATOM   90  H "H2'"  . G   A 1 3  ? -0.892  7.549   -4.359  1.00 65.54  ?  3   G   A "H2'"  1 
ATOM   91  H "HO2'" . G   A 1 3  ? -1.085  8.171   -6.450  0.00 30.00  ?  3   G   A "HO2'" 1 
ATOM   92  H "H1'"  . G   A 1 3  ? 0.535   6.789   -6.490  1.00 63.80  ?  3   G   A "H1'"  1 
ATOM   93  H H8     . G   A 1 3  ? -0.198  4.396   -6.538  1.00 57.54  ?  3   G   A H8     1 
ATOM   94  H H1     . G   A 1 3  ? 0.602   3.631   -0.465  1.00 56.50  ?  3   G   A H1     1 
ATOM   95  H H21    . G   A 1 3  ? 1.780   5.522   0.296   1.00 61.02  ?  3   G   A H21    1 
ATOM   96  H H22    . G   A 1 3  ? 1.067   6.776   -0.187  1.00 61.02  ?  3   G   A H22    1 
ATOM   97  P P      . U   A 1 4  ? -0.212  10.839  -2.830  1.00 74.16  ?  4   U   A P      1 
ATOM   98  O OP1    . U   A 1 4  ? 0.083   12.293  -2.883  1.00 72.88  ?  4   U   A OP1    1 
ATOM   99  O OP2    . U   A 1 4  ? 0.157   10.067  -1.616  1.00 69.87  -1 4   U   A OP2    1 
ATOM   100 O "O5'"  . U   A 1 4  ? -1.766  10.660  -3.133  1.00 72.80  ?  4   U   A "O5'"  1 
ATOM   101 C "C5'"  . U   A 1 4  ? -2.509  9.598   -2.521  1.00 70.02  ?  4   U   A "C5'"  1 
ATOM   102 C "C4'"  . U   A 1 4  ? -3.982  9.711   -2.832  1.00 70.82  ?  4   U   A "C4'"  1 
ATOM   103 O "O4'"  . U   A 1 4  ? -4.497  8.380   -3.080  1.00 68.59  ?  4   U   A "O4'"  1 
ATOM   104 C "C3'"  . U   A 1 4  ? -4.839  10.279  -1.709  1.00 71.35  ?  4   U   A "C3'"  1 
ATOM   105 O "O3'"  . U   A 1 4  ? -4.957  11.696  -1.805  1.00 74.96  ?  4   U   A "O3'"  1 
ATOM   106 C "C2'"  . U   A 1 4  ? -6.188  9.597   -1.917  1.00 69.93  ?  4   U   A "C2'"  1 
ATOM   107 O "O2'"  . U   A 1 4  ? -7.054  10.276  -2.805  1.00 71.17  ?  4   U   A "O2'"  1 
ATOM   108 C "C1'"  . U   A 1 4  ? -5.777  8.242   -2.498  1.00 67.39  ?  4   U   A "C1'"  1 
ATOM   109 N N1     . U   A 1 4  ? -5.740  7.128   -1.537  1.00 63.86  ?  4   U   A N1     1 
ATOM   110 C C2     . U   A 1 4  ? -5.951  5.859   -2.038  1.00 62.25  ?  4   U   A C2     1 
ATOM   111 O O2     . U   A 1 4  ? -6.146  5.638   -3.219  1.00 58.44  ?  4   U   A O2     1 
ATOM   112 N N3     . U   A 1 4  ? -5.921  4.856   -1.101  1.00 65.78  ?  4   U   A N3     1 
ATOM   113 C C4     . U   A 1 4  ? -5.717  4.987   0.255   1.00 63.55  ?  4   U   A C4     1 
ATOM   114 O O4     . U   A 1 4  ? -5.722  3.982   0.969   1.00 63.78  ?  4   U   A O4     1 
ATOM   115 C C5     . U   A 1 4  ? -5.504  6.330   0.699   1.00 65.66  ?  4   U   A C5     1 
ATOM   116 C C6     . U   A 1 4  ? -5.529  7.332   -0.190  1.00 63.45  ?  4   U   A C6     1 
ATOM   117 H "H5'"  . U   A 1 4  ? -2.368  9.644   -1.442  1.00 70.77  ?  4   U   A "H5'"  1 
ATOM   118 H "H5''" . U   A 1 4  ? -2.132  8.637   -2.874  1.00 70.79  ?  4   U   A "H5''" 1 
ATOM   119 H "H4'"  . U   A 1 4  ? -4.110  10.336  -3.728  1.00 70.34  ?  4   U   A "H4'"  1 
ATOM   120 H "H3'"  . U   A 1 4  ? -4.422  9.966   -0.745  1.00 71.63  ?  4   U   A "H3'"  1 
ATOM   121 H "H2'"  . U   A 1 4  ? -6.693  9.467   -0.951  1.00 69.89  ?  4   U   A "H2'"  1 
ATOM   122 H "HO2'" . U   A 1 4  ? -7.907  9.333   -2.542  0.00 30.00  ?  4   U   A "HO2'" 1 
ATOM   123 H "H1'"  . U   A 1 4  ? -6.498  8.010   -3.294  1.00 67.36  ?  4   U   A "H1'"  1 
ATOM   124 H H3     . U   A 1 4  ? -6.084  3.904   -1.471  1.00 64.37  ?  4   U   A H3     1 
ATOM   125 H H5     . U   A 1 4  ? -5.332  6.536   1.747   1.00 64.57  ?  4   U   A H5     1 
ATOM   126 H H6     . U   A 1 4  ? -5.365  8.327   0.194   1.00 64.10  ?  4   U   A H6     1 
ATOM   127 P P      . G   A 1 5  ? -4.969  12.607  -0.482  1.00 76.32  ?  5   G   A P      1 
ATOM   128 O OP1    . G   A 1 5  ? -6.401  12.840  -0.056  1.00 77.03  ?  5   G   A OP1    1 
ATOM   129 O OP2    . G   A 1 5  ? -4.157  13.864  -0.744  1.00 75.03  -1 5   G   A OP2    1 
ATOM   130 O "O5'"  . G   A 1 5  ? -4.226  11.704  0.644   1.00 76.02  ?  5   G   A "O5'"  1 
ATOM   131 C "C5'"  . G   A 1 5  ? -2.776  11.695  0.694   1.00 71.92  ?  5   G   A "C5'"  1 
ATOM   132 C "C4'"  . G   A 1 5  ? -2.304  10.852  1.855   1.00 64.51  ?  5   G   A "C4'"  1 
ATOM   133 O "O4'"  . G   A 1 5  ? -2.708  9.473   1.658   1.00 64.58  ?  5   G   A "O4'"  1 
ATOM   134 C "C3'"  . G   A 1 5  ? -0.783  10.802  2.057   1.00 64.31  ?  5   G   A "C3'"  1 
ATOM   135 O "O3'"  . G   A 1 5  ? -0.458  10.885  3.437   1.00 64.88  ?  5   G   A "O3'"  1 
ATOM   136 C "C2'"  . G   A 1 5  ? -0.395  9.446   1.465   1.00 61.51  ?  5   G   A "C2'"  1 
ATOM   137 O "O2'"  . G   A 1 5  ? 0.823   8.956   1.983   1.00 59.27  ?  5   G   A "O2'"  1 
ATOM   138 C "C1'"  . G   A 1 5  ? -1.603  8.632   1.904   1.00 60.51  ?  5   G   A "C1'"  1 
ATOM   139 N N9     . G   A 1 5  ? -1.802  7.387   1.178   1.00 56.21  ?  5   G   A N9     1 
ATOM   140 C C8     . G   A 1 5  ? -1.833  7.208   -0.180  1.00 53.91  ?  5   G   A C8     1 
ATOM   141 N N7     . G   A 1 5  ? -2.069  5.970   -0.537  1.00 53.88  ?  5   G   A N7     1 
ATOM   142 C C5     . G   A 1 5  ? -2.191  5.292   0.666   1.00 52.87  ?  5   G   A C5     1 
ATOM   143 C C6     . G   A 1 5  ? -2.456  3.928   0.915   1.00 52.68  ?  5   G   A C6     1 
ATOM   144 O O6     . G   A 1 5  ? -2.616  3.014   0.089   1.00 58.35  ?  5   G   A O6     1 
ATOM   145 N N1     . G   A 1 5  ? -2.508  3.658   2.283   1.00 52.72  ?  5   G   A N1     1 
ATOM   146 C C2     . G   A 1 5  ? -2.354  4.587   3.281   1.00 52.51  ?  5   G   A C2     1 
ATOM   147 N N2     . G   A 1 5  ? -2.438  4.134   4.538   1.00 58.62  ?  5   G   A N2     1 
ATOM   148 N N3     . G   A 1 5  ? -2.119  5.877   3.054   1.00 53.61  ?  5   G   A N3     1 
ATOM   149 C C4     . G   A 1 5  ? -2.047  6.154   1.729   1.00 51.68  ?  5   G   A C4     1 
ATOM   150 H "H5'"  . G   A 1 5  ? -2.439  12.619  0.800   1.00 71.01  ?  5   G   A "H5'"  1 
ATOM   151 H "H5''" . G   A 1 5  ? -2.415  11.329  -0.149  1.00 71.01  ?  5   G   A "H5''" 1 
ATOM   152 H "H4'"  . G   A 1 5  ? -2.728  11.192  2.671   1.00 65.87  ?  5   G   A "H4'"  1 
ATOM   153 H "H3'"  . G   A 1 5  ? -0.345  11.535  1.551   1.00 63.98  ?  5   G   A "H3'"  1 
ATOM   154 H "H2'"  . G   A 1 5  ? -0.353  9.497   0.478   1.00 61.42  ?  5   G   A "H2'"  1 
ATOM   155 H "HO2'" . G   A 1 5  ? 0.956   7.989   1.693   0.00 30.00  ?  5   G   A "HO2'" 1 
ATOM   156 H "H1'"  . G   A 1 5  ? -1.532  8.448   2.868   1.00 60.59  ?  5   G   A "H1'"  1 
ATOM   157 H H8     . G   A 1 5  ? -1.698  7.904   -0.792  1.00 54.59  ?  5   G   A H8     1 
ATOM   158 H H1     . G   A 1 5  ? -2.669  2.818   2.534   1.00 52.98  ?  5   G   A H1     1 
ATOM   159 H H21    . G   A 1 5  ? -2.087  3.359   4.747   1.00 56.63  ?  5   G   A H21    1 
ATOM   160 H H22    . G   A 1 5  ? -2.837  4.618   5.152   1.00 56.65  ?  5   G   A H22    1 
ATOM   161 P P      . U   A 1 6  ? -0.185  12.310  4.095   1.00 77.27  ?  6   U   A P      1 
ATOM   162 O OP1    . U   A 1 6  ? 0.351   12.090  5.461   1.00 69.78  ?  6   U   A OP1    1 
ATOM   163 O OP2    . U   A 1 6  ? -1.400  13.136  3.911   1.00 73.76  -1 6   U   A OP2    1 
ATOM   164 O "O5'"  . U   A 1 6  ? 0.965   12.902  3.161   1.00 77.56  ?  6   U   A "O5'"  1 
ATOM   165 C "C5'"  . U   A 1 6  ? 1.954   13.816  3.668   1.00 81.72  ?  6   U   A "C5'"  1 
ATOM   166 C "C4'"  . U   A 1 6  ? 3.345   13.254  3.483   1.00 85.25  ?  6   U   A "C4'"  1 
ATOM   167 O "O4'"  . U   A 1 6  ? 4.233   13.852  4.470   1.00 89.79  ?  6   U   A "O4'"  1 
ATOM   168 C "C3'"  . U   A 1 6  ? 3.501   11.753  3.684   1.00 85.80  ?  6   U   A "C3'"  1 
ATOM   169 O "O3'"  . U   A 1 6  ? 4.667   11.341  2.981   1.00 84.21  ?  6   U   A "O3'"  1 
ATOM   170 C "C2'"  . U   A 1 6  ? 3.735   11.659  5.186   1.00 89.69  ?  6   U   A "C2'"  1 
ATOM   171 O "O2'"  . U   A 1 6  ? 4.341   10.465  5.641   1.00 90.13  ?  6   U   A "O2'"  1 
ATOM   172 C "C1'"  . U   A 1 6  ? 4.649   12.865  5.403   1.00 92.44  ?  6   U   A "C1'"  1 
ATOM   173 N N1     . U   A 1 6  ? 4.583   13.446  6.752   1.00 96.65  ?  6   U   A N1     1 
ATOM   174 C C2     . U   A 1 6  ? 5.746   13.473  7.501   1.00 99.07  ?  6   U   A C2     1 
ATOM   175 O O2     . U   A 1 6  ? 6.807   13.028  7.096   1.00 100.90 ?  6   U   A O2     1 
ATOM   176 N N3     . U   A 1 6  ? 5.618   14.042  8.744   1.00 100.14 ?  6   U   A N3     1 
ATOM   177 C C4     . U   A 1 6  ? 4.477   14.576  9.305   1.00 100.09 ?  6   U   A C4     1 
ATOM   178 O O4     . U   A 1 6  ? 4.523   15.047  10.442  1.00 100.86 ?  6   U   A O4     1 
ATOM   179 C C5     . U   A 1 6  ? 3.317   14.511  8.468   1.00 99.47  ?  6   U   A C5     1 
ATOM   180 C C6     . U   A 1 6  ? 3.408   13.965  7.250   1.00 97.23  ?  6   U   A C6     1 
ATOM   181 H "H5'"  . U   A 1 6  ? 1.772   14.026  4.721   1.00 81.52  ?  6   U   A "H5'"  1 
ATOM   182 H "H5''" . U   A 1 6  ? 1.876   14.763  3.128   1.00 81.51  ?  6   U   A "H5''" 1 
ATOM   183 H "H4'"  . U   A 1 6  ? 3.690   13.509  2.472   1.00 85.49  ?  6   U   A "H4'"  1 
ATOM   184 H "H3'"  . U   A 1 6  ? 2.602   11.198  3.385   1.00 86.03  ?  6   U   A "H3'"  1 
ATOM   185 H "H2'"  . U   A 1 6  ? 2.785   11.819  5.709   1.00 89.49  ?  6   U   A "H2'"  1 
ATOM   186 H "HO2'" . U   A 1 6  ? 4.211   10.540  6.707   0.00 30.00  ?  6   U   A "HO2'" 1 
ATOM   187 H "H1'"  . U   A 1 6  ? 5.673   12.556  5.158   1.00 92.16  ?  6   U   A "H1'"  1 
ATOM   188 H H3     . U   A 1 6  ? 6.478   14.069  9.329   1.00 99.66  ?  6   U   A H3     1 
ATOM   189 H H5     . U   A 1 6  ? 2.371   14.904  8.819   1.00 98.97  ?  6   U   A H5     1 
ATOM   190 H H6     . U   A 1 6  ? 2.519   13.931  6.638   1.00 97.59  ?  6   U   A H6     1 
ATOM   191 P P      . G   A 1 7  ? 4.577   10.238  1.828   1.00 75.00  ?  7   G   A P      1 
ATOM   192 O OP1    . G   A 1 7  ? 5.984   9.774   1.499   1.00 71.96  -1 7   G   A OP1    1 
ATOM   193 O OP2    . G   A 1 7  ? 3.794   10.806  0.661   1.00 81.71  ?  7   G   A OP2    1 
ATOM   194 O "O5'"  . G   A 1 7  ? 3.735   9.038   2.506   1.00 73.59  ?  7   G   A "O5'"  1 
ATOM   195 C "C5'"  . G   A 1 7  ? 4.339   7.724   2.616   1.00 70.82  ?  7   G   A "C5'"  1 
ATOM   196 C "C4'"  . G   A 1 7  ? 4.725   7.466   4.052   1.00 64.76  ?  7   G   A "C4'"  1 
ATOM   197 O "O4'"  . G   A 1 7  ? 4.212   6.168   4.446   1.00 65.12  ?  7   G   A "O4'"  1 
ATOM   198 C "C3'"  . G   A 1 7  ? 6.226   7.378   4.355   1.00 63.77  ?  7   G   A "C3'"  1 
ATOM   199 O "O3'"  . G   A 1 7  ? 6.471   7.592   5.741   1.00 62.67  ?  7   G   A "O3'"  1 
ATOM   200 C "C2'"  . G   A 1 7  ? 6.508   5.923   3.976   1.00 62.62  ?  7   G   A "C2'"  1 
ATOM   201 O "O2'"  . G   A 1 7  ? 7.685   5.412   4.563   1.00 61.35  ?  7   G   A "O2'"  1 
ATOM   202 C "C1'"  . G   A 1 7  ? 5.271   5.243   4.555   1.00 62.42  ?  7   G   A "C1'"  1 
ATOM   203 N N9     . G   A 1 7  ? 4.884   4.014   3.872   1.00 59.88  ?  7   G   A N9     1 
ATOM   204 C C8     . G   A 1 7  ? 4.646   2.807   4.479   1.00 57.88  ?  7   G   A C8     1 
ATOM   205 N N7     . G   A 1 7  ? 4.305   1.861   3.641   1.00 56.92  ?  7   G   A N7     1 
ATOM   206 C C5     . G   A 1 7  ? 4.325   2.482   2.401   1.00 55.94  ?  7   G   A C5     1 
ATOM   207 C C6     . G   A 1 7  ? 4.038   1.951   1.118   1.00 54.87  ?  7   G   A C6     1 
ATOM   208 O O6     . G   A 1 7  ? 3.692   0.799   0.819   1.00 60.06  ?  7   G   A O6     1 
ATOM   209 N N1     . G   A 1 7  ? 4.169   2.917   0.124   1.00 52.06  ?  7   G   A N1     1 
ATOM   210 C C2     . G   A 1 7  ? 4.512   4.230   0.335   1.00 52.49  ?  7   G   A C2     1 
ATOM   211 N N2     . G   A 1 7  ? 4.581   5.000   -0.757  1.00 45.70  ?  7   G   A N2     1 
ATOM   212 N N3     . G   A 1 7  ? 4.790   4.736   1.538   1.00 55.99  ?  7   G   A N3     1 
ATOM   213 C C4     . G   A 1 7  ? 4.674   3.810   2.524   1.00 57.15  ?  7   G   A C4     1 
ATOM   214 H "H5'"  . G   A 1 7  ? 5.140   7.666   2.041   1.00 69.96  ?  7   G   A "H5'"  1 
ATOM   215 H "H5''" . G   A 1 7  ? 3.694   7.037   2.318   1.00 69.90  ?  7   G   A "H5''" 1 
ATOM   216 H "H4'"  . G   A 1 7  ? 4.314   8.155   4.614   1.00 65.83  ?  7   G   A "H4'"  1 
ATOM   217 H "H3'"  . G   A 1 7  ? 6.754   8.005   3.796   1.00 63.54  ?  7   G   A "H3'"  1 
ATOM   218 H "H2'"  . G   A 1 7  ? 6.542   5.822   2.989   1.00 62.55  ?  7   G   A "H2'"  1 
ATOM   219 H "HO2'" . G   A 1 7  ? 7.661   4.522   4.333   0.00 30.00  ?  7   G   A "HO2'" 1 
ATOM   220 H "H1'"  . G   A 1 7  ? 5.437   5.045   5.504   1.00 62.48  ?  7   G   A "H1'"  1 
ATOM   221 H H8     . G   A 1 7  ? 4.725   2.674   5.406   1.00 57.87  ?  7   G   A H8     1 
ATOM   222 H H1     . G   A 1 7  ? 4.000   2.670   -0.715  1.00 53.17  ?  7   G   A H1     1 
ATOM   223 H H21    . G   A 1 7  ? 3.975   4.922   -1.386  1.00 47.72  ?  7   G   A H21    1 
ATOM   224 H H22    . G   A 1 7  ? 5.234   5.579   -0.841  1.00 47.71  ?  7   G   A H22    1 
ATOM   225 P P      . U   A 1 8  ? 7.660   8.552   6.238   1.00 66.07  ?  8   U   A P      1 
ATOM   226 O OP1    . U   A 1 8  ? 7.299   9.949   5.902   1.00 66.85  -1 8   U   A OP1    1 
ATOM   227 O OP2    . U   A 1 8  ? 8.953   7.981   5.765   1.00 61.80  ?  8   U   A OP2    1 
ATOM   228 O "O5'"  . U   A 1 8  ? 7.615   8.359   7.819   1.00 66.92  ?  8   U   A "O5'"  1 
ATOM   229 C "C5'"  . U   A 1 8  ? 7.993   7.100   8.416   1.00 70.91  ?  8   U   A "C5'"  1 
ATOM   230 C "C4'"  . U   A 1 8  ? 6.962   6.625   9.417   1.00 70.44  ?  8   U   A "C4'"  1 
ATOM   231 O "O4'"  . U   A 1 8  ? 6.541   7.727   10.274  1.00 71.89  ?  8   U   A "O4'"  1 
ATOM   232 C "C3'"  . U   A 1 8  ? 5.673   6.041   8.837   1.00 70.66  ?  8   U   A "C3'"  1 
ATOM   233 O "O3'"  . U   A 1 8  ? 5.235   4.934   9.627   1.00 67.90  ?  8   U   A "O3'"  1 
ATOM   234 C "C2'"  . U   A 1 8  ? 4.687   7.191   9.016   1.00 73.14  ?  8   U   A "C2'"  1 
ATOM   235 O "O2'"  . U   A 1 8  ? 3.315   6.848   8.994   1.00 75.14  ?  8   U   A "O2'"  1 
ATOM   236 C "C1'"  . U   A 1 8  ? 5.133   7.706   10.379  1.00 75.18  ?  8   U   A "C1'"  1 
ATOM   237 N N1     . U   A 1 8  ? 4.649   9.041   10.756  1.00 78.77  ?  8   U   A N1     1 
ATOM   238 C C2     . U   A 1 8  ? 5.112   10.137  10.051  1.00 83.66  ?  8   U   A C2     1 
ATOM   239 O O2     . U   A 1 8  ? 5.904   10.048  9.129   1.00 91.17  ?  8   U   A O2     1 
ATOM   240 N N3     . U   A 1 8  ? 4.613   11.344  10.471  1.00 83.98  ?  8   U   A N3     1 
ATOM   241 C C4     . U   A 1 8  ? 3.718   11.567  11.496  1.00 83.07  ?  8   U   A C4     1 
ATOM   242 O O4     . U   A 1 8  ? 3.364   12.719  11.751  1.00 84.90  ?  8   U   A O4     1 
ATOM   243 C C5     . U   A 1 8  ? 3.281   10.383  12.172  1.00 81.72  ?  8   U   A C5     1 
ATOM   244 C C6     . U   A 1 8  ? 3.752   9.191   11.789  1.00 78.84  ?  8   U   A C6     1 
ATOM   245 H "H5'"  . U   A 1 8  ? 8.958   7.208   8.909   1.00 69.84  ?  8   U   A "H5'"  1 
ATOM   246 H "H5''" . U   A 1 8  ? 8.106   6.342   7.637   1.00 69.82  ?  8   U   A "H5''" 1 
ATOM   247 H "H4'"  . U   A 1 8  ? 7.434   5.851   10.038  1.00 70.83  ?  8   U   A "H4'"  1 
ATOM   248 H "H3'"  . U   A 1 8  ? 5.791   5.800   7.772   1.00 70.54  ?  8   U   A "H3'"  1 
ATOM   249 H "H2'"  . U   A 1 8  ? 4.893   7.947   8.247   1.00 73.44  ?  8   U   A "H2'"  1 
ATOM   250 H "HO2'" . U   A 1 8  ? 2.873   7.666   9.032   0.00 30.00  ?  8   U   A "HO2'" 1 
ATOM   251 H "H1'"  . U   A 1 8  ? 4.836   6.974   11.144  1.00 74.80  ?  8   U   A "H1'"  1 
ATOM   252 H H3     . U   A 1 8  ? 4.949   12.175  9.959   1.00 83.58  ?  8   U   A H3     1 
ATOM   253 H H5     . U   A 1 8  ? 2.579   10.454  12.994  1.00 81.40  ?  8   U   A H5     1 
ATOM   254 H H6     . U   A 1 8  ? 3.410   8.310   12.318  1.00 79.75  ?  8   U   A H6     1 
ATOM   255 P P      . G   A 1 9  ? 5.484   3.416   9.149   1.00 72.66  ?  9   G   A P      1 
ATOM   256 O OP1    . G   A 1 9  ? 6.392   2.724   10.138  1.00 80.45  -1 9   G   A OP1    1 
ATOM   257 O OP2    . G   A 1 9  ? 5.980   3.407   7.714   1.00 73.61  ?  9   G   A OP2    1 
ATOM   258 O "O5'"  . G   A 1 9  ? 4.011   2.749   9.239   1.00 72.96  ?  9   G   A "O5'"  1 
ATOM   259 C "C5'"  . G   A 1 9  ? 3.229   2.580   8.028   1.00 67.59  ?  9   G   A "C5'"  1 
ATOM   260 C "C4'"  . G   A 1 9  ? 2.510   3.868   7.707   1.00 65.88  ?  9   G   A "C4'"  1 
ATOM   261 O "O4'"  . G   A 1 9  ? 2.872   4.309   6.374   1.00 60.30  ?  9   G   A "O4'"  1 
ATOM   262 C "C3'"  . G   A 1 9  ? 0.982   3.794   7.677   1.00 63.84  ?  9   G   A "C3'"  1 
ATOM   263 O "O3'"  . G   A 1 9  ? 0.437   3.962   8.982   1.00 66.45  ?  9   G   A "O3'"  1 
ATOM   264 C "C2'"  . G   A 1 9  ? 0.624   4.960   6.752   1.00 61.23  ?  9   G   A "C2'"  1 
ATOM   265 O "O2'"  . G   A 1 9  ? 0.517   6.169   7.470   1.00 60.70  ?  9   G   A "O2'"  1 
ATOM   266 C "C1'"  . G   A 1 9  ? 1.805   5.021   5.787   1.00 62.88  ?  9   G   A "C1'"  1 
ATOM   267 N N9     . G   A 1 9  ? 1.544   4.443   4.474   1.00 58.28  ?  9   G   A N9     1 
ATOM   268 C C8     . G   A 1 9  ? 1.633   5.087   3.265   1.00 54.90  ?  9   G   A C8     1 
ATOM   269 N N7     . G   A 1 9  ? 1.355   4.317   2.244   1.00 52.73  ?  9   G   A N7     1 
ATOM   270 C C5     . G   A 1 9  ? 1.075   3.084   2.816   1.00 53.65  ?  9   G   A C5     1 
ATOM   271 C C6     . G   A 1 9  ? 0.727   1.859   2.202   1.00 54.91  ?  9   G   A C6     1 
ATOM   272 O O6     . G   A 1 9  ? 0.583   1.627   0.994   1.00 55.18  ?  9   G   A O6     1 
ATOM   273 N N1     . G   A 1 9  ? 0.536   0.848   3.143   1.00 54.13  ?  9   G   A N1     1 
ATOM   274 C C2     . G   A 1 9  ? 0.669   0.993   4.499   1.00 57.96  ?  9   G   A C2     1 
ATOM   275 N N2     . G   A 1 9  ? 0.430   -0.098  5.242   1.00 55.63  ?  9   G   A N2     1 
ATOM   276 N N3     . G   A 1 9  ? 0.999   2.143   5.086   1.00 55.46  ?  9   G   A N3     1 
ATOM   277 C C4     . G   A 1 9  ? 1.194   3.141   4.187   1.00 55.25  ?  9   G   A C4     1 
ATOM   278 H "H5'"  . G   A 1 9  ? 2.569   1.856   8.157   1.00 68.36  ?  9   G   A "H5'"  1 
ATOM   279 H "H5''" . G   A 1 9  ? 3.819   2.330   7.278   1.00 68.35  ?  9   G   A "H5''" 1 
ATOM   280 H "H4'"  . G   A 1 9  ? 2.790   4.547   8.354   1.00 64.74  ?  9   G   A "H4'"  1 
ATOM   281 H "H3'"  . G   A 1 9  ? 0.683   2.937   7.286   1.00 64.20  ?  9   G   A "H3'"  1 
ATOM   282 H "H2'"  . G   A 1 9  ? -0.219  4.769   6.260   1.00 61.95  ?  9   G   A "H2'"  1 
ATOM   283 H "HO2'" . G   A 1 9  ? 0.220   6.665   6.734   0.00 30.00  ?  9   G   A "HO2'" 1 
ATOM   284 H "H1'"  . G   A 1 9  ? 2.065   5.962   5.675   1.00 61.16  ?  9   G   A "H1'"  1 
ATOM   285 H H8     . G   A 1 9  ? 1.859   5.997   3.181   1.00 55.29  ?  9   G   A H8     1 
ATOM   286 H H1     . G   A 1 9  ? 0.301   0.042   2.838   1.00 55.27  ?  9   G   A H1     1 
ATOM   287 H H21    . G   A 1 9  ? 0.701   -0.883  4.963   1.00 56.31  ?  9   G   A H21    1 
ATOM   288 H H22    . G   A 1 9  ? 0.003   -0.021  6.004   1.00 56.31  ?  9   G   A H22    1 
ATOM   289 P P      . U   A 1 10 ? -0.545  2.851   9.596   1.00 68.51  ?  10  U   A P      1 
ATOM   290 O OP1    . U   A 1 10 ? -0.689  3.115   11.050  1.00 68.01  -1 10  U   A OP1    1 
ATOM   291 O OP2    . U   A 1 10 ? -0.078  1.516   9.138   1.00 71.15  ?  10  U   A OP2    1 
ATOM   292 O "O5'"  . U   A 1 10 ? -1.943  3.192   8.916   1.00 70.73  ?  10  U   A "O5'"  1 
ATOM   293 C "C5'"  . U   A 1 10 ? -2.347  4.562   8.724   1.00 70.43  ?  10  U   A "C5'"  1 
ATOM   294 C "C4'"  . U   A 1 10 ? -3.836  4.663   8.490   1.00 73.08  ?  10  U   A "C4'"  1 
ATOM   295 O "O4'"  . U   A 1 10 ? -4.118  4.548   7.081   1.00 73.25  ?  10  U   A "O4'"  1 
ATOM   296 C "C3'"  . U   A 1 10 ? -4.699  3.570   9.096   1.00 72.97  ?  10  U   A "C3'"  1 
ATOM   297 O "O3'"  . U   A 1 10 ? -4.911  3.820   10.479  1.00 78.29  ?  10  U   A "O3'"  1 
ATOM   298 C "C2'"  . U   A 1 10 ? -5.982  3.649   8.267   1.00 72.66  ?  10  U   A "C2'"  1 
ATOM   299 O "O2'"  . U   A 1 10 ? -6.973  4.498   8.808   1.00 67.41  ?  10  U   A "O2'"  1 
ATOM   300 C "C1'"  . U   A 1 10 ? -5.477  4.193   6.923   1.00 69.83  ?  10  U   A "C1'"  1 
ATOM   301 N N1     . U   A 1 10 ? -5.594  3.278   5.777   1.00 67.23  ?  10  U   A N1     1 
ATOM   302 C C2     . U   A 1 10 ? -5.487  3.834   4.517   1.00 63.13  ?  10  U   A C2     1 
ATOM   303 O O2     . U   A 1 10 ? -5.261  5.018   4.330   1.00 63.76  ?  10  U   A O2     1 
ATOM   304 N N3     . U   A 1 10 ? -5.612  2.942   3.482   1.00 63.25  ?  10  U   A N3     1 
ATOM   305 C C4     . U   A 1 10 ? -5.867  1.591   3.569   1.00 62.35  ?  10  U   A C4     1 
ATOM   306 O O4     . U   A 1 10 ? -5.966  0.924   2.539   1.00 61.98  ?  10  U   A O4     1 
ATOM   307 C C5     . U   A 1 10 ? -5.983  1.093   4.905   1.00 64.42  ?  10  U   A C5     1 
ATOM   308 C C6     . U   A 1 10 ? -5.851  1.933   5.939   1.00 64.11  ?  10  U   A C6     1 
ATOM   309 H "H5'"  . U   A 1 10 ? -1.825  4.985   7.867   1.00 71.05  ?  10  U   A "H5'"  1 
ATOM   310 H "H5''" . U   A 1 10 ? -2.076  5.148   9.605   1.00 71.10  ?  10  U   A "H5''" 1 
ATOM   311 H "H4'"  . U   A 1 10 ? -4.186  5.636   8.861   1.00 72.58  ?  10  U   A "H4'"  1 
ATOM   312 H "H3'"  . U   A 1 10 ? -4.227  2.598   8.917   1.00 73.92  ?  10  U   A "H3'"  1 
ATOM   313 H "H2'"  . U   A 1 10 ? -6.401  2.643   8.172   1.00 71.10  ?  10  U   A "H2'"  1 
ATOM   314 H "HO2'" . U   A 1 10 ? -7.590  4.423   8.164   0.00 30.00  ?  10  U   A "HO2'" 1 
ATOM   315 H "H1'"  . U   A 1 10 ? -6.053  5.105   6.709   1.00 70.44  ?  10  U   A "H1'"  1 
ATOM   316 H H3     . U   A 1 10 ? -5.529  3.353   2.536   1.00 63.18  ?  10  U   A H3     1 
ATOM   317 H H5     . U   A 1 10 ? -6.174  0.042   5.079   1.00 63.94  ?  10  U   A H5     1 
ATOM   318 H H6     . U   A 1 10 ? -5.946  1.506   6.925   1.00 64.88  ?  10  U   A H6     1 
ATOM   319 P P      . G   A 1 11 ? -5.833  2.844   11.345  1.00 78.29  ?  11  G   A P      1 
ATOM   320 O OP1    . G   A 1 11 ? -7.291  3.225   11.133  1.00 83.85  -1 11  G   A OP1    1 
ATOM   321 O OP2    . G   A 1 11 ? -5.356  2.866   12.784  1.00 81.93  ?  11  G   A OP2    1 
ATOM   322 O "O5'"  . G   A 1 11 ? -5.570  1.377   10.716  1.00 79.19  ?  11  G   A "O5'"  1 
ATOM   323 C "C5'"  . G   A 1 11 ? -4.258  0.761   10.846  1.00 72.79  ?  11  G   A "C5'"  1 
ATOM   324 C "C4'"  . G   A 1 11 ? -4.175  -0.411  9.897   1.00 71.39  ?  11  G   A "C4'"  1 
ATOM   325 O "O4'"  . G   A 1 11 ? -4.220  0.070   8.529   1.00 70.34  ?  11  G   A "O4'"  1 
ATOM   326 C "C3'"  . G   A 1 11 ? -2.908  -1.284  9.975   1.00 71.13  ?  11  G   A "C3'"  1 
ATOM   327 O "O3'"  . G   A 1 11 ? -3.238  -2.666  9.959   1.00 74.07  ?  11  G   A "O3'"  1 
ATOM   328 C "C2'"  . G   A 1 11 ? -2.183  -0.993  8.657   1.00 70.03  ?  11  G   A "C2'"  1 
ATOM   329 O "O2'"  . G   A 1 11 ? -1.389  -2.065  8.193   1.00 67.27  ?  11  G   A "O2'"  1 
ATOM   330 C "C1'"  . G   A 1 11 ? -3.393  -0.769  7.764   1.00 65.98  ?  11  G   A "C1'"  1 
ATOM   331 N N9     . G   A 1 11 ? -3.103  -0.139  6.484   1.00 64.70  ?  11  G   A N9     1 
ATOM   332 C C8     . G   A 1 11 ? -2.669  1.144   6.262   1.00 59.59  ?  11  G   A C8     1 
ATOM   333 N N7     . G   A 1 11 ? -2.507  1.421   4.992   1.00 58.90  ?  11  G   A N7     1 
ATOM   334 C C5     . G   A 1 11 ? -2.850  0.243   4.343   1.00 58.95  ?  11  G   A C5     1 
ATOM   335 C C6     . G   A 1 11 ? -2.874  -0.066  2.962   1.00 61.48  ?  11  G   A C6     1 
ATOM   336 O O6     . G   A 1 11 ? -2.583  0.669   2.009   1.00 65.66  ?  11  G   A O6     1 
ATOM   337 N N1     . G   A 1 11 ? -3.284  -1.380  2.734   1.00 62.96  ?  11  G   A N1     1 
ATOM   338 C C2     . G   A 1 11 ? -3.639  -2.283  3.704   1.00 60.98  ?  11  G   A C2     1 
ATOM   339 N N2     . G   A 1 11 ? -4.012  -3.500  3.280   1.00 56.65  ?  11  G   A N2     1 
ATOM   340 N N3     . G   A 1 11 ? -3.630  -1.996  5.004   1.00 60.99  ?  11  G   A N3     1 
ATOM   341 C C4     . G   A 1 11 ? -3.215  -0.727  5.248   1.00 60.03  ?  11  G   A C4     1 
ATOM   342 H "H5'"  . G   A 1 11 ? -4.123  0.448   11.774  1.00 73.89  ?  11  G   A "H5'"  1 
ATOM   343 H "H5''" . G   A 1 11 ? -3.551  1.417   10.630  1.00 73.89  ?  11  G   A "H5''" 1 
ATOM   344 H "H4'"  . G   A 1 11 ? -4.959  -0.978  10.052  1.00 71.40  ?  11  G   A "H4'"  1 
ATOM   345 H "H3'"  . G   A 1 11 ? -2.341  -1.059  10.757  1.00 71.49  ?  11  G   A "H3'"  1 
ATOM   346 H "H2'"  . G   A 1 11 ? -1.644  -0.165  8.730   1.00 68.92  ?  11  G   A "H2'"  1 
ATOM   347 H "HO2'" . G   A 1 11 ? -0.889  -1.769  7.225   0.00 30.00  ?  11  G   A "HO2'" 1 
ATOM   348 H "H1'"  . G   A 1 11 ? -3.843  -1.631  7.613   1.00 67.27  ?  11  G   A "H1'"  1 
ATOM   349 H H8     . G   A 1 11 ? -2.511  1.763   6.951   1.00 60.68  ?  11  G   A H8     1 
ATOM   350 H H1     . G   A 1 11 ? -3.326  -1.657  1.889   1.00 62.00  ?  11  G   A H1     1 
ATOM   351 H H21    . G   A 1 11 ? -3.670  -3.831  2.543   1.00 57.98  ?  11  G   A H21    1 
ATOM   352 H H22    . G   A 1 11 ? -4.598  -3.963  3.742   1.00 57.97  ?  11  G   A H22    1 
ATOM   353 P P      . U   A 1 12 ? -3.742  -3.399  11.285  1.00 72.94  ?  12  U   A P      1 
ATOM   354 O OP1    . U   A 1 12 ? -4.585  -4.553  10.878  1.00 74.55  -1 12  U   A OP1    1 
ATOM   355 O OP2    . U   A 1 12 ? -4.291  -2.371  12.212  1.00 75.43  ?  12  U   A OP2    1 
ATOM   356 O "O5'"  . U   A 1 12 ? -2.399  -3.969  11.921  1.00 74.82  ?  12  U   A "O5'"  1 
ATOM   357 C "C5'"  . U   A 1 12 ? -1.204  -4.184  11.151  1.00 74.45  ?  12  U   A "C5'"  1 
ATOM   358 C "C4'"  . U   A 1 12 ? -0.056  -3.402  11.746  1.00 74.79  ?  12  U   A "C4'"  1 
ATOM   359 O "O4'"  . U   A 1 12 ? -0.188  -3.351  13.180  1.00 78.68  ?  12  U   A "O4'"  1 
ATOM   360 C "C3'"  . U   A 1 12 ? 1.326   -3.994  11.501  1.00 75.21  ?  12  U   A "C3'"  1 
ATOM   361 O "O3'"  . U   A 1 12 ? 2.273   -2.976  11.182  1.00 72.67  ?  12  U   A "O3'"  1 
ATOM   362 C "C2'"  . U   A 1 12 ? 1.676   -4.746  12.794  1.00 78.80  ?  12  U   A "C2'"  1 
ATOM   363 O "O2'"  . U   A 1 12 ? 2.900   -4.319  13.359  1.00 76.92  ?  12  U   A "O2'"  1 
ATOM   364 C "C1'"  . U   A 1 12 ? 0.499   -4.446  13.735  1.00 83.22  ?  12  U   A "C1'"  1 
ATOM   365 N N1     . U   A 1 12 ? -0.471  -5.539  13.945  1.00 92.68  ?  12  U   A N1     1 
ATOM   366 C C2     . U   A 1 12 ? -0.006  -6.842  14.001  1.00 97.71  ?  12  U   A C2     1 
ATOM   367 O O2     . U   A 1 12 ? 1.171   -7.136  13.873  1.00 101.83 ?  12  U   A O2     1 
ATOM   368 N N3     . U   A 1 12 ? -0.977  -7.793  14.201  1.00 97.03  ?  12  U   A N3     1 
ATOM   369 C C4     . U   A 1 12 ? -2.330  -7.585  14.363  1.00 98.38  ?  12  U   A C4     1 
ATOM   370 O O4     . U   A 1 12 ? -3.076  -8.549  14.540  1.00 102.73 ?  12  U   A O4     1 
ATOM   371 C C5     . U   A 1 12 ? -2.731  -6.212  14.308  1.00 95.46  ?  12  U   A C5     1 
ATOM   372 C C6     . U   A 1 12 ? -1.810  -5.260  14.118  1.00 93.58  ?  12  U   A C6     1 
ATOM   373 H "H5'"  . U   A 1 12 ? -1.343  -3.895  10.108  1.00 74.57  ?  12  U   A "H5'"  1 
ATOM   374 H "H5''" . U   A 1 12 ? -0.960  -5.248  11.167  1.00 74.59  ?  12  U   A "H5''" 1 
ATOM   375 H "H4'"  . U   A 1 12 ? -0.078  -2.383  11.336  1.00 75.51  ?  12  U   A "H4'"  1 
ATOM   376 H "H3'"  . U   A 1 12 ? 1.254   -4.735  10.694  1.00 75.26  ?  12  U   A "H3'"  1 
ATOM   377 H "H2'"  . U   A 1 12 ? 1.739   -5.808  12.537  1.00 78.64  ?  12  U   A "H2'"  1 
ATOM   378 H "HO2'" . U   A 1 12 ? 2.998   -4.469  14.285  0.00 30.00  ?  12  U   A "HO2'" 1 
ATOM   379 H "H1'"  . U   A 1 12 ? 0.912   -4.149  14.709  1.00 83.14  ?  12  U   A "H1'"  1 
ATOM   380 H H3     . U   A 1 12 ? -0.654  -8.781  14.238  1.00 97.22  ?  12  U   A H3     1 
ATOM   381 H H5     . U   A 1 12 ? -3.774  -5.944  14.427  1.00 95.63  ?  12  U   A H5     1 
ATOM   382 H H6     . U   A 1 12 ? -2.148  -4.232  14.082  1.00 93.86  ?  12  U   A H6     1 
ATOM   383 P P      . G   A 1 13 ? 3.063   -3.014  9.786   1.00 69.57  ?  13  G   A P      1 
ATOM   384 O OP1    . G   A 1 13 ? 4.347   -3.814  9.956   1.00 66.90  -1 13  G   A OP1    1 
ATOM   385 O OP2    . G   A 1 13 ? 3.253   -1.600  9.273   1.00 67.12  ?  13  G   A OP2    1 
ATOM   386 O "O5'"  . G   A 1 13 ? 2.073   -3.805  8.795   1.00 69.74  ?  13  G   A "O5'"  1 
ATOM   387 C "C5'"  . G   A 1 13 ? 2.496   -4.026  7.432   1.00 69.91  ?  13  G   A "C5'"  1 
ATOM   388 C "C4'"  . G   A 1 13 ? 2.272   -5.474  7.076   1.00 70.38  ?  13  G   A "C4'"  1 
ATOM   389 O "O4'"  . G   A 1 13 ? 1.742   -5.547  5.730   1.00 67.66  ?  13  G   A "O4'"  1 
ATOM   390 C "C3'"  . G   A 1 13 ? 3.518   -6.365  7.053   1.00 71.16  ?  13  G   A "C3'"  1 
ATOM   391 O "O3'"  . G   A 1 13 ? 3.168   -7.724  7.288   1.00 75.17  ?  13  G   A "O3'"  1 
ATOM   392 C "C2'"  . G   A 1 13 ? 4.007   -6.164  5.618   1.00 67.41  ?  13  G   A "C2'"  1 
ATOM   393 O "O2'"  . G   A 1 13 ? 4.840   -7.215  5.180   1.00 66.17  ?  13  G   A "O2'"  1 
ATOM   394 C "C1'"  . G   A 1 13 ? 2.678   -6.158  4.872   1.00 65.58  ?  13  G   A "C1'"  1 
ATOM   395 N N9     . G   A 1 13 ? 2.686   -5.420  3.617   1.00 62.01  ?  13  G   A N9     1 
ATOM   396 C C8     . G   A 1 13 ? 2.419   -5.948  2.380   1.00 58.67  ?  13  G   A C8     1 
ATOM   397 N N7     . G   A 1 13 ? 2.497   -5.071  1.413   1.00 55.76  ?  13  G   A N7     1 
ATOM   398 C C5     . G   A 1 13 ? 2.839   -3.889  2.054   1.00 54.01  ?  13  G   A C5     1 
ATOM   399 C C6     . G   A 1 13 ? 3.052   -2.598  1.515   1.00 52.00  ?  13  G   A C6     1 
ATOM   400 O O6     . G   A 1 13 ? 2.954   -2.231  0.336   1.00 54.85  ?  13  G   A O6     1 
ATOM   401 N N1     . G   A 1 13 ? 3.374   -1.674  2.507   1.00 52.19  ?  13  G   A N1     1 
ATOM   402 C C2     . G   A 1 13 ? 3.477   -1.951  3.845   1.00 52.26  ?  13  G   A C2     1 
ATOM   403 N N2     . G   A 1 13 ? 3.802   -0.918  4.630   1.00 49.29  ?  13  G   A N2     1 
ATOM   404 N N3     . G   A 1 13 ? 3.272   -3.164  4.363   1.00 58.39  ?  13  G   A N3     1 
ATOM   405 C C4     . G   A 1 13 ? 2.951   -4.082  3.413   1.00 56.19  ?  13  G   A C4     1 
ATOM   406 H "H5'"  . G   A 1 13 ? 3.455   -3.803  7.334   1.00 70.00  ?  13  G   A "H5'"  1 
ATOM   407 H "H5''" . G   A 1 13 ? 1.975   -3.448  6.822   1.00 70.00  ?  13  G   A "H5''" 1 
ATOM   408 H "H4'"  . G   A 1 13 ? 1.614   -5.849  7.699   1.00 69.94  ?  13  G   A "H4'"  1 
ATOM   409 H "H3'"  . G   A 1 13 ? 4.198   -6.055  7.705   1.00 71.04  ?  13  G   A "H3'"  1 
ATOM   410 H "H2'"  . G   A 1 13 ? 4.468   -5.290  5.525   1.00 67.46  ?  13  G   A "H2'"  1 
ATOM   411 H "HO2'" . G   A 1 13 ? 5.095   -6.849  4.291   0.00 30.00  ?  13  G   A "HO2'" 1 
ATOM   412 H "H1'"  . G   A 1 13 ? 2.409   -7.089  4.700   1.00 65.61  ?  13  G   A "H1'"  1 
ATOM   413 H H8     . G   A 1 13 ? 2.204   -6.853  2.241   1.00 58.37  ?  13  G   A H8     1 
ATOM   414 H H1     . G   A 1 13 ? 3.522   -0.832  2.251   1.00 52.65  ?  13  G   A H1     1 
ATOM   415 H H21    . G   A 1 13 ? 3.443   -0.130  4.485   1.00 50.21  ?  13  G   A H21    1 
ATOM   416 H H22    . G   A 1 13 ? 4.371   -1.031  5.288   1.00 50.20  ?  13  G   A H22    1 
ATOM   417 P P      . U   A 1 14 ? 3.684   -8.484  8.601   1.00 75.45  ?  14  U   A P      1 
ATOM   418 O OP1    . U   A 1 14 ? 3.126   -7.782  9.789   1.00 78.82  -1 14  U   A OP1    1 
ATOM   419 O OP2    . U   A 1 14 ? 5.155   -8.679  8.475   1.00 77.36  ?  14  U   A OP2    1 
ATOM   420 O "O5'"  . U   A 1 14 ? 2.957   -9.899  8.498   1.00 75.17  ?  14  U   A "O5'"  1 
ATOM   421 C "C5'"  . U   A 1 14 ? 3.384   -10.895 7.548   1.00 74.52  ?  14  U   A "C5'"  1 
ATOM   422 C "C4'"  . U   A 1 14 ? 2.205   -11.441 6.772   1.00 73.52  ?  14  U   A "C4'"  1 
ATOM   423 O "O4'"  . U   A 1 14 ? 1.345   -12.223 7.655   1.00 73.96  ?  14  U   A "O4'"  1 
ATOM   424 C "C3'"  . U   A 1 14 ? 1.297   -10.389 6.133   1.00 70.05  ?  14  U   A "C3'"  1 
ATOM   425 O "O3'"  . U   A 1 14 ? 0.789   -10.797 4.863   1.00 67.91  ?  14  U   A "O3'"  1 
ATOM   426 C "C2'"  . U   A 1 14 ? 0.139   -10.315 7.120   1.00 72.56  ?  14  U   A "C2'"  1 
ATOM   427 O "O2'"  . U   A 1 14 ? -1.064  -9.805  6.583   1.00 72.90  ?  14  U   A "O2'"  1 
ATOM   428 C "C1'"  . U   A 1 14 ? 0.009   -11.785 7.504   1.00 72.39  ?  14  U   A "C1'"  1 
ATOM   429 N N1     . U   A 1 14 ? -0.733  -12.039 8.748   1.00 72.74  ?  14  U   A N1     1 
ATOM   430 C C2     . U   A 1 14 ? -0.080  -11.864 9.955   1.00 74.69  ?  14  U   A C2     1 
ATOM   431 O O2     . U   A 1 14 ? 1.085   -11.515 10.034  1.00 75.98  ?  14  U   A O2     1 
ATOM   432 N N3     . U   A 1 14 ? -0.843  -12.123 11.066  1.00 76.85  ?  14  U   A N3     1 
ATOM   433 C C4     . U   A 1 14 ? -2.162  -12.525 11.098  1.00 79.64  ?  14  U   A C4     1 
ATOM   434 O O4     . U   A 1 14 ? -2.712  -12.716 12.184  1.00 87.22  ?  14  U   A O4     1 
ATOM   435 C C5     . U   A 1 14 ? -2.768  -12.679 9.809   1.00 78.23  ?  14  U   A C5     1 
ATOM   436 C C6     . U   A 1 14 ? -2.048  -12.443 8.706   1.00 74.26  ?  14  U   A C6     1 
ATOM   437 H "H5'"  . U   A 1 14 ? 3.883   -11.696 8.083   1.00 74.43  ?  14  U   A "H5'"  1 
ATOM   438 H "H5''" . U   A 1 14 ? 4.104   -10.463 6.849   1.00 74.44  ?  14  U   A "H5''" 1 
ATOM   439 H "H4'"  . U   A 1 14 ? 2.592   -12.101 5.986   1.00 73.10  ?  14  U   A "H4'"  1 
ATOM   440 H "H3'"  . U   A 1 14 ? 1.810   -9.422  6.069   1.00 70.76  ?  14  U   A "H3'"  1 
ATOM   441 H "H2'"  . U   A 1 14 ? 0.440   -9.734  8.002   1.00 72.10  ?  14  U   A "H2'"  1 
ATOM   442 H "HO2'" . U   A 1 14 ? -1.411  -9.350  7.470   0.00 30.00  ?  14  U   A "HO2'" 1 
ATOM   443 H "H1'"  . U   A 1 14 ? -0.464  -12.324 6.671   1.00 72.77  ?  14  U   A "H1'"  1 
ATOM   444 H H3     . U   A 1 14 ? -0.376  -11.998 11.986  1.00 76.94  ?  14  U   A H3     1 
ATOM   445 H H5     . U   A 1 14 ? -3.800  -12.996 9.728   1.00 77.47  ?  14  U   A H5     1 
ATOM   446 H H6     . U   A 1 14 ? -2.525  -12.571 7.743   1.00 75.02  ?  14  U   A H6     1 
ATOM   447 P P      . G   A 1 15 ? 1.684   -10.668 3.537   1.00 71.32  ?  15  G   A P      1 
ATOM   448 O OP1    . G   A 1 15 ? 1.155   -11.622 2.484   1.00 65.53  ?  15  G   A OP1    1 
ATOM   449 O OP2    . G   A 1 15 ? 3.147   -10.835 3.896   1.00 65.37  -1 15  G   A OP2    1 
ATOM   450 O "O5'"  . G   A 1 15 ? 1.443   -9.154  3.035   1.00 64.52  ?  15  G   A "O5'"  1 
ATOM   451 C "C5'"  . G   A 1 15 ? 0.158   -8.803  2.462   1.00 67.54  ?  15  G   A "C5'"  1 
ATOM   452 C "C4'"  . G   A 1 15 ? -0.725  -8.233  3.542   1.00 62.86  ?  15  G   A "C4'"  1 
ATOM   453 O "O4'"  . G   A 1 15 ? -0.087  -7.063  4.110   1.00 61.51  ?  15  G   A "O4'"  1 
ATOM   454 C "C3'"  . G   A 1 15 ? -2.101  -7.727  3.099   1.00 63.90  ?  15  G   A "C3'"  1 
ATOM   455 O "O3'"  . G   A 1 15 ? -3.054  -8.780  3.016   1.00 65.54  ?  15  G   A "O3'"  1 
ATOM   456 C "C2'"  . G   A 1 15 ? -2.430  -6.725  4.207   1.00 62.82  ?  15  G   A "C2'"  1 
ATOM   457 O "O2'"  . G   A 1 15 ? -3.043  -7.365  5.306   1.00 67.46  ?  15  G   A "O2'"  1 
ATOM   458 C "C1'"  . G   A 1 15 ? -1.061  -6.155  4.573   1.00 60.49  ?  15  G   A "C1'"  1 
ATOM   459 N N9     . G   A 1 15 ? -0.795  -4.847  3.979   1.00 58.34  ?  15  G   A N9     1 
ATOM   460 C C8     . G   A 1 15 ? -0.470  -3.688  4.638   1.00 56.78  ?  15  G   A C8     1 
ATOM   461 N N7     . G   A 1 15 ? -0.310  -2.660  3.840   1.00 53.45  ?  15  G   A N7     1 
ATOM   462 C C5     . G   A 1 15 ? -0.547  -3.177  2.573   1.00 52.99  ?  15  G   A C5     1 
ATOM   463 C C6     . G   A 1 15 ? -0.505  -2.548  1.307   1.00 53.84  ?  15  G   A C6     1 
ATOM   464 O O6     . G   A 1 15 ? -0.245  -1.365  1.054   1.00 54.55  ?  15  G   A O6     1 
ATOM   465 N N1     . G   A 1 15 ? -0.806  -3.438  0.276   1.00 51.22  ?  15  G   A N1     1 
ATOM   466 C C2     . G   A 1 15 ? -1.103  -4.767  0.440   1.00 51.55  ?  15  G   A C2     1 
ATOM   467 N N2     . G   A 1 15 ? -1.371  -5.472  -0.668  1.00 50.47  ?  15  G   A N2     1 
ATOM   468 N N3     . G   A 1 15 ? -1.139  -5.366  1.626   1.00 55.28  ?  15  G   A N3     1 
ATOM   469 C C4     . G   A 1 15 ? -0.852  -4.518  2.644   1.00 55.62  ?  15  G   A C4     1 
ATOM   470 H "H5'"  . G   A 1 15 ? -0.269  -9.603  2.070   1.00 65.70  ?  15  G   A "H5'"  1 
ATOM   471 H "H5''" . G   A 1 15 ? 0.282   -8.133  1.745   1.00 65.68  ?  15  G   A "H5''" 1 
ATOM   472 H "H4'"  . G   A 1 15 ? -0.836  -8.908  4.240   1.00 63.68  ?  15  G   A "H4'"  1 
ATOM   473 H "H3'"  . G   A 1 15 ? -2.025  -7.266  2.231   1.00 63.80  ?  15  G   A "H3'"  1 
ATOM   474 H "H2'"  . G   A 1 15 ? -3.018  -6.004  3.860   1.00 63.41  ?  15  G   A "H2'"  1 
ATOM   475 H "HO2'" . G   A 1 15 ? -2.969  -6.727  5.960   0.00 30.00  ?  15  G   A "HO2'" 1 
ATOM   476 H "H1'"  . G   A 1 15 ? -1.002  -6.081  5.553   1.00 60.70  ?  15  G   A "H1'"  1 
ATOM   477 H H8     . G   A 1 15 ? -0.377  -3.635  5.574   1.00 56.07  ?  15  G   A H8     1 
ATOM   478 H H1     . G   A 1 15 ? -0.807  -3.121  -0.557  1.00 52.31  ?  15  G   A H1     1 
ATOM   479 H H21    . G   A 1 15 ? -0.915  -5.323  -1.402  1.00 50.77  ?  15  G   A H21    1 
ATOM   480 H H22    . G   A 1 15 ? -2.003  -6.080  -0.656  1.00 50.78  ?  15  G   A H22    1 
ATOM   481 P P      . U   A 1 16 ? -3.967  -8.937  1.701   1.00 72.05  ?  16  U   A P      1 
ATOM   482 O OP1    . U   A 1 16 ? -4.537  -10.311 1.696   1.00 74.77  ?  16  U   A OP1    1 
ATOM   483 O OP2    . U   A 1 16 ? -3.179  -8.471  0.534   1.00 74.56  -1 16  U   A OP2    1 
ATOM   484 O "O5'"  . U   A 1 16 ? -5.167  -7.922  1.969   1.00 71.76  ?  16  U   A "O5'"  1 
ATOM   485 C "C5'"  . U   A 1 16 ? -5.553  -7.574  3.313   1.00 70.13  ?  16  U   A "C5'"  1 
ATOM   486 C "C4'"  . U   A 1 16 ? -6.892  -6.878  3.350   1.00 73.65  ?  16  U   A "C4'"  1 
ATOM   487 O "O4'"  . U   A 1 16 ? -6.721  -5.441  3.320   1.00 72.30  ?  16  U   A "O4'"  1 
ATOM   488 C "C3'"  . U   A 1 16 ? -7.825  -7.107  2.178   1.00 73.42  ?  16  U   A "C3'"  1 
ATOM   489 O "O3'"  . U   A 1 16 ? -8.348  -8.437  2.186   1.00 74.49  ?  16  U   A "O3'"  1 
ATOM   490 C "C2'"  . U   A 1 16 ? -8.832  -5.978  2.367   1.00 74.54  ?  16  U   A "C2'"  1 
ATOM   491 O "O2'"  . U   A 1 16 ? -9.827  -6.306  3.313   1.00 76.71  ?  16  U   A "O2'"  1 
ATOM   492 C "C1'"  . U   A 1 16 ? -7.936  -4.847  2.893   1.00 71.71  ?  16  U   A "C1'"  1 
ATOM   493 N N1     . U   A 1 16 ? -7.632  -3.760  1.946   1.00 68.06  ?  16  U   A N1     1 
ATOM   494 C C2     . U   A 1 16 ? -7.207  -2.556  2.480   1.00 65.72  ?  16  U   A C2     1 
ATOM   495 O O2     . U   A 1 16 ? -7.053  -2.380  3.677   1.00 64.52  ?  16  U   A O2     1 
ATOM   496 N N3     . U   A 1 16 ? -6.963  -1.569  1.558   1.00 64.85  ?  16  U   A N3     1 
ATOM   497 C C4     . U   A 1 16 ? -7.100  -1.651  0.190   1.00 62.66  ?  16  U   A C4     1 
ATOM   498 O O4     . U   A 1 16 ? -6.833  -0.671  -0.506  1.00 60.81  ?  16  U   A O4     1 
ATOM   499 C C5     . U   A 1 16 ? -7.549  -2.923  -0.288  1.00 65.50  ?  16  U   A C5     1 
ATOM   500 C C6     . U   A 1 16 ? -7.799  -3.909  0.584   1.00 66.53  ?  16  U   A C6     1 
ATOM   501 H "H5'"  . U   A 1 16 ? -4.821  -6.904  3.748   1.00 71.26  ?  16  U   A "H5'"  1 
ATOM   502 H "H5''" . U   A 1 16 ? -5.601  -8.479  3.919   1.00 71.32  ?  16  U   A "H5''" 1 
ATOM   503 H "H4'"  . U   A 1 16 ? -7.412  -7.169  4.272   1.00 72.65  ?  16  U   A "H4'"  1 
ATOM   504 H "H3'"  . U   A 1 16 ? -7.239  -6.884  1.287   1.00 73.84  ?  16  U   A "H3'"  1 
ATOM   505 H "H2'"  . U   A 1 16 ? -9.301  -5.712  1.413   1.00 74.13  ?  16  U   A "H2'"  1 
ATOM   506 H "HO2'" . U   A 1 16 ? -10.261 -5.298  3.225   0.00 30.00  ?  16  U   A "HO2'" 1 
ATOM   507 H "H1'"  . U   A 1 16 ? -8.444  -4.423  3.771   1.00 71.61  ?  16  U   A "H1'"  1 
ATOM   508 H H3     . U   A 1 16 ? -6.639  -0.665  1.950   1.00 64.66  ?  16  U   A H3     1 
ATOM   509 H H5     . U   A 1 16 ? -7.685  -3.089  -1.350  1.00 65.12  ?  16  U   A H5     1 
ATOM   510 H H6     . U   A 1 16 ? -8.134  -4.852  0.177   1.00 66.55  ?  16  U   A H6     1 
ATOM   511 P P      . G   A 1 17 ? -9.427  -8.919  1.089   1.00 77.60  ?  17  G   A P      1 
ATOM   512 O OP1    . G   A 1 17 ? -10.521 -7.870  0.959   1.00 76.07  ?  17  G   A OP1    1 
ATOM   513 O OP2    . G   A 1 17 ? -9.910  -10.309 1.457   1.00 77.26  -1 17  G   A OP2    1 
ATOM   514 O "O5'"  . G   A 1 17 ? -8.596  -9.029  -0.305  1.00 72.95  ?  17  G   A "O5'"  1 
ATOM   515 C "C5'"  . G   A 1 17 ? -7.517  -8.096  -0.555  1.00 73.15  ?  17  G   A "C5'"  1 
ATOM   516 C "C4'"  . G   A 1 17 ? -7.299  -7.907  -2.033  1.00 69.73  ?  17  G   A "C4'"  1 
ATOM   517 O "O4'"  . G   A 1 17 ? -7.032  -6.501  -2.265  1.00 69.34  ?  17  G   A "O4'"  1 
ATOM   518 C "C3'"  . G   A 1 17 ? -6.084  -8.622  -2.630  1.00 70.74  ?  17  G   A "C3'"  1 
ATOM   519 O "O3'"  . G   A 1 17 ? -6.193  -8.784  -4.040  1.00 74.72  ?  17  G   A "O3'"  1 
ATOM   520 C "C2'"  . G   A 1 17 ? -4.958  -7.648  -2.281  1.00 67.87  ?  17  G   A "C2'"  1 
ATOM   521 O "O2'"  . G   A 1 17 ? -3.850  -7.739  -3.148  1.00 57.23  ?  17  G   A "O2'"  1 
ATOM   522 C "C1'"  . G   A 1 17 ? -5.652  -6.306  -2.483  1.00 64.53  ?  17  G   A "C1'"  1 
ATOM   523 N N9     . G   A 1 17 ? -5.187  -5.261  -1.582  1.00 62.84  ?  17  G   A N9     1 
ATOM   524 C C8     . G   A 1 17 ? -5.002  -5.319  -0.222  1.00 62.02  ?  17  G   A C8     1 
ATOM   525 N N7     . G   A 1 17 ? -4.582  -4.188  0.293   1.00 59.61  ?  17  G   A N7     1 
ATOM   526 C C5     . G   A 1 17 ? -4.490  -3.334  -0.800  1.00 58.53  ?  17  G   A C5     1 
ATOM   527 C C6     . G   A 1 17 ? -4.098  -1.977  -0.876  1.00 56.62  ?  17  G   A C6     1 
ATOM   528 O O6     . G   A 1 17 ? -3.748  -1.223  0.041   1.00 62.29  ?  17  G   A O6     1 
ATOM   529 N N1     . G   A 1 17 ? -4.149  -1.500  -2.187  1.00 58.06  ?  17  G   A N1     1 
ATOM   530 C C2     . G   A 1 17 ? -4.532  -2.225  -3.286  1.00 56.90  ?  17  G   A C2     1 
ATOM   531 N N2     . G   A 1 17 ? -4.517  -1.591  -4.467  1.00 54.43  ?  17  G   A N2     1 
ATOM   532 N N3     . G   A 1 17 ? -4.908  -3.500  -3.222  1.00 59.09  ?  17  G   A N3     1 
ATOM   533 C C4     . G   A 1 17 ? -4.862  -3.982  -1.956  1.00 58.28  ?  17  G   A C4     1 
ATOM   534 H "H5'"  . G   A 1 17 ? -6.684  -8.429  -0.138  1.00 72.27  ?  17  G   A "H5'"  1 
ATOM   535 H "H5''" . G   A 1 17 ? -7.739  -7.224  -0.158  1.00 72.29  ?  17  G   A "H5''" 1 
ATOM   536 H "H4'"  . G   A 1 17 ? -8.116  -8.167  -2.510  1.00 70.48  ?  17  G   A "H4'"  1 
ATOM   537 H "H3'"  . G   A 1 17 ? -5.939  -9.495  -2.186  1.00 70.74  ?  17  G   A "H3'"  1 
ATOM   538 H "H2'"  . G   A 1 17 ? -4.676  -7.762  -1.337  1.00 65.57  ?  17  G   A "H2'"  1 
ATOM   539 H "HO2'" . G   A 1 17 ? -3.302  -6.796  -3.010  0.00 30.00  ?  17  G   A "HO2'" 1 
ATOM   540 H "H1'"  . G   A 1 17 ? -5.507  -6.018  -3.412  1.00 65.66  ?  17  G   A "H1'"  1 
ATOM   541 H H8     . G   A 1 17 ? -5.163  -6.093  0.289   1.00 61.37  ?  17  G   A H8     1 
ATOM   542 H H1     . G   A 1 17 ? -3.917  -0.657  -2.329  1.00 57.71  ?  17  G   A H1     1 
ATOM   543 H H21    . G   A 1 17 ? -4.014  -0.879  -4.574  1.00 55.19  ?  17  G   A H21    1 
ATOM   544 H H22    . G   A 1 17 ? -5.007  -1.892  -5.129  1.00 55.19  ?  17  G   A H22    1 
ATOM   545 P P      . U   A 1 18 ? -6.648  -10.192 -4.651  1.00 76.81  ?  18  U   A P      1 
ATOM   546 O OP1    . U   A 1 18 ? -6.882  -10.002 -6.102  1.00 66.67  -1 18  U   A OP1    1 
ATOM   547 O OP2    . U   A 1 18 ? -7.731  -10.736 -3.794  1.00 75.73  ?  18  U   A OP2    1 
ATOM   548 O "O5'"  . U   A 1 18 ? -5.349  -11.100 -4.476  1.00 77.69  ?  18  U   A "O5'"  1 
ATOM   549 C "C5'"  . U   A 1 18 ? -5.258  -12.059 -3.403  1.00 80.08  ?  18  U   A "C5'"  1 
ATOM   550 C "C4'"  . U   A 1 18 ? -4.000  -12.891 -3.522  1.00 80.43  ?  18  U   A "C4'"  1 
ATOM   551 O "O4'"  . U   A 1 18 ? -4.188  -13.905 -4.540  1.00 81.22  ?  18  U   A "O4'"  1 
ATOM   552 C "C3'"  . U   A 1 18 ? -2.731  -12.172 -3.956  1.00 79.22  ?  18  U   A "C3'"  1 
ATOM   553 O "O3'"  . U   A 1 18 ? -2.092  -11.488 -2.880  1.00 76.21  ?  18  U   A "O3'"  1 
ATOM   554 C "C2'"  . U   A 1 18 ? -1.878  -13.320 -4.494  1.00 80.29  ?  18  U   A "C2'"  1 
ATOM   555 O "O2'"  . U   A 1 18 ? -1.140  -14.022 -3.514  1.00 87.29  ?  18  U   A "O2'"  1 
ATOM   556 C "C1'"  . U   A 1 18 ? -2.931  -14.260 -5.086  1.00 84.19  ?  18  U   A "C1'"  1 
ATOM   557 N N1     . U   A 1 18 ? -3.025  -14.189 -6.551  1.00 87.94  ?  18  U   A N1     1 
ATOM   558 C C2     . U   A 1 18 ? -2.785  -15.347 -7.270  1.00 91.23  ?  18  U   A C2     1 
ATOM   559 O O2     . U   A 1 18 ? -2.505  -16.410 -6.742  1.00 93.73  ?  18  U   A O2     1 
ATOM   560 N N3     . U   A 1 18 ? -2.888  -15.211 -8.633  1.00 89.50  ?  18  U   A N3     1 
ATOM   561 C C4     . U   A 1 18 ? -3.197  -14.066 -9.337  1.00 87.70  ?  18  U   A C4     1 
ATOM   562 O O4     . U   A 1 18 ? -3.254  -14.107 -10.567 1.00 83.48  ?  18  U   A O4     1 
ATOM   563 C C5     . U   A 1 18 ? -3.428  -12.912 -8.523  1.00 87.76  ?  18  U   A C5     1 
ATOM   564 C C6     . U   A 1 18 ? -3.334  -13.009 -7.192  1.00 88.08  ?  18  U   A C6     1 
ATOM   565 H "H5'"  . U   A 1 18 ? -6.125  -12.723 -3.434  1.00 79.58  ?  18  U   A "H5'"  1 
ATOM   566 H "H5''" . U   A 1 18 ? -5.262  -11.549 -2.439  1.00 79.56  ?  18  U   A "H5''" 1 
ATOM   567 H "H4'"  . U   A 1 18 ? -3.812  -13.375 -2.553  1.00 80.28  ?  18  U   A "H4'"  1 
ATOM   568 H "H3'"  . U   A 1 18 ? -2.950  -11.467 -4.768  1.00 79.07  ?  18  U   A "H3'"  1 
ATOM   569 H "H2'"  . U   A 1 18 ? -1.217  -12.950 -5.290  1.00 82.09  ?  18  U   A "H2'"  1 
ATOM   570 H "HO2'" . U   A 1 18 ? -0.797  -14.775 -3.613  0.00 30.00  ?  18  U   A "HO2'" 1 
ATOM   571 H "H1'"  . U   A 1 18 ? -2.688  -15.281 -4.762  1.00 83.58  ?  18  U   A "H1'"  1 
ATOM   572 H H3     . U   A 1 18 ? -2.714  -16.068 -9.196  1.00 89.28  ?  18  U   A H3     1 
ATOM   573 H H5     . U   A 1 18 ? -3.679  -11.963 -8.982  1.00 87.83  ?  18  U   A H5     1 
ATOM   574 H H6     . U   A 1 18 ? -3.519  -12.121 -6.606  1.00 87.91  ?  18  U   A H6     1 
ATOM   575 P P      . G   A 1 19 ? -0.611  -10.900 -3.067  1.00 74.04  ?  19  G   A P      1 
ATOM   576 O OP1    . G   A 1 19 ? 0.362   -12.048 -3.283  1.00 71.92  ?  19  G   A OP1    1 
ATOM   577 O OP2    . G   A 1 19 ? -0.280  -9.982  -1.903  1.00 70.24  -1 19  G   A OP2    1 
ATOM   578 O "O5'"  . G   A 1 19 ? -0.703  -10.050 -4.430  1.00 69.22  ?  19  G   A "O5'"  1 
ATOM   579 C "C5'"  . G   A 1 19 ? -0.311  -8.656  -4.427  1.00 67.56  ?  19  G   A "C5'"  1 
ATOM   580 C "C4'"  . G   A 1 19 ? -0.090  -8.216  -5.852  1.00 67.15  ?  19  G   A "C4'"  1 
ATOM   581 O "O4'"  . G   A 1 19 ? -0.028  -6.767  -5.903  1.00 67.49  ?  19  G   A "O4'"  1 
ATOM   582 C "C3'"  . G   A 1 19 ? 1.211   -8.693  -6.512  1.00 67.69  ?  19  G   A "C3'"  1 
ATOM   583 O "O3'"  . G   A 1 19 ? 1.018   -8.835  -7.913  1.00 68.78  ?  19  G   A "O3'"  1 
ATOM   584 C "C2'"  . G   A 1 19 ? 2.163   -7.535  -6.205  1.00 65.85  ?  19  G   A "C2'"  1 
ATOM   585 O "O2'"  . G   A 1 19 ? 3.261   -7.451  -7.083  1.00 64.40  ?  19  G   A "O2'"  1 
ATOM   586 C "C1'"  . G   A 1 19 ? 1.217   -6.362  -6.428  1.00 65.32  ?  19  G   A "C1'"  1 
ATOM   587 N N9     . G   A 1 19 ? 1.619   -5.126  -5.772  1.00 62.76  ?  19  G   A N9     1 
ATOM   588 C C8     . G   A 1 19 ? 1.845   -3.928  -6.398  1.00 63.22  ?  19  G   A C8     1 
ATOM   589 N N7     . G   A 1 19 ? 2.178   -2.965  -5.576  1.00 61.75  ?  19  G   A N7     1 
ATOM   590 C C5     . G   A 1 19 ? 2.166   -3.572  -4.328  1.00 59.05  ?  19  G   A C5     1 
ATOM   591 C C6     . G   A 1 19 ? 2.449   -3.021  -3.057  1.00 59.06  ?  19  G   A C6     1 
ATOM   592 O O6     . G   A 1 19 ? 2.760   -1.853  -2.785  1.00 60.74  ?  19  G   A O6     1 
ATOM   593 N N1     . G   A 1 19 ? 2.317   -3.975  -2.044  1.00 57.46  ?  19  G   A N1     1 
ATOM   594 C C2     . G   A 1 19 ? 1.962   -5.289  -2.233  1.00 57.44  ?  19  G   A C2     1 
ATOM   595 N N2     . G   A 1 19 ? 1.898   -6.054  -1.135  1.00 53.28  ?  19  G   A N2     1 
ATOM   596 N N3     . G   A 1 19 ? 1.700   -5.813  -3.431  1.00 58.35  ?  19  G   A N3     1 
ATOM   597 C C4     . G   A 1 19 ? 1.815   -4.900  -4.429  1.00 59.41  ?  19  G   A C4     1 
ATOM   598 H "H5'"  . G   A 1 19 ? 0.523   -8.539  -3.908  1.00 67.87  ?  19  G   A "H5'"  1 
ATOM   599 H "H5''" . G   A 1 19 ? -1.021  -8.106  -4.012  1.00 67.86  ?  19  G   A "H5''" 1 
ATOM   600 H "H4'"  . G   A 1 19 ? -0.854  -8.519  -6.387  1.00 67.41  ?  19  G   A "H4'"  1 
ATOM   601 H "H3'"  . G   A 1 19 ? 1.537   -9.538  -6.107  1.00 67.45  ?  19  G   A "H3'"  1 
ATOM   602 H "H2'"  . G   A 1 19 ? 2.469   -7.571  -5.260  1.00 65.80  ?  19  G   A "H2'"  1 
ATOM   603 H "HO2'" . G   A 1 19 ? 3.712   -6.630  -6.898  0.00 30.00  ?  19  G   A "HO2'" 1 
ATOM   604 H "H1'"  . G   A 1 19 ? 1.131   -6.205  -7.395  1.00 65.36  ?  19  G   A "H1'"  1 
ATOM   605 H H8     . G   A 1 19 ? 1.771   -3.810  -7.327  1.00 62.41  ?  19  G   A H8     1 
ATOM   606 H H1     . G   A 1 19 ? 2.477   -3.712  -1.208  1.00 58.07  ?  19  G   A H1     1 
ATOM   607 H H21    . G   A 1 19 ? 1.556   -5.729  -0.396  1.00 54.57  ?  19  G   A H21    1 
ATOM   608 H H22    . G   A 1 19 ? 2.198   -6.878  -1.159  1.00 54.56  ?  19  G   A H22    1 
ATOM   609 P P      . U   A 1 20 ? 1.109   -10.274 -8.599  1.00 72.38  ?  20  U   A P      1 
ATOM   610 O OP1    . U   A 1 20 ? -0.088  -11.050 -8.182  1.00 74.94  -1 20  U   A OP1    1 
ATOM   611 O OP2    . U   A 1 20 ? 2.467   -10.818 -8.337  1.00 69.28  ?  20  U   A OP2    1 
ATOM   612 O "O5'"  . U   A 1 20 ? 0.959   -9.945  -10.152 1.00 69.20  ?  20  U   A "O5'"  1 
ATOM   613 C "C5'"  . U   A 1 20 ? 1.768   -8.941  -10.802 1.00 68.98  ?  20  U   A "C5'"  1 
ATOM   614 C "C4'"  . U   A 1 20 ? 0.902   -7.958  -11.565 1.00 67.88  ?  20  U   A "C4'"  1 
ATOM   615 O "O4'"  . U   A 1 20 ? -0.037  -8.678  -12.421 1.00 66.78  ?  20  U   A "O4'"  1 
ATOM   616 C "C3'"  . U   A 1 20 ? 0.044   -7.023  -10.715 1.00 67.07  ?  20  U   A "C3'"  1 
ATOM   617 O "O3'"  . U   A 1 20 ? -0.113  -5.743  -11.325 1.00 66.05  ?  20  U   A "O3'"  1 
ATOM   618 C "C2'"  . U   A 1 20 ? -1.312  -7.713  -10.759 1.00 67.56  ?  20  U   A "C2'"  1 
ATOM   619 O "O2'"  . U   A 1 20 ? -2.418  -6.894  -10.441 1.00 72.14  ?  20  U   A "O2'"  1 
ATOM   620 C "C1'"  . U   A 1 20 ? -1.334  -8.154  -12.216 1.00 66.31  ?  20  U   A "C1'"  1 
ATOM   621 N N1     . U   A 1 20 ? -2.346  -9.169  -12.550 1.00 64.68  ?  20  U   A N1     1 
ATOM   622 C C2     . U   A 1 20 ? -2.070  -10.498 -12.289 1.00 70.32  ?  20  U   A C2     1 
ATOM   623 O O2     . U   A 1 20 ? -1.017  -10.874 -11.803 1.00 70.08  ?  20  U   A O2     1 
ATOM   624 N N3     . U   A 1 20 ? -3.070  -11.373 -12.630 1.00 68.79  ?  20  U   A N3     1 
ATOM   625 C C4     . U   A 1 20 ? -4.294  -11.067 -13.188 1.00 68.64  ?  20  U   A C4     1 
ATOM   626 O O4     . U   A 1 20 ? -5.089  -11.973 -13.440 1.00 65.19  ?  20  U   A O4     1 
ATOM   627 C C5     . U   A 1 20 ? -4.507  -9.671  -13.424 1.00 66.03  ?  20  U   A C5     1 
ATOM   628 C C6     . U   A 1 20 ? -3.551  -8.792  -13.104 1.00 67.88  ?  20  U   A C6     1 
ATOM   629 H "H5'"  . U   A 1 20 ? 2.455   -9.430  -11.497 1.00 68.79  ?  20  U   A "H5'"  1 
ATOM   630 H "H5''" . U   A 1 20 ? 2.369   -8.403  -10.066 1.00 68.79  ?  20  U   A "H5''" 1 
ATOM   631 H "H4'"  . U   A 1 20 ? 1.564   -7.346  -12.194 1.00 67.73  ?  20  U   A "H4'"  1 
ATOM   632 H "H3'"  . U   A 1 20 ? 0.417   -6.963  -9.683  1.00 67.13  ?  20  U   A "H3'"  1 
ATOM   633 H "H2'"  . U   A 1 20 ? -1.294  -8.600  -10.110 1.00 68.06  ?  20  U   A "H2'"  1 
ATOM   634 H "HO2'" . U   A 1 20 ? -2.999  -7.533  -9.972  0.00 30.00  ?  20  U   A "HO2'" 1 
ATOM   635 H "H1'"  . U   A 1 20 ? -1.476  -7.271  -12.856 1.00 66.34  ?  20  U   A "H1'"  1 
ATOM   636 H H3     . U   A 1 20 ? -2.886  -12.380 -12.448 1.00 68.92  ?  20  U   A H3     1 
ATOM   637 H H5     . U   A 1 20 ? -5.436  -9.329  -13.862 1.00 67.11  ?  20  U   A H5     1 
ATOM   638 H H6     . U   A 1 20 ? -3.734  -7.747  -13.297 1.00 66.80  ?  20  U   A H6     1 
ATOM   639 P P      . G   A 1 21 ? 1.014   -4.608  -11.192 1.00 68.51  ?  21  G   A P      1 
ATOM   640 O OP1    . G   A 1 21 ? 1.662   -4.392  -12.544 1.00 72.11  ?  21  G   A OP1    1 
ATOM   641 O OP2    . G   A 1 21 ? 1.963   -4.968  -10.061 1.00 75.63  -1 21  G   A OP2    1 
ATOM   642 O "O5'"  . G   A 1 21 ? 0.182   -3.275  -10.816 1.00 72.26  ?  21  G   A "O5'"  1 
ATOM   643 C "C5'"  . G   A 1 21 ? -0.012  -2.935  -9.423  1.00 66.85  ?  21  G   A "C5'"  1 
ATOM   644 C "C4'"  . G   A 1 21 ? -1.209  -3.682  -8.891  1.00 64.48  ?  21  G   A "C4'"  1 
ATOM   645 O "O4'"  . G   A 1 21 ? -0.897  -4.229  -7.591  1.00 62.12  ?  21  G   A "O4'"  1 
ATOM   646 C "C3'"  . G   A 1 21 ? -2.473  -2.851  -8.658  1.00 64.37  ?  21  G   A "C3'"  1 
ATOM   647 O "O3'"  . G   A 1 21 ? -3.230  -2.791  -9.862  1.00 64.88  ?  21  G   A "O3'"  1 
ATOM   648 C "C2'"  . G   A 1 21 ? -3.196  -3.618  -7.545  1.00 60.56  ?  21  G   A "C2'"  1 
ATOM   649 O "O2'"  . G   A 1 21 ? -4.155  -4.524  -8.044  1.00 62.10  ?  21  G   A "O2'"  1 
ATOM   650 C "C1'"  . G   A 1 21 ? -2.077  -4.382  -6.839  1.00 62.09  ?  21  G   A "C1'"  1 
ATOM   651 N N9     . G   A 1 21 ? -1.812  -3.908  -5.486  1.00 56.36  ?  21  G   A N9     1 
ATOM   652 C C8     . G   A 1 21 ? -1.900  -4.643  -4.330  1.00 59.50  ?  21  G   A C8     1 
ATOM   653 N N7     . G   A 1 21 ? -1.583  -3.962  -3.257  1.00 56.93  ?  21  G   A N7     1 
ATOM   654 C C5     . G   A 1 21 ? -1.273  -2.699  -3.741  1.00 56.52  ?  21  G   A C5     1 
ATOM   655 C C6     . G   A 1 21 ? -0.873  -1.537  -3.044  1.00 56.49  ?  21  G   A C6     1 
ATOM   656 O O6     . G   A 1 21 ? -0.709  -1.394  -1.828  1.00 60.26  ?  21  G   A O6     1 
ATOM   657 N N1     . G   A 1 21 ? -0.652  -0.468  -3.910  1.00 54.29  ?  21  G   A N1     1 
ATOM   658 C C2     . G   A 1 21 ? -0.808  -0.502  -5.273  1.00 54.73  ?  21  G   A C2     1 
ATOM   659 N N2     . G   A 1 21 ? -0.553  0.642   -5.923  1.00 53.59  ?  21  G   A N2     1 
ATOM   660 N N3     . G   A 1 21 ? -1.180  -1.594  -5.942  1.00 55.07  ?  21  G   A N3     1 
ATOM   661 C C4     . G   A 1 21 ? -1.407  -2.647  -5.112  1.00 58.54  ?  21  G   A C4     1 
ATOM   662 H "H5'"  . G   A 1 21 ? -0.162  -1.961  -9.335  1.00 67.45  ?  21  G   A "H5'"  1 
ATOM   663 H "H5''" . G   A 1 21 ? 0.790   -3.173  -8.904  1.00 67.44  ?  21  G   A "H5''" 1 
ATOM   664 H "H4'"  . G   A 1 21 ? -1.409  -4.419  -9.502  1.00 64.45  ?  21  G   A "H4'"  1 
ATOM   665 H "H3'"  . G   A 1 21 ? -2.237  -1.938  -8.353  1.00 63.75  ?  21  G   A "H3'"  1 
ATOM   666 H "H2'"  . G   A 1 21 ? -3.630  -2.982  -6.916  1.00 61.82  ?  21  G   A "H2'"  1 
ATOM   667 H "HO2'" . G   A 1 21 ? -4.464  -4.815  -7.221  0.00 30.00  ?  21  G   A "HO2'" 1 
ATOM   668 H "H1'"  . G   A 1 21 ? -2.320  -5.335  -6.803  1.00 60.65  ?  21  G   A "H1'"  1 
ATOM   669 H H8     . G   A 1 21 ? -2.153  -5.551  -4.312  1.00 57.98  ?  21  G   A H8     1 
ATOM   670 H H1     . G   A 1 21 ? -0.397  0.308   -3.557  1.00 55.18  ?  21  G   A H1     1 
ATOM   671 H H21    . G   A 1 21 ? 0.032   1.208   -5.598  1.00 53.91  ?  21  G   A H21    1 
ATOM   672 H H22    . G   A 1 21 ? -0.973  0.820   -6.671  1.00 53.91  ?  21  G   A H22    1 
ATOM   673 P P      . U   A 1 22 ? -4.121  -1.497  -10.198 1.00 69.86  ?  22  U   A P      1 
ATOM   674 O OP1    . U   A 1 22 ? -4.933  -1.803  -11.403 1.00 64.09  ?  22  U   A OP1    1 
ATOM   675 O OP2    . U   A 1 22 ? -3.236  -0.306  -10.201 1.00 60.83  -1 22  U   A OP2    1 
ATOM   676 O "O5'"  . U   A 1 22 ? -5.079  -1.378  -8.933  1.00 66.74  ?  22  U   A "O5'"  1 
ATOM   677 C "C5'"  . U   A 1 22 ? -6.189  -2.275  -8.735  1.00 70.00  ?  22  U   A "C5'"  1 
ATOM   678 C "C4'"  . U   A 1 22 ? -7.407  -1.512  -8.284  1.00 69.30  ?  22  U   A "C4'"  1 
ATOM   679 O "O4'"  . U   A 1 22 ? -7.377  -1.332  -6.855  1.00 70.20  ?  22  U   A "O4'"  1 
ATOM   680 C "C3'"  . U   A 1 22 ? -7.542  -0.085  -8.789  1.00 73.51  ?  22  U   A "C3'"  1 
ATOM   681 O "O3'"  . U   A 1 22 ? -7.994  -0.074  -10.141 1.00 77.85  ?  22  U   A "O3'"  1 
ATOM   682 C "C2'"  . U   A 1 22 ? -8.531  0.526   -7.796  1.00 71.33  ?  22  U   A "C2'"  1 
ATOM   683 O "O2'"  . U   A 1 22 ? -9.888  0.394   -8.173  1.00 78.79  ?  22  U   A "O2'"  1 
ATOM   684 C "C1'"  . U   A 1 22 ? -8.261  -0.283  -6.518  1.00 68.25  ?  22  U   A "C1'"  1 
ATOM   685 N N1     . U   A 1 22 ? -7.711  0.461   -5.372  1.00 63.49  ?  22  U   A N1     1 
ATOM   686 C C2     . U   A 1 22 ? -7.706  -0.181  -4.148  1.00 60.49  ?  22  U   A C2     1 
ATOM   687 O O2     . U   A 1 22 ? -8.099  -1.325  -3.996  1.00 58.65  ?  22  U   A O2     1 
ATOM   688 N N3     . U   A 1 22 ? -7.213  0.564   -3.106  1.00 60.97  ?  22  U   A N3     1 
ATOM   689 C C4     . U   A 1 22 ? -6.755  1.864   -3.155  1.00 61.17  ?  22  U   A C4     1 
ATOM   690 O O4     . U   A 1 22 ? -6.351  2.404   -2.123  1.00 60.85  ?  22  U   A O4     1 
ATOM   691 C C5     . U   A 1 22 ? -6.801  2.464   -4.451  1.00 62.70  ?  22  U   A C5     1 
ATOM   692 C C6     . U   A 1 22 ? -7.277  1.765   -5.489  1.00 64.46  ?  22  U   A C6     1 
ATOM   693 H "H5'"  . U   A 1 22 ? -5.942  -3.014  -7.972  1.00 69.02  ?  22  U   A "H5'"  1 
ATOM   694 H "H5''" . U   A 1 22 ? -6.432  -2.804  -9.656  1.00 69.04  ?  22  U   A "H5''" 1 
ATOM   695 H "H4'"  . U   A 1 22 ? -8.307  -2.075  -8.571  1.00 70.39  ?  22  U   A "H4'"  1 
ATOM   696 H "H3'"  . U   A 1 22 ? -6.578  0.426   -8.680  1.00 73.06  ?  22  U   A "H3'"  1 
ATOM   697 H "H2'"  . U   A 1 22 ? -8.297  1.589   -7.675  1.00 72.42  ?  22  U   A "H2'"  1 
ATOM   698 H "HO2'" . U   A 1 22 ? -10.015 1.409   -7.262  0.00 30.00  ?  22  U   A "HO2'" 1 
ATOM   699 H "H1'"  . U   A 1 22 ? -9.220  -0.726  -6.213  1.00 68.22  ?  22  U   A "H1'"  1 
ATOM   700 H H3     . U   A 1 22 ? -7.203  0.093   -2.182  1.00 61.08  ?  22  U   A H3     1 
ATOM   701 H H5     . U   A 1 22 ? -6.460  3.480   -4.596  1.00 62.68  ?  22  U   A H5     1 
ATOM   702 H H6     . U   A 1 22 ? -7.288  2.264   -6.445  1.00 63.69  ?  22  U   A H6     1 
ATOM   703 P P      . G   A 1 23 ? -8.379  1.307   -10.860 1.00 80.40  ?  23  G   A P      1 
ATOM   704 O OP1    . G   A 1 23 ? -9.825  1.642   -10.548 1.00 76.00  ?  23  G   A OP1    1 
ATOM   705 O OP2    . G   A 1 23 ? -8.037  1.209   -12.336 1.00 74.29  -1 23  G   A OP2    1 
ATOM   706 O "O5'"  . G   A 1 23 ? -7.425  2.404   -10.155 1.00 77.43  ?  23  G   A "O5'"  1 
ATOM   707 C "C5'"  . G   A 1 23 ? -6.013  2.416   -10.478 1.00 76.22  ?  23  G   A "C5'"  1 
ATOM   708 C "C4'"  . G   A 1 23 ? -5.369  3.641   -9.877  1.00 72.18  ?  23  G   A "C4'"  1 
ATOM   709 O "O4'"  . G   A 1 23 ? -5.380  3.532   -8.429  1.00 69.37  ?  23  G   A "O4'"  1 
ATOM   710 C "C3'"  . G   A 1 23 ? -3.899  3.861   -10.255 1.00 70.65  ?  23  G   A "C3'"  1 
ATOM   711 O "O3'"  . G   A 1 23 ? -3.603  5.247   -10.377 1.00 74.63  ?  23  G   A "O3'"  1 
ATOM   712 C "C2'"  . G   A 1 23 ? -3.161  3.211   -9.081  1.00 69.64  ?  23  G   A "C2'"  1 
ATOM   713 O "O2'"  . G   A 1 23 ? -1.851  3.705   -8.918  1.00 65.49  ?  23  G   A "O2'"  1 
ATOM   714 C "C1'"  . G   A 1 23 ? -4.066  3.631   -7.931  1.00 67.63  ?  23  G   A "C1'"  1 
ATOM   715 N N9     . G   A 1 23 ? -3.965  2.797   -6.739  1.00 62.70  ?  23  G   A N9     1 
ATOM   716 C C8     . G   A 1 23 ? -4.193  1.445   -6.650  1.00 61.23  ?  23  G   A C8     1 
ATOM   717 N N7     . G   A 1 23 ? -4.056  0.974   -5.434  1.00 56.69  ?  23  G   A N7     1 
ATOM   718 C C5     . G   A 1 23 ? -3.717  2.087   -4.677  1.00 59.46  ?  23  G   A C5     1 
ATOM   719 C C6     . G   A 1 23 ? -3.455  2.201   -3.290  1.00 57.24  ?  23  G   A C6     1 
ATOM   720 O O6     . G   A 1 23 ? -3.453  1.309   -2.431  1.00 59.66  ?  23  G   A O6     1 
ATOM   721 N N1     . G   A 1 23 ? -3.159  3.514   -2.925  1.00 59.62  ?  23  G   A N1     1 
ATOM   722 C C2     . G   A 1 23 ? -3.124  4.584   -3.782  1.00 56.70  ?  23  G   A C2     1 
ATOM   723 N N2     . G   A 1 23 ? -2.801  5.764   -3.238  1.00 55.36  ?  23  G   A N2     1 
ATOM   724 N N3     . G   A 1 23 ? -3.364  4.486   -5.091  1.00 59.60  ?  23  G   A N3     1 
ATOM   725 C C4     . G   A 1 23 ? -3.667  3.217   -5.464  1.00 59.52  ?  23  G   A C4     1 
ATOM   726 H "H5'"  . G   A 1 23 ? -5.893  2.428   -11.460 1.00 75.50  ?  23  G   A "H5'"  1 
ATOM   727 H "H5''" . G   A 1 23 ? -5.578  1.604   -10.121 1.00 75.49  ?  23  G   A "H5''" 1 
ATOM   728 H "H4'"  . G   A 1 23 ? -5.895  4.426   -10.141 1.00 72.09  ?  23  G   A "H4'"  1 
ATOM   729 H "H3'"  . G   A 1 23 ? -3.687  3.389   -11.102 1.00 71.50  ?  23  G   A "H3'"  1 
ATOM   730 H "HO3'" . G   A 1 23 ? -2.900  5.374   -10.857 0.00 30.00  ?  23  G   A "HO3'" 1 
ATOM   731 H "H2'"  . G   A 1 23 ? -3.152  2.222   -9.179  1.00 68.62  ?  23  G   A "H2'"  1 
ATOM   732 H "HO2'" . G   A 1 23 ? -1.475  3.678   -8.401  0.00 30.00  ?  23  G   A "HO2'" 1 
ATOM   733 H "H1'"  . G   A 1 23 ? -3.870  4.566   -7.696  1.00 67.32  ?  23  G   A "H1'"  1 
ATOM   734 H H8     . G   A 1 23 ? -4.428  0.912   -7.390  1.00 60.34  ?  23  G   A H8     1 
ATOM   735 H H1     . G   A 1 23 ? -2.965  3.673   -2.070  1.00 58.52  ?  23  G   A H1     1 
ATOM   736 H H21    . G   A 1 23 ? -2.150  5.812   -2.654  1.00 55.78  ?  23  G   A H21    1 
ATOM   737 H H22    . G   A 1 23 ? -3.243  6.486   -3.469  1.00 55.77  ?  23  G   A H22    1 
HETATM 738 C C1     A MMP B 2 .  ? 5.802   -1.843  -1.769  0.75 57.75  ?  101 MMP A C1     1 
HETATM 739 N N1     A MMP B 2 .  ? 5.718   -3.004  -2.644  0.75 52.69  ?  101 MMP A N1     1 
HETATM 740 C C11    A MMP B 2 .  ? 5.662   -4.339  -2.219  0.75 49.71  ?  101 MMP A C11    1 
HETATM 741 C C12    A MMP B 2 .  ? 5.560   -5.158  -3.386  0.75 49.37  ?  101 MMP A C12    1 
HETATM 742 C C13    A MMP B 2 .  ? 5.578   -4.337  -4.497  0.75 51.89  ?  101 MMP A C13    1 
HETATM 743 C C14    A MMP B 2 .  ? 5.678   -2.983  -4.049  0.75 51.55  ?  101 MMP A C14    1 
HETATM 744 C C15    A MMP B 2 .  ? 5.727   -1.810  -4.818  0.75 49.61  ?  101 MMP A C15    1 
HETATM 745 C C16    A MMP B 2 .  ? 5.468   -6.650  -3.404  0.75 51.27  ?  101 MMP A C16    1 
HETATM 746 C C17    A MMP B 2 .  ? 5.481   -4.752  -5.941  0.75 52.49  ?  101 MMP A C17    1 
HETATM 747 C C18    A MMP B 2 .  ? 6.819   -4.814  -6.655  0.75 54.59  ?  101 MMP A C18    1 
HETATM 748 N N2     A MMP B 2 .  ? 6.306   -0.049  -3.197  0.75 51.72  ?  101 MMP A N2     1 
HETATM 749 C C21    A MMP B 2 .  ? 6.251   -0.551  -4.467  0.75 49.31  ?  101 MMP A C21    1 
HETATM 750 C C22    A MMP B 2 .  ? 6.785   0.436   -5.394  0.75 48.87  ?  101 MMP A C22    1 
HETATM 751 C C23    A MMP B 2 .  ? 7.207   1.495   -4.649  0.75 49.89  ?  101 MMP A C23    1 
HETATM 752 C C24    A MMP B 2 .  ? 7.113   1.049   -3.262  0.75 51.80  ?  101 MMP A C24    1 
HETATM 753 C C25    A MMP B 2 .  ? 7.760   1.614   -2.141  0.75 54.92  ?  101 MMP A C25    1 
HETATM 754 C C26    A MMP B 2 .  ? 6.843   0.308   -6.888  0.75 51.86  ?  101 MMP A C26    1 
HETATM 755 C C27    A MMP B 2 .  ? 7.684   2.826   -5.175  0.75 50.23  ?  101 MMP A C27    1 
HETATM 756 C C28    A MMP B 2 .  ? 8.150   3.815   -4.113  0.75 49.44  ?  101 MMP A C28    1 
HETATM 757 N N3     A MMP B 2 .  ? 7.424   0.025   -0.284  0.75 54.49  ?  101 MMP A N3     1 
HETATM 758 C C31    A MMP B 2 .  ? 7.632   1.293   -0.781  0.75 54.60  ?  101 MMP A C31    1 
HETATM 759 C C32    A MMP B 2 .  ? 7.727   2.155   0.361   0.75 54.36  ?  101 MMP A C32    1 
HETATM 760 C C33    A MMP B 2 .  ? 7.553   1.397   1.499   0.75 55.03  ?  101 MMP A C33    1 
HETATM 761 C C34    A MMP B 2 .  ? 7.351   0.035   1.091   0.75 53.07  ?  101 MMP A C34    1 
HETATM 762 C C35    A MMP B 2 .  ? 7.123   -1.086  1.897   0.75 52.02  ?  101 MMP A C35    1 
HETATM 763 C C36    A MMP B 2 .  ? 7.982   3.627   0.291   0.75 54.84  ?  101 MMP A C36    1 
HETATM 764 C C37    A MMP B 2 .  ? 7.565   1.877   2.923   0.75 59.74  ?  101 MMP A C37    1 
HETATM 765 C C38    A MMP B 2 .  ? 8.699   1.301   3.768   0.75 59.01  ?  101 MMP A C38    1 
HETATM 766 C C39    A MMP B 2 .  ? 8.336   1.132   5.237   0.75 64.59  ?  101 MMP A C39    1 
HETATM 767 O O31    A MMP B 2 .  ? 8.506   2.106   6.000   0.75 66.99  ?  101 MMP A O31    1 
HETATM 768 O O32    A MMP B 2 .  ? 7.876   0.027   5.616   0.75 66.93  ?  101 MMP A O32    1 
HETATM 769 N N4     A MMP B 2 .  ? 6.891   -2.876  0.228   0.75 51.34  ?  101 MMP A N4     1 
HETATM 770 C C41    A MMP B 2 .  ? 6.850   -2.412  1.515   0.75 52.54  ?  101 MMP A C41    1 
HETATM 771 C C42    A MMP B 2 .  ? 6.513   -3.502  2.423   0.75 55.17  ?  101 MMP A C42    1 
HETATM 772 C C43    A MMP B 2 .  ? 6.180   -4.556  1.630   0.75 52.38  ?  101 MMP A C43    1 
HETATM 773 C C44    A MMP B 2 .  ? 6.233   -4.077  0.254   0.75 50.38  ?  101 MMP A C44    1 
HETATM 774 C C45    A MMP B 2 .  ? 5.688   -4.736  -0.870  0.75 47.61  ?  101 MMP A C45    1 
HETATM 775 C C46    A MMP B 2 .  ? 5.848   -5.951  2.089   0.75 49.63  ?  101 MMP A C46    1 
HETATM 776 C C47    A MMP B 2 .  ? 6.550   -3.450  3.924   0.75 56.62  ?  101 MMP A C47    1 
HETATM 777 C C48    A MMP B 2 .  ? 7.672   -4.275  4.565   0.75 60.67  ?  101 MMP A C48    1 
HETATM 778 C C49    A MMP B 2 .  ? 7.304   -4.888  5.909   0.75 61.31  ?  101 MMP A C49    1 
HETATM 779 O O41    A MMP B 2 .  ? 7.324   -4.156  6.918   0.75 65.55  ?  101 MMP A O41    1 
HETATM 780 O O42    A MMP B 2 .  ? 6.990   -6.095  5.944   0.75 61.90  ?  101 MMP A O42    1 
HETATM 781 H H11    . MMP B 2 .  ? 5.332   -1.102  -2.169  0.75 56.06  ?  101 MMP A H11    1 
HETATM 782 H H12    . MMP B 2 .  ? 6.733   -1.618  -1.646  0.75 56.06  ?  101 MMP A H12    1 
HETATM 783 H H13    . MMP B 2 .  ? 5.395   -2.048  -0.918  0.75 56.05  ?  101 MMP A H13    1 
HETATM 784 H H15    . MMP B 2 .  ? 5.360   -1.879  -5.684  0.75 50.03  ?  101 MMP A H15    1 
HETATM 785 H H161   . MMP B 2 .  ? 5.557   -6.978  -4.314  0.75 50.68  ?  101 MMP A H161   1 
HETATM 786 H H162   . MMP B 2 .  ? 4.606   -6.928  -3.049  0.75 50.67  ?  101 MMP A H162   1 
HETATM 787 H H163   . MMP B 2 .  ? 6.174   -7.029  -2.857  0.75 50.67  ?  101 MMP A H163   1 
HETATM 788 H H171   . MMP B 2 .  ? 4.901   -4.114  -6.416  0.75 52.82  ?  101 MMP A H171   1 
HETATM 789 H H172   . MMP B 2 .  ? 5.053   -5.637  -5.993  0.75 52.82  ?  101 MMP A H172   1 
HETATM 790 H H181   . MMP B 2 .  ? 6.683   -5.106  -7.573  0.75 53.90  ?  101 MMP A H181   1 
HETATM 791 H H182   . MMP B 2 .  ? 7.402   -5.445  -6.198  0.75 53.90  ?  101 MMP A H182   1 
HETATM 792 H H183   . MMP B 2 .  ? 7.229   -3.933  -6.653  0.75 53.90  ?  101 MMP A H183   1 
HETATM 793 H H25    . MMP B 2 .  ? 8.400   2.279   -2.328  0.75 54.04  ?  101 MMP A H25    1 
HETATM 794 H H261   . MMP B 2 .  ? 7.244   1.106   -7.269  0.75 50.95  ?  101 MMP A H261   1 
HETATM 795 H H262   . MMP B 2 .  ? 5.944   0.200   -7.239  0.75 50.95  ?  101 MMP A H262   1 
HETATM 796 H H263   . MMP B 2 .  ? 7.378   -0.467  -7.127  0.75 50.95  ?  101 MMP A H263   1 
HETATM 797 H H271   . MMP B 2 .  ? 6.950   3.240   -5.687  0.75 49.99  ?  101 MMP A H271   1 
HETATM 798 H H272   . MMP B 2 .  ? 8.428   2.667   -5.805  0.75 49.99  ?  101 MMP A H272   1 
HETATM 799 H H281   . MMP B 2 .  ? 8.285   4.688   -4.525  0.75 49.75  ?  101 MMP A H281   1 
HETATM 800 H H282   . MMP B 2 .  ? 8.991   3.509   -3.727  0.75 49.76  ?  101 MMP A H282   1 
HETATM 801 H H283   . MMP B 2 .  ? 7.474   3.890   -3.415  0.75 49.76  ?  101 MMP A H283   1 
HETATM 802 H HN3    . MMP B 2 .  ? 7.327   -0.725  -0.802  0.75 54.30  ?  101 MMP A HN3    1 
HETATM 803 H H35    . MMP B 2 .  ? 7.156   -0.924  2.825   0.75 52.49  ?  101 MMP A H35    1 
HETATM 804 H H361   . MMP B 2 .  ? 7.743   4.044   1.134   0.75 54.71  ?  101 MMP A H361   1 
HETATM 805 H H362   . MMP B 2 .  ? 7.446   4.018   -0.420  0.75 54.69  ?  101 MMP A H362   1 
HETATM 806 H H363   . MMP B 2 .  ? 8.921   3.789   0.108   0.75 54.69  ?  101 MMP A H363   1 
HETATM 807 H H371   . MMP B 2 .  ? 6.716   1.637   3.342   0.75 58.45  ?  101 MMP A H371   1 
HETATM 808 H H372   . MMP B 2 .  ? 7.628   2.854   2.933   0.75 58.43  ?  101 MMP A H372   1 
HETATM 809 H H381   . MMP B 2 .  ? 9.484   1.892   3.709   0.75 60.49  ?  101 MMP A H381   1 
HETATM 810 H H382   . MMP B 2 .  ? 8.967   0.426   3.411   0.75 60.45  ?  101 MMP A H382   1 
HETATM 811 H H45    . MMP B 2 .  ? 5.278   -5.569  -0.698  0.75 48.77  ?  101 MMP A H45    1 
HETATM 812 H H461   . MMP B 2 .  ? 5.224   -6.358  1.467   0.75 50.41  ?  101 MMP A H461   1 
HETATM 813 H H462   . MMP B 2 .  ? 5.446   -5.913  2.972   0.75 50.45  ?  101 MMP A H462   1 
HETATM 814 H H463   . MMP B 2 .  ? 6.660   -6.483  2.127   0.75 50.42  ?  101 MMP A H463   1 
HETATM 815 H H471   . MMP B 2 .  ? 5.690   -3.775  4.268   0.75 57.16  ?  101 MMP A H471   1 
HETATM 816 H H472   . MMP B 2 .  ? 6.648   -2.514  4.207   0.75 57.12  ?  101 MMP A H472   1 
HETATM 817 H H481   . MMP B 2 .  ? 8.456   -3.702  4.691   0.75 59.76  ?  101 MMP A H481   1 
HETATM 818 H H482   . MMP B 2 .  ? 7.925   -4.997  3.954   0.75 59.75  ?  101 MMP A H482   1 
HETATM 819 K K      . K   C 3 .  ? 1.588   -0.140  -0.771  1.00 54.93  ?  102 K   A K      1 
HETATM 820 K K      . K   D 3 .  ? -1.526  0.631   -0.387  1.00 67.73  ?  103 K   A K      1 
HETATM 821 K K      . K   E 3 .  ? -4.867  1.466   0.070   1.00 60.39  ?  104 K   A K      1 
HETATM 822 K K      . K   F 3 .  ? 0.250   11.919  -6.530  1.00 85.96  ?  105 K   A K      1 
HETATM 823 K K      . K   G 3 .  ? -4.316  -5.060  -11.479 1.00 75.35  ?  106 K   A K      1 
HETATM 824 K K      . K   H 3 .  ? -3.893  -9.391  7.013   1.00 92.59  ?  107 K   A K      1 
# 
